data_6RTL
#
_entry.id   6RTL
#
_cell.length_a   1.00
_cell.length_b   1.00
_cell.length_c   1.00
_cell.angle_alpha   90.00
_cell.angle_beta   90.00
_cell.angle_gamma   90.00
#
_symmetry.space_group_name_H-M   'P 1'
#
_entity_poly.entity_id   1
_entity_poly.type   'polypeptide(L)'
_entity_poly.pdbx_seq_one_letter_code
;AYTKISDVIVPELFNPYVINTTTQLSAFFQSGIAATDDELNALAKKAGGGSTLNMPYWNDLDGDSQVLNDTDDLVPQKIN
AGQDKAVLILRGNAWSSHDLAATLSGSDPMQAIGSRVAAYWAREMQKIVFAELAGVFSNDDMKDNKLDISGTADGIYSAE
TFVDASYKLGDHESLLTAIGMHSATMASAVKQDLIEFVKDSQSGIRFPTYMNKRVIVDDSMPVETLEDGTKVFTSYLFGA
GALGYAEGQPEVPTETARNALGSQDILINRKHFVLHPRGVKFTENAMAGTTPTDEELANGANWQRVYDPKKIRIVQFKHR
LQA
;
_entity_poly.pdbx_strand_id   A,B,C,D,E,F,G
#
# COMPACT_ATOMS: atom_id res chain seq x y z
N ALA A 1 19.34 -57.52 55.89
CA ALA A 1 18.71 -58.39 54.91
C ALA A 1 19.12 -57.95 53.53
N TYR A 2 18.93 -56.67 53.28
CA TYR A 2 19.31 -56.08 52.03
C TYR A 2 20.50 -55.18 52.27
N THR A 3 21.36 -55.05 51.26
CA THR A 3 22.41 -54.04 51.37
C THR A 3 21.82 -52.65 51.57
N LYS A 4 20.55 -52.46 51.20
CA LYS A 4 19.72 -51.42 51.78
C LYS A 4 20.28 -50.02 51.57
N ILE A 5 19.98 -49.44 50.41
CA ILE A 5 20.58 -48.21 49.90
C ILE A 5 20.66 -47.14 50.97
N SER A 6 19.85 -47.27 52.01
CA SER A 6 19.89 -46.32 53.11
C SER A 6 21.26 -46.24 53.79
N ASP A 7 22.23 -47.08 53.43
CA ASP A 7 23.51 -47.08 54.11
C ASP A 7 24.67 -46.58 53.24
N VAL A 8 25.00 -47.25 52.14
CA VAL A 8 26.22 -46.92 51.41
C VAL A 8 26.28 -45.43 51.11
N ILE A 9 27.47 -44.85 51.25
CA ILE A 9 27.65 -43.42 51.03
C ILE A 9 27.44 -43.08 49.56
N VAL A 10 26.75 -41.99 49.30
CA VAL A 10 26.40 -41.54 47.95
C VAL A 10 27.17 -40.27 47.62
N PRO A 11 27.96 -40.25 46.57
CA PRO A 11 28.71 -39.04 46.22
C PRO A 11 27.83 -37.94 45.67
N GLU A 12 28.46 -36.88 45.17
CA GLU A 12 27.79 -35.82 44.44
C GLU A 12 28.62 -35.53 43.19
N LEU A 13 28.27 -34.48 42.46
CA LEU A 13 29.01 -34.18 41.23
C LEU A 13 29.18 -32.69 41.04
N PHE A 14 30.08 -32.35 40.13
CA PHE A 14 30.25 -30.99 39.64
C PHE A 14 30.80 -31.03 38.24
N ASN A 15 30.69 -29.92 37.53
CA ASN A 15 31.12 -29.76 36.15
C ASN A 15 31.67 -28.37 35.96
N PRO A 16 32.54 -28.17 34.97
CA PRO A 16 33.25 -26.89 34.87
C PRO A 16 32.29 -25.73 34.68
N TYR A 17 32.72 -24.55 35.11
CA TYR A 17 31.86 -23.38 34.98
C TYR A 17 31.65 -23.01 33.51
N VAL A 18 30.59 -22.25 33.27
CA VAL A 18 30.30 -21.68 31.96
C VAL A 18 29.95 -20.21 32.17
N ILE A 19 30.21 -19.38 31.17
CA ILE A 19 30.03 -17.94 31.29
C ILE A 19 28.62 -17.60 30.87
N ASN A 20 27.80 -17.18 31.83
CA ASN A 20 26.50 -16.60 31.52
C ASN A 20 26.69 -15.20 30.96
N THR A 21 25.67 -14.71 30.26
CA THR A 21 25.69 -13.34 29.75
C THR A 21 24.37 -12.65 30.08
N THR A 22 24.44 -11.62 30.90
CA THR A 22 23.31 -10.71 31.04
C THR A 22 23.10 -10.00 29.72
N THR A 23 21.85 -9.92 29.28
CA THR A 23 21.58 -9.40 27.95
C THR A 23 20.42 -8.42 27.98
N GLN A 24 20.72 -7.19 27.59
CA GLN A 24 19.84 -6.45 26.70
C GLN A 24 20.69 -6.15 25.47
N LEU A 25 20.32 -6.75 24.35
CA LEU A 25 21.01 -6.46 23.11
C LEU A 25 20.97 -4.97 22.87
N SER A 26 22.13 -4.37 22.71
CA SER A 26 22.22 -2.93 22.56
C SER A 26 22.69 -2.62 21.15
N ALA A 27 21.79 -2.04 20.36
CA ALA A 27 22.22 -1.53 19.08
C ALA A 27 21.94 -0.05 19.01
N PHE A 28 20.68 0.28 18.75
CA PHE A 28 20.25 1.65 18.48
C PHE A 28 21.20 2.31 17.49
N PHE A 29 21.84 1.50 16.65
CA PHE A 29 22.83 1.91 15.66
C PHE A 29 22.41 1.33 14.32
N GLN A 30 22.77 1.95 13.21
CA GLN A 30 23.45 3.23 13.17
C GLN A 30 22.42 4.32 13.35
N SER A 31 22.89 5.46 13.85
CA SER A 31 22.04 6.61 14.13
C SER A 31 22.97 7.76 14.46
N GLY A 32 22.38 8.88 14.80
CA GLY A 32 23.11 9.81 15.62
C GLY A 32 23.24 8.92 16.81
N ILE A 33 24.47 8.65 17.24
CA ILE A 33 25.64 9.32 16.72
C ILE A 33 26.44 8.29 15.89
N ALA A 34 26.96 8.70 14.74
CA ALA A 34 27.71 7.78 13.89
C ALA A 34 28.63 8.61 13.00
N ALA A 35 29.16 7.97 11.95
CA ALA A 35 29.74 8.72 10.83
C ALA A 35 30.95 9.57 11.20
N THR A 36 32.10 8.93 11.36
CA THR A 36 33.34 9.65 11.54
C THR A 36 33.52 10.73 10.47
N ASP A 37 33.97 11.91 10.89
CA ASP A 37 34.28 13.00 9.97
C ASP A 37 35.64 13.59 10.36
N ASP A 38 36.05 14.65 9.65
CA ASP A 38 37.47 14.99 9.64
C ASP A 38 37.95 15.67 10.91
N GLU A 39 37.58 16.94 11.11
CA GLU A 39 38.12 17.69 12.25
C GLU A 39 37.91 16.95 13.55
N LEU A 40 36.92 16.06 13.60
CA LEU A 40 36.82 15.16 14.73
C LEU A 40 38.02 14.22 14.76
N ASN A 41 38.48 13.75 13.59
CA ASN A 41 39.79 13.10 13.55
C ASN A 41 40.95 14.08 13.67
N ALA A 42 40.69 15.39 13.68
CA ALA A 42 41.73 16.31 14.11
C ALA A 42 41.82 16.38 15.62
N LEU A 43 40.67 16.30 16.30
CA LEU A 43 40.64 16.06 17.73
C LEU A 43 41.13 14.68 18.10
N ALA A 44 41.26 13.78 17.13
CA ALA A 44 41.62 12.41 17.46
C ALA A 44 43.05 12.43 17.96
N LYS A 45 43.99 12.76 17.09
CA LYS A 45 45.28 13.22 17.58
C LYS A 45 45.10 14.56 18.26
N LYS A 46 46.10 14.96 19.03
CA LYS A 46 46.16 16.34 19.49
C LYS A 46 46.01 17.22 18.25
N ALA A 47 45.25 18.30 18.35
CA ALA A 47 44.80 18.90 19.60
C ALA A 47 43.58 18.23 20.23
N GLY A 48 42.97 18.94 21.17
CA GLY A 48 41.91 18.42 22.01
C GLY A 48 42.25 18.30 23.48
N GLY A 49 43.43 18.71 23.94
CA GLY A 49 43.61 18.93 25.36
C GLY A 49 42.73 20.08 25.83
N GLY A 50 41.89 19.81 26.82
CA GLY A 50 40.79 20.70 27.17
C GLY A 50 41.16 22.12 27.55
N SER A 51 40.20 23.05 27.47
CA SER A 51 38.85 22.77 26.97
C SER A 51 38.42 23.84 25.99
N THR A 52 38.26 23.46 24.72
CA THR A 52 38.01 24.44 23.69
C THR A 52 36.91 24.17 22.68
N LEU A 53 37.08 23.11 21.89
CA LEU A 53 36.95 23.21 20.43
C LEU A 53 35.60 23.51 19.81
N ASN A 54 35.64 23.54 18.48
CA ASN A 54 34.60 24.09 17.64
C ASN A 54 34.41 23.21 16.42
N MET A 55 33.40 23.53 15.60
CA MET A 55 32.94 22.61 14.57
C MET A 55 33.04 23.24 13.19
N PRO A 56 33.30 22.54 12.30
CA PRO A 56 33.41 23.06 10.91
C PRO A 56 32.10 23.16 10.15
N TYR A 57 31.28 24.14 10.52
CA TYR A 57 30.00 24.33 9.86
C TYR A 57 30.18 24.99 8.50
N TRP A 58 29.19 24.83 7.62
CA TRP A 58 29.21 25.55 6.36
C TRP A 58 27.80 25.76 5.82
N ASN A 59 27.62 26.81 5.04
CA ASN A 59 26.39 27.12 4.32
C ASN A 59 26.69 28.37 3.51
N ASP A 60 25.72 28.83 2.70
CA ASP A 60 25.93 29.97 1.81
C ASP A 60 24.85 31.04 1.93
N LEU A 61 23.59 30.68 1.65
CA LEU A 61 22.47 31.59 1.49
C LEU A 61 22.33 32.60 2.62
N ASP A 62 21.97 33.83 2.25
CA ASP A 62 21.50 34.82 3.20
C ASP A 62 20.58 35.83 2.52
N GLY A 63 19.52 36.23 3.21
CA GLY A 63 18.93 37.57 3.09
C GLY A 63 18.70 38.21 1.74
N ASP A 64 18.04 37.52 0.81
CA ASP A 64 18.01 38.02 -0.56
C ASP A 64 16.60 38.28 -1.10
N SER A 65 16.46 39.12 -2.13
CA SER A 65 17.56 39.67 -2.94
C SER A 65 17.53 41.18 -3.13
N GLN A 66 18.39 41.68 -4.03
CA GLN A 66 18.57 43.11 -4.21
C GLN A 66 18.49 43.49 -5.68
N VAL A 67 17.99 44.71 -5.94
CA VAL A 67 17.70 45.19 -7.29
C VAL A 67 18.88 45.97 -7.84
N LEU A 68 19.42 45.52 -8.97
CA LEU A 68 20.56 46.21 -9.55
C LEU A 68 20.11 47.44 -10.31
N ASN A 69 20.61 48.58 -9.88
CA ASN A 69 20.29 49.86 -10.50
C ASN A 69 21.45 50.79 -10.25
N ASP A 70 21.64 51.75 -11.15
CA ASP A 70 22.52 52.83 -10.76
C ASP A 70 21.77 53.71 -9.76
N THR A 71 22.45 54.72 -9.24
CA THR A 71 21.97 55.54 -8.13
C THR A 71 21.85 54.75 -6.82
N ASP A 72 22.56 53.63 -6.68
CA ASP A 72 22.60 52.87 -5.44
C ASP A 72 23.87 52.03 -5.40
N ASP A 73 24.17 51.53 -4.20
CA ASP A 73 25.26 50.61 -3.98
C ASP A 73 24.73 49.38 -3.26
N LEU A 74 25.46 48.27 -3.43
CA LEU A 74 24.87 46.96 -3.17
C LEU A 74 24.85 46.60 -1.68
N VAL A 75 25.97 46.79 -0.99
CA VAL A 75 26.32 46.34 0.38
C VAL A 75 26.40 44.82 0.42
N PRO A 76 27.16 44.26 1.33
CA PRO A 76 27.20 42.81 1.46
C PRO A 76 26.22 42.29 2.49
N GLN A 77 26.21 40.98 2.72
CA GLN A 77 25.43 40.36 3.80
C GLN A 77 26.28 39.31 4.48
N LYS A 78 26.30 39.34 5.82
CA LYS A 78 27.26 38.55 6.57
C LYS A 78 26.95 37.06 6.50
N ILE A 79 27.97 36.26 6.77
CA ILE A 79 27.89 34.81 6.73
C ILE A 79 27.91 34.26 8.13
N ASN A 80 27.03 33.30 8.40
CA ASN A 80 27.08 32.57 9.66
C ASN A 80 28.42 31.84 9.77
N ALA A 81 29.14 32.11 10.86
CA ALA A 81 30.46 31.54 11.08
C ALA A 81 30.35 30.27 11.93
N GLY A 82 31.47 29.80 12.45
CA GLY A 82 31.60 28.47 13.04
C GLY A 82 31.21 28.40 14.50
N GLN A 83 30.29 29.25 14.92
CA GLN A 83 29.90 29.42 16.31
C GLN A 83 29.35 28.16 16.96
N ASP A 84 29.26 27.07 16.20
CA ASP A 84 28.88 25.77 16.76
C ASP A 84 29.97 25.24 17.69
N LYS A 85 29.57 24.82 18.88
CA LYS A 85 30.54 24.48 19.93
C LYS A 85 30.19 23.17 20.62
N ALA A 86 31.22 22.38 20.91
CA ALA A 86 31.09 21.10 21.60
C ALA A 86 32.21 20.97 22.62
N VAL A 87 32.20 19.87 23.37
CA VAL A 87 33.15 19.66 24.46
C VAL A 87 33.57 18.21 24.56
N LEU A 88 34.87 18.01 24.75
CA LEU A 88 35.46 16.70 24.97
C LEU A 88 35.02 16.09 26.29
N ILE A 89 34.77 14.78 26.27
CA ILE A 89 34.47 14.01 27.48
C ILE A 89 35.41 12.81 27.53
N LEU A 90 35.64 12.33 28.75
CA LEU A 90 36.54 11.21 28.97
C LEU A 90 36.14 10.43 30.22
N ARG A 91 36.29 9.10 30.14
CA ARG A 91 35.80 8.21 31.18
C ARG A 91 36.75 7.04 31.35
N GLY A 92 36.41 6.18 32.29
CA GLY A 92 37.14 4.94 32.51
C GLY A 92 36.85 4.39 33.88
N ASN A 93 37.28 3.16 34.09
CA ASN A 93 37.27 2.58 35.42
C ASN A 93 38.23 1.39 35.41
N ALA A 94 38.17 0.60 36.48
CA ALA A 94 39.08 -0.51 36.65
C ALA A 94 38.44 -1.52 37.58
N TRP A 95 38.89 -2.76 37.50
CA TRP A 95 38.42 -3.76 38.45
C TRP A 95 39.46 -4.85 38.66
N SER A 96 39.51 -5.33 39.89
CA SER A 96 40.52 -6.26 40.34
C SER A 96 40.05 -7.69 40.14
N SER A 97 40.73 -8.62 40.77
CA SER A 97 40.27 -9.97 40.98
C SER A 97 40.38 -10.30 42.46
N HIS A 98 40.11 -11.55 42.78
CA HIS A 98 40.60 -12.15 44.02
C HIS A 98 41.93 -12.82 43.67
N ASP A 99 42.50 -13.64 44.55
CA ASP A 99 43.55 -14.52 44.05
C ASP A 99 43.40 -15.97 44.50
N LEU A 100 43.64 -16.19 45.79
CA LEU A 100 43.50 -17.54 46.30
C LEU A 100 42.12 -18.11 45.97
N ALA A 101 41.11 -17.24 45.88
CA ALA A 101 39.83 -17.67 45.35
C ALA A 101 39.96 -18.16 43.92
N ALA A 102 40.80 -17.51 43.12
CA ALA A 102 41.00 -17.99 41.77
C ALA A 102 41.54 -19.41 41.78
N THR A 103 42.65 -19.65 42.47
CA THR A 103 43.19 -21.01 42.40
C THR A 103 42.34 -22.03 43.12
N LEU A 104 41.48 -21.57 44.03
CA LEU A 104 40.65 -22.47 44.81
C LEU A 104 39.32 -22.78 44.14
N SER A 105 38.95 -22.04 43.10
CA SER A 105 37.64 -22.17 42.48
C SER A 105 37.60 -23.13 41.31
N GLY A 106 38.74 -23.58 40.81
CA GLY A 106 38.74 -24.47 39.66
C GLY A 106 38.75 -23.78 38.32
N SER A 107 38.88 -22.46 38.29
CA SER A 107 39.07 -21.71 37.06
C SER A 107 39.66 -20.36 37.42
N ASP A 108 39.79 -19.48 36.44
CA ASP A 108 40.38 -18.17 36.67
C ASP A 108 39.37 -17.09 36.37
N PRO A 109 38.93 -16.31 37.36
CA PRO A 109 38.02 -15.20 37.04
C PRO A 109 38.61 -14.22 36.05
N MET A 110 39.93 -14.03 36.11
CA MET A 110 40.55 -12.98 35.32
C MET A 110 40.29 -13.17 33.83
N GLN A 111 40.33 -14.42 33.35
CA GLN A 111 40.11 -14.65 31.92
C GLN A 111 38.70 -14.28 31.51
N ALA A 112 37.70 -14.84 32.18
CA ALA A 112 36.32 -14.58 31.79
C ALA A 112 36.02 -13.10 31.83
N ILE A 113 36.38 -12.43 32.92
CA ILE A 113 36.14 -10.99 32.97
C ILE A 113 36.86 -10.29 31.82
N GLY A 114 38.10 -10.69 31.55
CA GLY A 114 38.89 -10.01 30.54
C GLY A 114 38.38 -10.22 29.13
N SER A 115 37.73 -11.35 28.87
CA SER A 115 37.14 -11.56 27.57
C SER A 115 35.70 -11.07 27.51
N ARG A 116 35.17 -10.60 28.63
CA ARG A 116 33.90 -9.89 28.58
C ARG A 116 34.08 -8.37 28.57
N VAL A 117 35.32 -7.87 28.66
CA VAL A 117 35.49 -6.42 28.72
C VAL A 117 34.95 -5.70 27.49
N ALA A 118 35.05 -6.29 26.30
CA ALA A 118 34.79 -5.52 25.09
C ALA A 118 33.36 -5.00 25.04
N ALA A 119 32.38 -5.89 25.13
CA ALA A 119 30.99 -5.51 25.02
C ALA A 119 30.53 -4.59 26.13
N TYR A 120 31.33 -4.40 27.18
CA TYR A 120 30.94 -3.51 28.25
C TYR A 120 30.73 -2.09 27.74
N TRP A 121 31.64 -1.59 26.91
CA TRP A 121 31.60 -0.17 26.59
C TRP A 121 30.41 0.22 25.72
N ALA A 122 29.83 -0.72 24.97
CA ALA A 122 28.66 -0.39 24.17
C ALA A 122 27.58 0.25 25.03
N ARG A 123 27.07 -0.49 26.01
CA ARG A 123 26.01 0.04 26.84
C ARG A 123 26.40 1.33 27.55
N GLU A 124 27.69 1.57 27.78
CA GLU A 124 28.08 2.91 28.21
C GLU A 124 27.79 3.94 27.14
N MET A 125 28.28 3.72 25.93
CA MET A 125 28.07 4.71 24.87
C MET A 125 26.60 5.04 24.73
N GLN A 126 25.76 4.03 24.55
CA GLN A 126 24.32 4.28 24.53
C GLN A 126 23.89 5.05 25.77
N LYS A 127 24.43 4.66 26.93
CA LYS A 127 24.02 5.26 28.19
C LYS A 127 24.24 6.76 28.18
N ILE A 128 25.35 7.21 27.60
CA ILE A 128 25.55 8.64 27.41
C ILE A 128 24.52 9.21 26.45
N VAL A 129 24.45 8.63 25.24
CA VAL A 129 23.73 9.29 24.15
C VAL A 129 22.29 9.55 24.53
N PHE A 130 21.57 8.51 24.98
CA PHE A 130 20.17 8.71 25.37
C PHE A 130 20.04 9.87 26.34
N ALA A 131 20.80 9.82 27.42
CA ALA A 131 20.79 10.91 28.38
C ALA A 131 20.91 12.25 27.68
N GLU A 132 21.90 12.37 26.79
CA GLU A 132 22.23 13.68 26.25
C GLU A 132 21.12 14.24 25.38
N LEU A 133 20.65 13.46 24.40
CA LEU A 133 19.50 13.93 23.62
C LEU A 133 18.36 14.36 24.53
N ALA A 134 18.04 13.51 25.51
CA ALA A 134 17.05 13.89 26.50
C ALA A 134 17.42 15.19 27.18
N GLY A 135 18.68 15.60 27.10
CA GLY A 135 19.10 16.92 27.51
C GLY A 135 18.77 18.02 26.53
N VAL A 136 19.08 17.82 25.25
CA VAL A 136 18.82 18.87 24.28
C VAL A 136 17.35 19.26 24.32
N PHE A 137 16.47 18.29 24.20
CA PHE A 137 15.11 18.73 23.98
C PHE A 137 14.41 19.24 25.22
N SER A 138 14.93 18.95 26.41
CA SER A 138 14.25 19.40 27.59
C SER A 138 14.46 20.89 27.80
N ASN A 139 13.50 21.52 28.47
CA ASN A 139 13.66 22.83 29.09
C ASN A 139 14.12 23.90 28.12
N ASP A 140 13.91 23.72 26.83
CA ASP A 140 14.30 24.73 25.86
C ASP A 140 13.14 25.00 24.93
N ASP A 141 12.63 26.21 24.97
CA ASP A 141 11.64 26.58 23.97
C ASP A 141 12.28 26.82 22.61
N MET A 142 13.61 26.83 22.55
CA MET A 142 14.27 27.15 21.30
C MET A 142 14.24 25.98 20.33
N LYS A 143 14.14 24.75 20.83
CA LYS A 143 14.03 23.58 19.97
C LYS A 143 12.59 23.15 19.75
N ASP A 144 11.62 23.83 20.35
CA ASP A 144 10.31 23.23 20.58
C ASP A 144 9.66 22.71 19.31
N ASN A 145 10.04 23.23 18.15
CA ASN A 145 9.39 22.77 16.93
C ASN A 145 9.65 21.30 16.65
N LYS A 146 10.53 20.65 17.39
CA LYS A 146 10.87 19.28 17.09
C LYS A 146 10.23 18.26 18.01
N LEU A 147 9.45 18.68 19.00
CA LEU A 147 8.78 17.74 19.88
C LEU A 147 7.27 17.87 19.72
N ASP A 148 6.60 16.73 19.81
CA ASP A 148 5.16 16.67 19.59
C ASP A 148 4.56 15.83 20.71
N ILE A 149 3.74 16.45 21.56
CA ILE A 149 3.23 15.79 22.76
C ILE A 149 1.78 15.39 22.55
N SER A 150 1.54 14.09 22.51
CA SER A 150 0.20 13.56 22.40
C SER A 150 -0.39 13.16 23.75
N GLY A 151 0.28 13.45 24.85
CA GLY A 151 -0.30 13.18 26.15
C GLY A 151 -1.58 13.97 26.33
N THR A 152 -2.27 13.72 27.46
CA THR A 152 -3.67 14.10 27.74
C THR A 152 -4.69 13.04 27.32
N ALA A 153 -4.23 11.84 26.96
CA ALA A 153 -4.99 10.59 26.92
C ALA A 153 -5.71 10.24 25.61
N ASP A 154 -5.64 11.06 24.57
CA ASP A 154 -6.13 10.63 23.27
C ASP A 154 -4.97 10.40 22.29
N GLY A 155 -5.20 9.47 21.38
CA GLY A 155 -4.32 9.18 20.26
C GLY A 155 -3.34 8.07 20.55
N ILE A 156 -3.22 7.17 19.59
CA ILE A 156 -2.64 5.86 19.87
C ILE A 156 -1.30 5.63 19.19
N TYR A 157 -0.79 6.55 18.38
CA TYR A 157 0.21 6.21 17.38
C TYR A 157 -0.33 5.17 16.40
N SER A 158 -1.19 5.66 15.51
CA SER A 158 -1.47 4.94 14.27
C SER A 158 -1.72 5.94 13.16
N ALA A 159 -1.03 5.76 12.03
CA ALA A 159 -1.50 6.21 10.72
C ALA A 159 -1.68 7.73 10.58
N GLU A 160 -1.61 8.48 11.67
CA GLU A 160 -1.74 9.93 11.59
C GLU A 160 -0.61 10.66 12.28
N THR A 161 -0.61 10.58 13.62
CA THR A 161 0.44 11.24 14.37
C THR A 161 1.81 10.86 13.83
N PHE A 162 1.94 9.67 13.25
CA PHE A 162 3.15 9.33 12.52
C PHE A 162 3.37 10.32 11.37
N VAL A 163 2.32 10.63 10.62
CA VAL A 163 2.45 11.60 9.54
C VAL A 163 2.85 12.96 10.09
N ASP A 164 2.23 13.39 11.20
CA ASP A 164 2.64 14.63 11.83
C ASP A 164 4.15 14.64 12.07
N ALA A 165 4.67 13.56 12.65
CA ALA A 165 6.11 13.48 12.88
C ALA A 165 6.87 13.65 11.58
N SER A 166 6.62 12.77 10.61
CA SER A 166 7.45 12.77 9.41
C SER A 166 7.35 14.06 8.61
N TYR A 167 6.26 14.80 8.72
CA TYR A 167 6.18 16.08 8.03
C TYR A 167 6.46 17.27 8.91
N LYS A 168 6.81 17.09 10.18
CA LYS A 168 7.01 18.29 10.98
C LYS A 168 8.19 19.11 10.49
N LEU A 169 8.99 18.56 9.59
CA LEU A 169 9.95 19.33 8.82
C LEU A 169 9.24 19.70 7.53
N GLY A 170 8.90 20.97 7.36
CA GLY A 170 7.90 21.34 6.38
C GLY A 170 8.24 21.05 4.93
N ASP A 171 9.32 21.63 4.42
CA ASP A 171 9.68 21.38 3.03
C ASP A 171 10.43 20.08 2.86
N HIS A 172 11.37 19.80 3.75
CA HIS A 172 12.25 18.65 3.62
C HIS A 172 11.52 17.44 4.16
N GLU A 173 11.27 16.48 3.30
CA GLU A 173 10.76 15.18 3.68
C GLU A 173 11.75 14.16 3.19
N SER A 174 11.65 12.94 3.69
CA SER A 174 12.55 11.87 3.29
C SER A 174 13.99 12.24 3.59
N LEU A 175 14.16 13.15 4.54
CA LEU A 175 15.44 13.33 5.20
C LEU A 175 15.54 12.42 6.41
N LEU A 176 14.55 11.57 6.61
CA LEU A 176 14.51 10.65 7.73
C LEU A 176 14.54 9.24 7.18
N THR A 177 15.06 8.30 7.97
CA THR A 177 15.26 6.94 7.54
C THR A 177 14.72 5.93 8.55
N ALA A 178 15.31 5.89 9.74
CA ALA A 178 15.01 4.87 10.74
C ALA A 178 14.18 5.43 11.89
N ILE A 179 13.35 4.57 12.47
CA ILE A 179 12.40 4.98 13.50
C ILE A 179 12.76 4.23 14.77
N GLY A 180 13.02 4.95 15.85
CA GLY A 180 13.26 4.31 17.14
C GLY A 180 11.95 3.89 17.78
N MET A 181 11.99 2.74 18.44
CA MET A 181 10.73 2.14 18.83
C MET A 181 10.96 1.27 20.06
N HIS A 182 9.94 1.19 20.90
CA HIS A 182 9.88 0.24 21.99
C HIS A 182 9.01 -0.95 21.57
N SER A 183 9.38 -2.14 22.06
CA SER A 183 8.77 -3.36 21.55
C SER A 183 7.26 -3.34 21.64
N ALA A 184 6.73 -3.10 22.85
CA ALA A 184 5.29 -3.13 23.04
C ALA A 184 4.57 -2.23 22.04
N THR A 185 5.15 -1.07 21.75
CA THR A 185 4.58 -0.20 20.75
C THR A 185 4.39 -0.98 19.47
N MET A 186 5.49 -1.42 18.84
CA MET A 186 5.33 -2.05 17.53
C MET A 186 4.43 -3.27 17.61
N ALA A 187 4.25 -3.83 18.80
CA ALA A 187 3.13 -4.75 18.97
C ALA A 187 1.82 -4.06 18.65
N SER A 188 1.52 -2.97 19.36
CA SER A 188 0.31 -2.22 19.06
C SER A 188 0.26 -1.80 17.61
N ALA A 189 1.41 -1.69 16.96
CA ALA A 189 1.40 -1.44 15.54
C ALA A 189 0.90 -2.66 14.78
N VAL A 190 1.53 -3.81 15.00
CA VAL A 190 1.27 -4.97 14.17
C VAL A 190 -0.15 -5.49 14.40
N LYS A 191 -0.82 -5.10 15.47
CA LYS A 191 -2.25 -5.35 15.51
C LYS A 191 -2.96 -4.61 14.38
N GLN A 192 -2.83 -3.29 14.36
CA GLN A 192 -3.55 -2.48 13.39
C GLN A 192 -2.72 -2.25 12.13
N ASP A 193 -1.57 -1.61 12.30
CA ASP A 193 -0.86 -0.93 11.25
C ASP A 193 -0.33 -1.91 10.20
N LEU A 194 0.07 -1.35 9.07
CA LEU A 194 0.36 -2.04 7.83
C LEU A 194 1.81 -2.52 7.74
N ILE A 195 2.56 -2.53 8.85
CA ILE A 195 4.00 -2.70 8.77
C ILE A 195 4.32 -3.89 7.91
N GLU A 196 5.10 -3.67 6.86
CA GLU A 196 5.22 -4.59 5.75
C GLU A 196 6.64 -5.15 5.71
N PHE A 197 6.77 -6.45 5.46
CA PHE A 197 8.04 -7.13 5.64
C PHE A 197 8.69 -7.34 4.28
N VAL A 198 9.70 -6.54 3.99
CA VAL A 198 10.51 -6.68 2.80
C VAL A 198 11.70 -7.52 3.20
N LYS A 199 11.77 -8.73 2.68
CA LYS A 199 12.88 -9.63 2.98
C LYS A 199 13.80 -9.60 1.77
N ASP A 200 14.92 -8.90 1.90
CA ASP A 200 15.69 -8.50 0.74
C ASP A 200 17.13 -8.96 0.89
N SER A 201 17.81 -8.52 1.96
CA SER A 201 19.15 -9.00 2.22
C SER A 201 19.17 -10.52 2.25
N GLN A 202 19.99 -11.12 1.39
CA GLN A 202 20.05 -12.57 1.28
C GLN A 202 21.19 -13.14 2.09
N SER A 203 20.84 -13.85 3.15
CA SER A 203 19.46 -13.97 3.59
C SER A 203 19.31 -13.34 4.96
N GLY A 204 18.17 -12.70 5.21
CA GLY A 204 17.90 -12.21 6.56
C GLY A 204 16.44 -12.08 6.83
N ILE A 205 16.09 -12.24 8.10
CA ILE A 205 14.73 -12.05 8.58
C ILE A 205 14.77 -11.32 9.92
N ARG A 206 14.24 -10.11 10.00
CA ARG A 206 13.77 -9.33 8.86
C ARG A 206 13.91 -7.87 9.25
N PHE A 207 14.12 -7.01 8.27
CA PHE A 207 14.14 -5.59 8.53
C PHE A 207 12.76 -5.04 8.22
N PRO A 208 11.95 -4.72 9.21
CA PRO A 208 10.60 -4.25 8.93
C PRO A 208 10.64 -2.83 8.39
N THR A 209 9.52 -2.42 7.82
CA THR A 209 9.43 -1.10 7.21
C THR A 209 8.02 -0.59 7.33
N TYR A 210 7.87 0.72 7.57
CA TYR A 210 6.54 1.28 7.50
C TYR A 210 6.34 2.04 6.20
N MET A 211 6.88 3.24 6.08
CA MET A 211 6.70 4.03 4.87
C MET A 211 8.06 4.49 4.38
N ASN A 212 8.58 3.80 3.36
CA ASN A 212 9.89 4.08 2.79
C ASN A 212 10.93 4.40 3.87
N LYS A 213 10.88 3.69 4.99
CA LYS A 213 11.73 3.95 6.13
C LYS A 213 12.50 2.68 6.50
N ARG A 214 13.20 2.75 7.61
CA ARG A 214 13.63 1.58 8.34
C ARG A 214 13.14 1.71 9.77
N VAL A 215 13.07 0.59 10.47
CA VAL A 215 12.64 0.58 11.86
C VAL A 215 13.61 -0.27 12.65
N ILE A 216 13.95 0.19 13.85
CA ILE A 216 14.97 -0.45 14.67
C ILE A 216 14.31 -0.86 15.97
N VAL A 217 14.19 -2.16 16.20
CA VAL A 217 13.66 -2.63 17.46
C VAL A 217 14.75 -2.55 18.51
N ASP A 218 14.40 -2.05 19.69
CA ASP A 218 15.34 -2.02 20.78
C ASP A 218 14.57 -2.19 22.08
N ASP A 219 15.19 -2.81 23.07
CA ASP A 219 14.50 -3.03 24.33
C ASP A 219 14.81 -1.95 25.37
N SER A 220 15.79 -1.09 25.14
CA SER A 220 16.13 -0.05 26.10
C SER A 220 15.83 1.31 25.50
N MET A 221 14.78 1.95 25.97
CA MET A 221 14.37 3.25 25.49
C MET A 221 13.91 4.07 26.69
N PRO A 222 14.07 5.38 26.61
CA PRO A 222 13.50 6.23 27.65
C PRO A 222 12.02 5.94 27.79
N VAL A 223 11.60 5.66 29.01
CA VAL A 223 10.20 5.44 29.34
C VAL A 223 9.85 6.27 30.57
N GLU A 224 8.99 7.26 30.40
CA GLU A 224 8.53 8.03 31.51
C GLU A 224 7.52 7.20 32.30
N THR A 225 7.04 7.76 33.41
CA THR A 225 5.85 7.22 34.04
C THR A 225 5.10 8.37 34.69
N LEU A 226 3.79 8.40 34.47
CA LEU A 226 2.93 9.28 35.24
C LEU A 226 2.14 8.44 36.24
N GLU A 227 1.37 9.12 37.08
CA GLU A 227 0.54 8.44 38.04
C GLU A 227 -0.74 7.97 37.35
N ASP A 228 -1.64 7.40 38.14
CA ASP A 228 -2.95 6.96 37.65
C ASP A 228 -2.81 5.94 36.54
N GLY A 229 -1.74 5.15 36.59
CA GLY A 229 -1.54 4.04 35.69
C GLY A 229 -1.21 4.39 34.25
N THR A 230 -1.27 5.65 33.87
CA THR A 230 -0.95 6.02 32.51
C THR A 230 0.53 5.85 32.25
N LYS A 231 0.87 5.50 31.02
CA LYS A 231 2.25 5.39 30.58
C LYS A 231 2.51 6.34 29.43
N VAL A 232 3.79 6.60 29.19
CA VAL A 232 4.22 7.41 28.06
C VAL A 232 5.45 6.75 27.48
N PHE A 233 5.49 6.59 26.16
CA PHE A 233 6.64 6.02 25.50
C PHE A 233 7.31 7.09 24.64
N THR A 234 8.64 7.10 24.66
CA THR A 234 9.36 8.18 23.98
C THR A 234 9.43 7.94 22.48
N SER A 235 10.24 6.97 22.06
CA SER A 235 10.35 6.60 20.65
C SER A 235 10.84 7.79 19.80
N TYR A 236 12.13 8.07 19.92
CA TYR A 236 12.75 9.02 19.00
C TYR A 236 12.61 8.60 17.56
N LEU A 237 12.53 9.59 16.69
CA LEU A 237 12.59 9.41 15.25
C LEU A 237 13.76 10.24 14.73
N PHE A 238 14.84 9.58 14.31
CA PHE A 238 16.04 10.30 13.92
C PHE A 238 16.24 10.30 12.42
N GLY A 239 16.40 9.12 11.83
CA GLY A 239 16.60 8.98 10.42
C GLY A 239 17.72 9.85 9.87
N ALA A 240 18.64 10.25 10.73
CA ALA A 240 19.65 11.22 10.31
C ALA A 240 20.69 10.58 9.42
N GLY A 241 21.48 9.69 9.98
CA GLY A 241 22.65 9.22 9.29
C GLY A 241 23.55 10.39 8.92
N ALA A 242 24.03 11.19 9.88
CA ALA A 242 23.91 10.96 11.32
C ALA A 242 24.32 12.23 12.06
N LEU A 243 24.44 12.11 13.38
CA LEU A 243 25.31 13.00 14.13
C LEU A 243 26.72 12.42 14.04
N GLY A 244 27.68 12.91 14.79
CA GLY A 244 29.06 12.47 14.59
C GLY A 244 29.92 12.49 15.83
N TYR A 245 30.93 11.63 15.84
CA TYR A 245 31.90 11.60 16.94
C TYR A 245 33.19 10.98 16.44
N ALA A 246 34.27 11.20 17.19
CA ALA A 246 35.55 10.59 16.91
C ALA A 246 36.30 10.37 18.22
N GLU A 247 37.19 9.39 18.20
CA GLU A 247 37.65 8.77 19.44
C GLU A 247 38.63 9.66 20.20
N GLY A 248 39.73 10.04 19.58
CA GLY A 248 40.76 10.70 20.37
C GLY A 248 41.47 9.72 21.29
N GLN A 249 42.56 10.13 21.94
CA GLN A 249 43.36 9.18 22.70
C GLN A 249 44.07 9.70 23.93
N PRO A 250 44.20 8.86 24.95
CA PRO A 250 45.06 9.17 26.08
C PRO A 250 46.50 8.78 25.80
N GLU A 251 47.33 8.73 26.84
CA GLU A 251 48.54 7.91 26.83
C GLU A 251 48.31 6.74 27.77
N VAL A 252 48.99 5.64 27.50
CA VAL A 252 48.87 4.42 28.31
C VAL A 252 47.43 3.94 28.27
N PRO A 253 46.97 3.37 27.14
CA PRO A 253 45.60 2.87 27.11
C PRO A 253 45.37 1.67 28.01
N THR A 254 46.40 0.89 28.31
CA THR A 254 46.23 -0.26 29.17
C THR A 254 47.45 -0.41 30.09
N GLU A 255 47.19 -0.61 31.37
CA GLU A 255 48.23 -0.67 32.38
C GLU A 255 47.93 -1.82 33.31
N THR A 256 48.97 -2.41 33.88
CA THR A 256 48.82 -3.56 34.77
C THR A 256 49.76 -3.40 35.96
N ALA A 257 49.26 -3.73 37.14
CA ALA A 257 50.03 -3.58 38.36
C ALA A 257 49.53 -4.61 39.36
N ARG A 258 50.33 -4.83 40.41
CA ARG A 258 49.93 -5.74 41.46
C ARG A 258 50.52 -5.29 42.79
N ASN A 259 49.93 -5.79 43.86
CA ASN A 259 50.43 -5.57 45.21
C ASN A 259 50.87 -6.92 45.75
N ALA A 260 52.18 -7.11 45.88
CA ALA A 260 52.73 -8.43 46.19
C ALA A 260 52.89 -8.69 47.68
N LEU A 261 52.53 -7.74 48.54
CA LEU A 261 52.54 -8.03 49.96
C LEU A 261 51.27 -8.75 50.39
N GLY A 262 50.15 -8.41 49.76
CA GLY A 262 49.02 -9.30 49.66
C GLY A 262 49.14 -10.06 48.36
N SER A 263 48.02 -10.55 47.86
CA SER A 263 47.99 -11.11 46.51
C SER A 263 46.76 -10.59 45.80
N GLN A 264 46.97 -9.78 44.77
CA GLN A 264 45.90 -9.24 43.94
C GLN A 264 46.45 -9.00 42.55
N ASP A 265 45.54 -8.78 41.61
CA ASP A 265 45.90 -8.20 40.32
C ASP A 265 44.69 -7.49 39.75
N ILE A 266 44.95 -6.48 38.92
CA ILE A 266 43.96 -5.49 38.53
C ILE A 266 44.14 -5.12 37.06
N LEU A 267 43.04 -4.74 36.41
CA LEU A 267 43.05 -4.20 35.06
C LEU A 267 42.48 -2.79 35.07
N ILE A 268 42.84 -2.01 34.05
CA ILE A 268 42.40 -0.63 33.92
C ILE A 268 42.19 -0.32 32.44
N ASN A 269 41.44 0.75 32.14
CA ASN A 269 41.21 1.11 30.75
C ASN A 269 41.39 2.58 30.36
N ARG A 270 40.58 3.49 30.90
CA ARG A 270 40.74 4.93 30.73
C ARG A 270 40.80 5.41 29.28
N LYS A 271 39.66 5.54 28.61
CA LYS A 271 39.61 5.98 27.23
C LYS A 271 38.95 7.35 27.09
N HIS A 272 39.32 8.08 26.03
CA HIS A 272 38.70 9.35 25.67
C HIS A 272 37.84 9.19 24.42
N PHE A 273 36.70 9.89 24.37
CA PHE A 273 35.94 10.02 23.13
C PHE A 273 35.08 11.28 23.18
N VAL A 274 34.79 11.82 21.99
CA VAL A 274 34.16 13.13 21.85
C VAL A 274 32.92 13.00 20.98
N LEU A 275 31.78 13.44 21.51
CA LEU A 275 30.47 13.20 20.91
C LEU A 275 29.49 14.31 21.24
N HIS A 276 28.63 14.65 20.26
CA HIS A 276 27.63 15.70 20.44
C HIS A 276 26.78 15.87 19.18
N PRO A 277 25.58 16.44 19.27
CA PRO A 277 24.80 16.71 18.06
C PRO A 277 25.34 17.91 17.30
N ARG A 278 25.35 17.83 15.97
CA ARG A 278 25.75 19.00 15.18
C ARG A 278 24.81 19.41 14.06
N GLY A 279 24.04 20.45 14.31
CA GLY A 279 23.55 20.67 15.64
C GLY A 279 23.98 21.73 16.61
N VAL A 280 23.27 21.65 17.73
CA VAL A 280 23.25 22.65 18.77
C VAL A 280 24.63 22.86 19.38
N LYS A 281 24.88 24.10 19.80
CA LYS A 281 26.11 24.47 20.49
C LYS A 281 26.10 23.95 21.93
N PHE A 282 27.27 23.53 22.40
CA PHE A 282 27.46 23.26 23.80
C PHE A 282 28.28 24.38 24.41
N THR A 283 28.01 24.70 25.67
CA THR A 283 28.69 25.77 26.37
C THR A 283 29.14 25.27 27.72
N GLU A 284 29.96 26.10 28.38
CA GLU A 284 30.28 25.90 29.78
C GLU A 284 29.39 26.87 30.54
N ASN A 285 28.32 26.36 31.12
CA ASN A 285 27.37 27.21 31.82
C ASN A 285 26.82 26.46 33.02
N ALA A 286 26.88 27.09 34.20
CA ALA A 286 26.34 26.51 35.42
C ALA A 286 26.73 25.04 35.56
N MET A 287 28.01 24.75 35.34
CA MET A 287 28.51 23.40 35.48
C MET A 287 29.80 23.40 36.27
N ALA A 288 29.87 22.56 37.29
CA ALA A 288 31.10 22.40 38.03
C ALA A 288 32.12 21.66 37.17
N GLY A 289 33.29 21.40 37.71
CA GLY A 289 34.28 20.71 36.92
C GLY A 289 35.72 21.02 37.25
N THR A 290 36.61 20.93 36.26
CA THR A 290 36.31 20.49 34.89
C THR A 290 37.70 20.15 34.35
N THR A 291 37.86 19.42 33.26
CA THR A 291 36.83 18.75 32.47
C THR A 291 36.89 17.26 32.69
N PRO A 292 35.95 16.48 32.10
CA PRO A 292 34.70 16.66 31.37
C PRO A 292 33.62 17.08 32.30
N THR A 293 32.37 17.03 31.85
CA THR A 293 31.32 17.33 32.80
C THR A 293 30.94 16.16 33.69
N ASP A 294 30.05 15.29 33.21
CA ASP A 294 29.28 14.35 34.02
C ASP A 294 28.23 13.68 33.15
N GLU A 295 27.38 12.85 33.74
CA GLU A 295 26.14 12.46 33.07
C GLU A 295 25.05 13.46 33.42
N GLU A 296 24.58 13.40 34.67
CA GLU A 296 23.50 14.27 35.10
C GLU A 296 23.77 15.71 34.72
N LEU A 297 24.99 16.19 34.96
CA LEU A 297 25.28 17.55 34.57
C LEU A 297 25.38 17.66 33.06
N ALA A 298 25.69 16.57 32.36
CA ALA A 298 25.67 16.62 30.91
C ALA A 298 24.26 16.71 30.37
N ASN A 299 23.25 16.64 31.23
CA ASN A 299 21.87 16.88 30.78
C ASN A 299 21.26 18.12 31.39
N GLY A 300 21.17 18.19 32.72
CA GLY A 300 20.00 18.74 33.37
C GLY A 300 19.41 19.99 32.78
N ALA A 301 20.22 20.92 32.30
CA ALA A 301 19.61 22.10 31.69
C ALA A 301 20.62 22.82 30.81
N ASN A 302 20.11 23.85 30.15
CA ASN A 302 20.93 24.92 29.61
C ASN A 302 21.92 24.40 28.55
N TRP A 303 21.34 24.09 27.40
CA TRP A 303 22.04 24.11 26.12
C TRP A 303 21.35 25.09 25.21
N GLN A 304 22.03 25.42 24.11
CA GLN A 304 21.52 26.48 23.27
C GLN A 304 22.01 26.26 21.85
N ARG A 305 21.17 26.66 20.89
CA ARG A 305 21.29 26.27 19.50
C ARG A 305 21.46 27.49 18.60
N VAL A 306 22.09 27.31 17.45
CA VAL A 306 22.03 28.29 16.37
C VAL A 306 21.93 27.59 15.02
N TYR A 307 20.73 27.59 14.43
CA TYR A 307 20.57 27.38 12.98
C TYR A 307 19.47 28.26 12.35
N ASP A 308 18.22 28.24 12.85
CA ASP A 308 17.55 27.25 13.72
C ASP A 308 16.90 25.97 13.15
N PRO A 309 15.82 26.12 12.38
CA PRO A 309 14.77 25.11 12.40
C PRO A 309 15.17 23.79 11.80
N LYS A 310 15.79 23.86 10.64
CA LYS A 310 15.92 22.68 9.82
C LYS A 310 17.35 22.17 9.87
N LYS A 311 17.61 21.11 9.12
CA LYS A 311 18.92 20.45 9.07
C LYS A 311 19.49 20.28 10.48
N ILE A 312 18.68 19.70 11.35
CA ILE A 312 19.11 19.41 12.71
C ILE A 312 19.86 18.07 12.84
N ARG A 313 19.29 16.90 12.56
CA ARG A 313 17.92 16.59 12.17
C ARG A 313 17.39 15.49 13.06
N ILE A 314 16.53 15.79 14.02
CA ILE A 314 15.95 14.78 14.89
C ILE A 314 14.60 15.29 15.35
N VAL A 315 13.67 14.37 15.59
CA VAL A 315 12.34 14.72 16.07
C VAL A 315 11.91 13.71 17.12
N GLN A 316 11.09 14.16 18.06
CA GLN A 316 10.54 13.26 19.07
C GLN A 316 9.05 13.50 19.18
N PHE A 317 8.30 12.45 19.49
CA PHE A 317 6.93 12.66 19.93
C PHE A 317 6.59 11.64 20.99
N LYS A 318 6.00 12.11 22.09
CA LYS A 318 5.63 11.27 23.22
C LYS A 318 4.18 10.84 23.06
N HIS A 319 3.95 9.55 22.96
CA HIS A 319 2.63 9.06 22.64
C HIS A 319 2.20 7.97 23.60
N ARG A 320 0.91 7.94 23.89
CA ARG A 320 0.31 6.84 24.62
C ARG A 320 0.12 5.62 23.75
N LEU A 321 -0.05 4.48 24.40
CA LEU A 321 -0.08 3.18 23.78
C LEU A 321 -1.52 2.70 23.66
N GLN A 322 -1.76 1.86 22.65
CA GLN A 322 -3.12 1.43 22.34
C GLN A 322 -3.87 0.99 23.58
N ALA A 323 -5.05 1.58 23.77
CA ALA A 323 -5.83 1.38 24.99
C ALA A 323 -7.01 0.46 24.71
N ALA B 1 -44.73 -82.01 7.90
CA ALA B 1 -45.25 -81.23 6.77
C ALA B 1 -44.14 -80.89 5.79
N TYR B 2 -42.99 -80.52 6.33
CA TYR B 2 -41.91 -80.01 5.52
C TYR B 2 -40.58 -80.55 6.02
N THR B 3 -39.56 -80.36 5.19
CA THR B 3 -38.20 -80.38 5.69
C THR B 3 -38.07 -79.47 6.92
N LYS B 4 -38.58 -78.24 6.83
CA LYS B 4 -38.85 -77.34 7.95
C LYS B 4 -37.66 -76.91 8.80
N ILE B 5 -36.97 -75.85 8.38
CA ILE B 5 -35.74 -75.30 8.99
C ILE B 5 -35.82 -75.17 10.50
N SER B 6 -37.02 -75.03 11.06
CA SER B 6 -37.13 -74.78 12.49
C SER B 6 -36.59 -75.92 13.35
N ASP B 7 -36.18 -77.04 12.73
CA ASP B 7 -35.78 -78.21 13.49
C ASP B 7 -34.29 -78.51 13.46
N VAL B 8 -33.71 -78.77 12.29
CA VAL B 8 -32.32 -79.21 12.24
C VAL B 8 -31.43 -78.25 13.01
N ILE B 9 -30.46 -78.80 13.74
CA ILE B 9 -29.63 -78.01 14.62
C ILE B 9 -28.66 -77.15 13.81
N VAL B 10 -28.58 -75.88 14.16
CA VAL B 10 -27.82 -74.88 13.42
C VAL B 10 -26.54 -74.57 14.19
N PRO B 11 -25.39 -74.71 13.58
CA PRO B 11 -24.14 -74.46 14.31
C PRO B 11 -23.93 -72.98 14.51
N GLU B 12 -22.84 -72.62 15.20
CA GLU B 12 -22.42 -71.24 15.37
C GLU B 12 -21.02 -71.11 14.82
N LEU B 13 -20.43 -69.93 14.93
CA LEU B 13 -19.12 -69.75 14.35
C LEU B 13 -18.21 -68.95 15.27
N PHE B 14 -16.91 -69.07 15.05
CA PHE B 14 -15.91 -68.19 15.63
C PHE B 14 -14.72 -68.16 14.69
N ASN B 15 -13.87 -67.17 14.85
CA ASN B 15 -12.60 -67.15 14.13
C ASN B 15 -11.51 -66.65 15.07
N PRO B 16 -10.24 -66.81 14.73
CA PRO B 16 -9.17 -66.38 15.63
C PRO B 16 -9.26 -64.90 15.99
N TYR B 17 -8.58 -64.54 17.07
CA TYR B 17 -8.63 -63.20 17.64
C TYR B 17 -7.98 -62.17 16.72
N VAL B 18 -8.33 -60.90 16.96
CA VAL B 18 -7.70 -59.75 16.33
C VAL B 18 -7.49 -58.70 17.42
N ILE B 19 -6.35 -58.01 17.37
CA ILE B 19 -5.93 -57.13 18.46
C ILE B 19 -6.50 -55.73 18.22
N ASN B 20 -7.40 -55.31 19.09
CA ASN B 20 -7.91 -53.95 19.06
C ASN B 20 -6.83 -52.99 19.54
N THR B 21 -7.00 -51.71 19.21
CA THR B 21 -6.11 -50.67 19.73
C THR B 21 -6.91 -49.45 20.11
N THR B 22 -6.85 -49.06 21.37
CA THR B 22 -7.36 -47.76 21.75
C THR B 22 -6.36 -46.70 21.33
N THR B 23 -6.83 -45.64 20.70
CA THR B 23 -5.93 -44.63 20.18
C THR B 23 -6.39 -43.25 20.57
N GLN B 24 -5.60 -42.57 21.38
CA GLN B 24 -5.51 -41.12 21.35
C GLN B 24 -4.08 -40.83 20.91
N LEU B 25 -3.95 -40.22 19.73
CA LEU B 25 -2.64 -40.03 19.14
C LEU B 25 -1.75 -39.26 20.09
N SER B 26 -0.61 -39.83 20.42
CA SER B 26 0.33 -39.19 21.33
C SER B 26 1.58 -38.86 20.55
N ALA B 27 1.78 -37.58 20.28
CA ALA B 27 3.07 -37.12 19.80
C ALA B 27 3.58 -35.99 20.68
N PHE B 28 3.02 -34.81 20.46
CA PHE B 28 3.46 -33.58 21.12
C PHE B 28 4.97 -33.50 21.05
N PHE B 29 5.54 -34.07 19.99
CA PHE B 29 6.96 -34.13 19.70
C PHE B 29 7.16 -33.71 18.25
N GLN B 30 8.22 -32.96 17.94
CA GLN B 30 9.14 -32.43 18.92
C GLN B 30 8.65 -31.15 19.54
N SER B 31 9.12 -30.90 20.75
CA SER B 31 8.79 -29.72 21.52
C SER B 31 9.80 -29.60 22.64
N GLY B 32 9.57 -28.64 23.52
CA GLY B 32 10.06 -28.78 24.86
C GLY B 32 9.20 -29.95 25.26
N ILE B 33 9.83 -31.04 25.66
CA ILE B 33 11.28 -31.11 25.79
C ILE B 33 11.80 -32.07 24.69
N ALA B 34 12.99 -31.82 24.15
CA ALA B 34 13.55 -32.65 23.09
C ALA B 34 15.07 -32.53 23.13
N ALA B 35 15.75 -33.05 22.10
CA ALA B 35 17.13 -32.66 21.82
C ALA B 35 18.10 -32.91 22.96
N THR B 36 18.49 -34.16 23.15
CA THR B 36 19.39 -34.54 24.23
C THR B 36 20.69 -33.72 24.20
N ASP B 37 21.28 -33.49 25.38
CA ASP B 37 22.55 -32.79 25.52
C ASP B 37 23.51 -33.64 26.34
N ASP B 38 24.75 -33.13 26.51
CA ASP B 38 25.83 -33.94 27.09
C ASP B 38 25.82 -33.95 28.62
N GLU B 39 25.76 -32.78 29.25
CA GLU B 39 25.96 -32.74 30.70
C GLU B 39 25.04 -33.72 31.39
N LEU B 40 23.78 -33.70 31.01
CA LEU B 40 22.86 -34.65 31.56
C LEU B 40 23.26 -36.09 31.22
N ASN B 41 23.99 -36.31 30.13
CA ASN B 41 24.59 -37.63 29.94
C ASN B 41 25.50 -37.96 31.09
N ALA B 42 26.32 -37.00 31.50
CA ALA B 42 27.20 -37.25 32.64
C ALA B 42 26.44 -37.53 33.92
N LEU B 43 25.17 -37.11 34.01
CA LEU B 43 24.32 -37.59 35.10
C LEU B 43 23.78 -38.98 34.86
N ALA B 44 23.65 -39.36 33.61
CA ALA B 44 22.75 -40.47 33.33
C ALA B 44 23.35 -41.79 33.75
N LYS B 45 24.34 -42.24 33.00
CA LYS B 45 24.93 -43.56 33.22
C LYS B 45 25.68 -43.59 34.54
N LYS B 46 25.90 -44.80 35.04
CA LYS B 46 26.95 -45.00 36.01
C LYS B 46 28.24 -44.73 35.25
N ALA B 47 29.31 -44.28 35.89
CA ALA B 47 29.46 -44.13 37.33
C ALA B 47 28.82 -42.87 37.86
N GLY B 48 29.15 -42.54 39.11
CA GLY B 48 28.66 -41.30 39.66
C GLY B 48 27.15 -41.31 39.81
N GLY B 49 26.65 -42.22 40.62
CA GLY B 49 25.22 -42.36 40.76
C GLY B 49 24.57 -41.09 41.27
N GLY B 50 23.24 -41.10 41.22
CA GLY B 50 22.47 -39.97 41.66
C GLY B 50 22.62 -39.77 43.15
N SER B 51 21.92 -38.80 43.72
CA SER B 51 20.97 -38.00 43.00
C SER B 51 21.68 -36.92 42.21
N THR B 52 20.89 -35.99 41.71
CA THR B 52 21.26 -35.21 40.55
C THR B 52 22.30 -34.15 40.89
N LEU B 53 23.05 -33.76 39.86
CA LEU B 53 24.17 -32.86 40.02
C LEU B 53 23.73 -31.44 40.27
N ASN B 54 24.72 -30.56 40.31
CA ASN B 54 24.55 -29.12 40.32
C ASN B 54 25.61 -28.53 39.41
N MET B 55 25.22 -27.54 38.62
CA MET B 55 26.17 -26.90 37.73
C MET B 55 26.19 -25.40 38.00
N PRO B 56 27.35 -24.81 38.05
CA PRO B 56 27.42 -23.39 38.42
C PRO B 56 27.54 -22.44 37.24
N TYR B 57 27.60 -21.13 37.52
CA TYR B 57 27.79 -20.13 36.47
C TYR B 57 28.30 -18.83 37.07
N TRP B 58 28.89 -18.00 36.21
CA TRP B 58 29.36 -16.65 36.54
C TRP B 58 28.56 -15.63 35.75
N ASN B 59 27.69 -14.87 36.42
CA ASN B 59 26.95 -13.83 35.74
C ASN B 59 27.83 -12.60 35.56
N ASP B 60 27.55 -11.84 34.52
CA ASP B 60 28.48 -10.85 34.00
C ASP B 60 28.47 -9.58 34.84
N LEU B 61 29.57 -8.83 34.70
CA LEU B 61 29.75 -7.59 35.42
C LEU B 61 28.82 -6.49 34.92
N ASP B 62 28.62 -5.50 35.79
CA ASP B 62 27.92 -4.28 35.41
C ASP B 62 28.32 -3.18 36.38
N GLY B 63 28.10 -1.94 35.96
CA GLY B 63 28.23 -0.84 36.86
C GLY B 63 28.52 0.45 36.12
N ASP B 64 28.44 1.54 36.87
CA ASP B 64 28.63 2.87 36.31
C ASP B 64 30.11 3.16 36.09
N SER B 65 30.36 4.18 35.28
CA SER B 65 31.71 4.68 35.11
C SER B 65 32.01 5.71 36.19
N GLN B 66 33.23 6.21 36.22
CA GLN B 66 33.62 7.27 37.14
C GLN B 66 34.15 8.45 36.36
N VAL B 67 34.31 9.57 37.05
CA VAL B 67 34.88 10.77 36.47
C VAL B 67 36.39 10.62 36.59
N LEU B 68 37.05 10.45 35.46
CA LEU B 68 38.51 10.35 35.53
C LEU B 68 39.06 11.74 35.71
N ASN B 69 39.74 11.96 36.83
CA ASN B 69 40.14 13.28 37.23
C ASN B 69 41.35 13.17 38.12
N ASP B 70 42.22 14.16 38.07
CA ASP B 70 43.36 14.12 38.96
C ASP B 70 42.90 14.42 40.39
N THR B 71 43.83 14.29 41.33
CA THR B 71 43.58 14.49 42.76
C THR B 71 42.47 13.59 43.29
N ASP B 72 42.21 12.46 42.61
CA ASP B 72 41.30 11.43 43.05
C ASP B 72 41.66 10.16 42.31
N ASP B 73 41.19 9.03 42.82
CA ASP B 73 41.57 7.76 42.23
C ASP B 73 40.34 6.88 42.08
N LEU B 74 40.50 5.81 41.30
CA LEU B 74 39.41 4.92 40.96
C LEU B 74 39.12 3.97 42.12
N VAL B 75 38.12 3.12 41.95
CA VAL B 75 37.83 2.05 42.91
C VAL B 75 37.49 0.79 42.10
N PRO B 76 37.92 -0.38 42.51
CA PRO B 76 37.63 -1.59 41.75
C PRO B 76 36.27 -2.17 42.12
N GLN B 77 35.88 -3.23 41.42
CA GLN B 77 34.56 -3.83 41.60
C GLN B 77 34.68 -5.35 41.42
N LYS B 78 33.56 -6.05 41.59
CA LYS B 78 33.56 -7.48 41.92
C LYS B 78 32.81 -8.30 40.89
N ILE B 79 32.71 -9.61 41.19
CA ILE B 79 32.02 -10.58 40.35
C ILE B 79 31.27 -11.52 41.30
N ASN B 80 30.39 -12.36 40.75
CA ASN B 80 29.62 -13.30 41.57
C ASN B 80 29.67 -14.74 41.09
N ALA B 81 28.85 -15.58 41.71
CA ALA B 81 28.69 -16.98 41.32
C ALA B 81 27.23 -17.37 41.51
N GLY B 82 26.81 -18.41 40.79
CA GLY B 82 25.41 -18.80 40.82
C GLY B 82 25.22 -20.29 40.66
N GLN B 83 24.01 -20.73 41.03
CA GLN B 83 23.77 -22.13 41.34
C GLN B 83 22.61 -22.67 40.50
N ASP B 84 22.60 -23.98 40.29
CA ASP B 84 21.59 -24.63 39.45
C ASP B 84 21.39 -26.06 39.92
N LYS B 85 20.17 -26.57 39.77
CA LYS B 85 19.90 -27.94 40.18
C LYS B 85 19.02 -28.64 39.14
N ALA B 86 18.77 -29.93 39.37
CA ALA B 86 18.03 -30.81 38.46
C ALA B 86 17.68 -32.08 39.23
N VAL B 87 17.03 -33.04 38.57
CA VAL B 87 16.55 -34.25 39.25
C VAL B 87 16.77 -35.47 38.36
N LEU B 88 16.99 -36.62 39.01
CA LEU B 88 17.07 -37.92 38.37
C LEU B 88 15.93 -38.80 38.86
N ILE B 89 15.10 -39.29 37.93
CA ILE B 89 13.94 -40.10 38.29
C ILE B 89 14.09 -41.47 37.67
N LEU B 90 13.32 -42.42 38.20
CA LEU B 90 13.37 -43.80 37.71
C LEU B 90 12.00 -44.45 37.84
N ARG B 91 11.64 -45.27 36.85
CA ARG B 91 10.31 -45.85 36.77
C ARG B 91 10.39 -47.24 36.18
N GLY B 92 9.46 -48.08 36.60
CA GLY B 92 9.34 -49.41 36.04
C GLY B 92 8.07 -50.07 36.53
N ASN B 93 7.61 -51.05 35.76
CA ASN B 93 6.44 -51.80 36.16
C ASN B 93 6.48 -53.17 35.49
N ALA B 94 5.48 -53.98 35.82
CA ALA B 94 5.47 -55.38 35.44
C ALA B 94 4.03 -55.86 35.40
N TRP B 95 3.73 -56.80 34.52
CA TRP B 95 2.42 -57.43 34.50
C TRP B 95 2.57 -58.88 34.11
N SER B 96 1.62 -59.68 34.59
CA SER B 96 1.67 -61.13 34.44
C SER B 96 0.90 -61.55 33.20
N SER B 97 0.60 -62.83 33.15
CA SER B 97 -0.33 -63.43 32.22
C SER B 97 -1.15 -64.40 33.04
N HIS B 98 -1.81 -65.32 32.36
CA HIS B 98 -2.34 -66.46 33.07
C HIS B 98 -1.89 -67.68 32.28
N ASP B 99 -2.33 -68.90 32.61
CA ASP B 99 -1.82 -70.02 31.81
C ASP B 99 -2.91 -70.86 31.18
N LEU B 100 -3.59 -71.62 32.03
CA LEU B 100 -4.65 -72.48 31.53
C LEU B 100 -5.65 -71.67 30.71
N ALA B 101 -5.82 -70.40 31.05
CA ALA B 101 -6.59 -69.52 30.19
C ALA B 101 -5.95 -69.37 28.83
N ALA B 102 -4.63 -69.43 28.77
CA ALA B 102 -3.98 -69.34 27.47
C ALA B 102 -4.32 -70.55 26.62
N THR B 103 -4.04 -71.75 27.12
CA THR B 103 -4.28 -72.88 26.22
C THR B 103 -5.75 -73.25 26.10
N LEU B 104 -6.62 -72.65 26.89
CA LEU B 104 -8.04 -72.83 26.74
C LEU B 104 -8.68 -71.70 25.94
N SER B 105 -7.92 -70.68 25.61
CA SER B 105 -8.44 -69.48 24.97
C SER B 105 -8.20 -69.41 23.46
N GLY B 106 -7.50 -70.37 22.88
CA GLY B 106 -7.30 -70.38 21.45
C GLY B 106 -6.07 -69.65 20.96
N SER B 107 -5.52 -68.73 21.74
CA SER B 107 -4.25 -68.09 21.38
C SER B 107 -3.51 -67.78 22.67
N ASP B 108 -2.47 -66.95 22.58
CA ASP B 108 -1.60 -66.75 23.73
C ASP B 108 -1.62 -65.30 24.18
N PRO B 109 -2.11 -64.98 25.38
CA PRO B 109 -2.13 -63.58 25.81
C PRO B 109 -0.75 -62.96 25.87
N MET B 110 0.21 -63.70 26.43
CA MET B 110 1.54 -63.17 26.60
C MET B 110 2.11 -62.68 25.27
N GLN B 111 1.81 -63.38 24.18
CA GLN B 111 2.30 -62.96 22.88
C GLN B 111 1.82 -61.54 22.54
N ALA B 112 0.51 -61.35 22.53
CA ALA B 112 -0.04 -60.07 22.12
C ALA B 112 0.45 -58.95 23.02
N ILE B 113 0.27 -59.11 24.33
CA ILE B 113 0.64 -58.02 25.21
C ILE B 113 2.14 -57.74 25.12
N GLY B 114 2.93 -58.80 25.09
CA GLY B 114 4.36 -58.64 24.96
C GLY B 114 4.76 -57.94 23.68
N SER B 115 3.93 -58.02 22.66
CA SER B 115 4.20 -57.21 21.47
C SER B 115 3.77 -55.76 21.67
N ARG B 116 2.64 -55.55 22.33
CA ARG B 116 2.14 -54.20 22.48
C ARG B 116 3.03 -53.33 23.35
N VAL B 117 3.83 -53.92 24.25
CA VAL B 117 4.56 -53.14 25.23
C VAL B 117 5.35 -51.99 24.63
N ALA B 118 5.81 -52.13 23.40
CA ALA B 118 6.82 -51.22 22.86
C ALA B 118 6.37 -49.77 22.94
N ALA B 119 5.20 -49.45 22.42
CA ALA B 119 4.75 -48.07 22.38
C ALA B 119 4.00 -47.66 23.62
N TYR B 120 3.90 -48.53 24.62
CA TYR B 120 3.21 -48.14 25.84
C TYR B 120 3.93 -47.03 26.59
N TRP B 121 5.21 -46.80 26.30
CA TRP B 121 5.94 -45.81 27.09
C TRP B 121 5.68 -44.37 26.64
N ALA B 122 5.43 -44.16 25.36
CA ALA B 122 5.22 -42.81 24.86
C ALA B 122 4.23 -42.05 25.74
N ARG B 123 2.99 -42.52 25.78
CA ARG B 123 1.97 -41.82 26.54
C ARG B 123 2.36 -41.64 28.01
N GLU B 124 3.21 -42.51 28.54
CA GLU B 124 3.80 -42.22 29.84
C GLU B 124 4.63 -40.95 29.80
N MET B 125 5.57 -40.87 28.87
CA MET B 125 6.46 -39.71 28.82
C MET B 125 5.64 -38.43 28.70
N GLN B 126 4.67 -38.40 27.79
CA GLN B 126 3.79 -37.24 27.69
C GLN B 126 3.14 -36.93 29.04
N LYS B 127 2.61 -37.97 29.69
CA LYS B 127 1.99 -37.80 31.00
C LYS B 127 2.94 -37.16 32.00
N ILE B 128 4.24 -37.42 31.90
CA ILE B 128 5.18 -36.75 32.78
C ILE B 128 5.31 -35.28 32.39
N VAL B 129 5.53 -35.03 31.09
CA VAL B 129 5.89 -33.69 30.66
C VAL B 129 4.82 -32.68 31.04
N PHE B 130 3.56 -32.97 30.72
CA PHE B 130 2.50 -31.99 31.01
C PHE B 130 2.48 -31.61 32.47
N ALA B 131 2.40 -32.60 33.36
CA ALA B 131 2.38 -32.30 34.78
C ALA B 131 3.61 -31.48 35.17
N GLU B 132 4.76 -31.75 34.55
CA GLU B 132 5.94 -31.01 34.97
C GLU B 132 5.85 -29.53 34.60
N LEU B 133 5.64 -29.22 33.32
CA LEU B 133 5.48 -27.81 32.94
C LEU B 133 4.46 -27.13 33.82
N ALA B 134 3.31 -27.79 34.03
CA ALA B 134 2.35 -27.28 34.99
C ALA B 134 3.00 -27.05 36.35
N GLY B 135 4.08 -27.78 36.63
CA GLY B 135 4.85 -27.50 37.83
C GLY B 135 5.61 -26.19 37.75
N VAL B 136 6.43 -26.00 36.70
CA VAL B 136 7.18 -24.75 36.59
C VAL B 136 6.28 -23.57 36.79
N PHE B 137 5.19 -23.51 36.03
CA PHE B 137 4.36 -22.31 36.13
C PHE B 137 3.42 -22.36 37.32
N SER B 138 3.50 -23.38 38.16
CA SER B 138 2.54 -23.48 39.23
C SER B 138 2.74 -22.32 40.17
N ASN B 139 1.71 -21.49 40.29
CA ASN B 139 1.49 -20.63 41.45
C ASN B 139 2.74 -19.92 41.92
N ASP B 140 3.66 -19.59 41.01
CA ASP B 140 4.87 -18.88 41.40
C ASP B 140 4.91 -17.54 40.73
N ASP B 141 4.77 -16.49 41.54
CA ASP B 141 4.78 -15.14 41.02
C ASP B 141 6.11 -14.79 40.37
N MET B 142 7.13 -15.64 40.53
CA MET B 142 8.41 -15.34 39.91
C MET B 142 8.43 -15.67 38.43
N LYS B 143 7.45 -16.42 37.95
CA LYS B 143 7.35 -16.68 36.52
C LYS B 143 6.34 -15.81 35.79
N ASP B 144 5.61 -14.95 36.49
CA ASP B 144 4.38 -14.40 35.91
C ASP B 144 4.62 -13.72 34.58
N ASN B 145 5.85 -13.32 34.28
CA ASN B 145 6.10 -12.54 33.09
C ASN B 145 5.95 -13.35 31.82
N LYS B 146 5.89 -14.67 31.91
CA LYS B 146 5.68 -15.50 30.73
C LYS B 146 4.26 -15.98 30.60
N LEU B 147 3.37 -15.59 31.51
CA LEU B 147 1.99 -16.03 31.44
C LEU B 147 1.10 -14.85 31.10
N ASP B 148 0.02 -15.16 30.40
CA ASP B 148 -0.99 -14.18 29.99
C ASP B 148 -2.34 -14.81 30.30
N ILE B 149 -3.11 -14.21 31.20
CA ILE B 149 -4.41 -14.74 31.54
C ILE B 149 -5.48 -13.92 30.82
N SER B 150 -6.13 -14.54 29.85
CA SER B 150 -7.23 -13.91 29.15
C SER B 150 -8.58 -14.29 29.71
N GLY B 151 -8.63 -15.03 30.82
CA GLY B 151 -9.90 -15.43 31.40
C GLY B 151 -10.66 -14.21 31.88
N THR B 152 -11.81 -14.41 32.54
CA THR B 152 -12.72 -13.35 32.99
C THR B 152 -13.74 -12.94 31.94
N ALA B 153 -13.83 -13.69 30.83
CA ALA B 153 -14.97 -13.74 29.89
C ALA B 153 -14.95 -12.81 28.68
N ASP B 154 -13.92 -12.04 28.45
CA ASP B 154 -13.74 -11.45 27.12
C ASP B 154 -12.51 -12.06 26.43
N GLY B 155 -12.60 -12.15 25.12
CA GLY B 155 -11.49 -12.53 24.26
C GLY B 155 -11.53 -13.98 23.85
N ILE B 156 -11.32 -14.19 22.56
CA ILE B 156 -11.67 -15.44 21.91
C ILE B 156 -10.48 -16.24 21.43
N TYR B 157 -9.25 -15.76 21.59
CA TYR B 157 -8.13 -16.26 20.80
C TYR B 157 -8.38 -16.00 19.31
N SER B 158 -8.28 -14.72 18.94
CA SER B 158 -8.22 -14.37 17.53
C SER B 158 -7.38 -13.13 17.36
N ALA B 159 -6.46 -13.16 16.40
CA ALA B 159 -6.06 -11.97 15.66
C ALA B 159 -5.45 -10.87 16.50
N GLU B 160 -5.57 -10.93 17.83
CA GLU B 160 -4.91 -9.94 18.66
C GLU B 160 -4.19 -10.54 19.86
N THR B 161 -4.98 -11.07 20.80
CA THR B 161 -4.40 -11.57 22.04
C THR B 161 -3.24 -12.51 21.75
N PHE B 162 -3.41 -13.39 20.77
CA PHE B 162 -2.29 -14.20 20.29
C PHE B 162 -1.10 -13.35 19.91
N VAL B 163 -1.33 -12.23 19.23
CA VAL B 163 -0.18 -11.40 18.86
C VAL B 163 0.53 -10.88 20.09
N ASP B 164 -0.22 -10.26 21.01
CA ASP B 164 0.43 -9.66 22.18
C ASP B 164 1.17 -10.71 22.99
N ALA B 165 0.45 -11.72 23.47
CA ALA B 165 1.12 -12.77 24.22
C ALA B 165 2.22 -13.43 23.42
N SER B 166 2.19 -13.30 22.10
CA SER B 166 3.30 -13.79 21.29
C SER B 166 4.50 -12.87 21.37
N TYR B 167 4.30 -11.57 21.54
CA TYR B 167 5.41 -10.66 21.78
C TYR B 167 5.80 -10.59 23.23
N LYS B 168 5.17 -11.38 24.10
CA LYS B 168 5.47 -11.23 25.53
C LYS B 168 6.95 -11.37 25.84
N LEU B 169 7.75 -11.91 24.94
CA LEU B 169 9.19 -11.73 25.02
C LEU B 169 9.50 -10.47 24.23
N GLY B 170 9.84 -9.39 24.94
CA GLY B 170 9.80 -8.09 24.30
C GLY B 170 10.83 -7.87 23.22
N ASP B 171 12.10 -7.98 23.57
CA ASP B 171 13.13 -7.72 22.58
C ASP B 171 13.29 -8.88 21.61
N HIS B 172 13.42 -10.07 22.14
CA HIS B 172 13.62 -11.26 21.32
C HIS B 172 12.29 -11.75 20.78
N GLU B 173 12.23 -11.88 19.47
CA GLU B 173 11.13 -12.48 18.75
C GLU B 173 11.76 -13.46 17.78
N SER B 174 10.93 -14.28 17.15
CA SER B 174 11.41 -15.30 16.23
C SER B 174 12.35 -16.26 16.91
N LEU B 175 12.25 -16.35 18.23
CA LEU B 175 12.75 -17.52 18.93
C LEU B 175 11.64 -18.50 19.21
N LEU B 176 10.41 -18.17 18.85
CA LEU B 176 9.30 -19.10 18.96
C LEU B 176 9.01 -19.67 17.59
N THR B 177 8.60 -20.93 17.55
CA THR B 177 8.38 -21.62 16.30
C THR B 177 7.04 -22.33 16.25
N ALA B 178 6.81 -23.28 17.15
CA ALA B 178 5.62 -24.09 17.13
C ALA B 178 4.65 -23.70 18.23
N ILE B 179 3.36 -23.89 17.96
CA ILE B 179 2.30 -23.53 18.87
C ILE B 179 1.60 -24.80 19.32
N GLY B 180 1.56 -25.03 20.63
CA GLY B 180 0.72 -26.10 21.14
C GLY B 180 -0.75 -25.75 21.01
N MET B 181 -1.57 -26.77 20.84
CA MET B 181 -2.94 -26.45 20.44
C MET B 181 -3.86 -27.58 20.86
N HIS B 182 -5.14 -27.23 20.98
CA HIS B 182 -6.24 -28.19 21.10
C HIS B 182 -7.12 -28.08 19.87
N SER B 183 -7.81 -29.17 19.55
CA SER B 183 -8.62 -29.23 18.33
C SER B 183 -9.67 -28.12 18.28
N ALA B 184 -10.53 -28.05 19.30
CA ALA B 184 -11.65 -27.11 19.28
C ALA B 184 -11.16 -25.67 19.08
N THR B 185 -9.98 -25.35 19.58
CA THR B 185 -9.41 -24.04 19.28
C THR B 185 -9.36 -23.87 17.77
N MET B 186 -8.47 -24.61 17.10
CA MET B 186 -8.27 -24.33 15.69
C MET B 186 -9.56 -24.47 14.91
N ALA B 187 -10.56 -25.16 15.46
CA ALA B 187 -11.90 -25.03 14.91
C ALA B 187 -12.36 -23.56 14.96
N SER B 188 -12.40 -23.01 16.17
CA SER B 188 -12.78 -21.60 16.30
C SER B 188 -11.87 -20.71 15.48
N ALA B 189 -10.67 -21.18 15.15
CA ALA B 189 -9.79 -20.39 14.32
C ALA B 189 -10.25 -20.42 12.87
N VAL B 190 -10.51 -21.60 12.33
CA VAL B 190 -10.89 -21.68 10.92
C VAL B 190 -12.26 -21.07 10.69
N LYS B 191 -13.06 -20.90 11.74
CA LYS B 191 -14.28 -20.12 11.54
C LYS B 191 -14.00 -18.66 11.17
N GLN B 192 -12.85 -18.11 11.53
CA GLN B 192 -12.52 -16.71 11.24
C GLN B 192 -11.16 -16.58 10.55
N ASP B 193 -10.12 -16.98 11.27
CA ASP B 193 -8.75 -16.69 10.94
C ASP B 193 -8.36 -17.34 9.62
N LEU B 194 -7.21 -16.91 9.11
CA LEU B 194 -6.74 -17.18 7.77
C LEU B 194 -5.95 -18.48 7.62
N ILE B 195 -5.93 -19.36 8.62
CA ILE B 195 -4.80 -20.27 8.86
C ILE B 195 -4.31 -20.82 7.54
N GLU B 196 -3.04 -20.60 7.26
CA GLU B 196 -2.50 -20.65 5.91
C GLU B 196 -1.71 -21.94 5.72
N PHE B 197 -1.80 -22.50 4.52
CA PHE B 197 -1.18 -23.78 4.22
C PHE B 197 0.16 -23.58 3.54
N VAL B 198 1.14 -24.36 3.96
CA VAL B 198 2.47 -24.36 3.37
C VAL B 198 2.95 -25.81 3.33
N LYS B 199 3.67 -26.16 2.27
CA LYS B 199 4.36 -27.43 2.17
C LYS B 199 5.81 -27.16 1.79
N ASP B 200 6.73 -27.86 2.43
CA ASP B 200 8.14 -27.60 2.17
C ASP B 200 8.85 -28.83 1.65
N SER B 201 9.13 -29.79 2.53
CA SER B 201 9.90 -30.95 2.16
C SER B 201 9.13 -31.84 1.20
N GLN B 202 9.86 -32.70 0.50
CA GLN B 202 9.25 -33.57 -0.48
C GLN B 202 9.14 -35.01 0.03
N SER B 203 7.93 -35.45 0.33
CA SER B 203 6.75 -34.60 0.40
C SER B 203 5.77 -35.12 1.41
N GLY B 204 5.02 -34.21 2.02
CA GLY B 204 3.87 -34.59 2.83
C GLY B 204 2.89 -33.45 2.82
N ILE B 205 1.62 -33.77 3.01
CA ILE B 205 0.58 -32.76 2.89
C ILE B 205 -0.43 -32.86 4.02
N ARG B 206 -0.55 -31.83 4.84
CA ARG B 206 0.33 -30.66 4.81
C ARG B 206 0.40 -30.09 6.22
N PHE B 207 1.56 -29.61 6.62
CA PHE B 207 1.66 -29.03 7.95
C PHE B 207 1.13 -27.60 7.91
N PRO B 208 0.13 -27.27 8.70
CA PRO B 208 -0.45 -25.93 8.66
C PRO B 208 0.47 -24.91 9.31
N THR B 209 0.15 -23.65 9.07
CA THR B 209 0.97 -22.53 9.54
C THR B 209 0.08 -21.35 9.86
N TYR B 210 0.46 -20.59 10.89
CA TYR B 210 -0.24 -19.35 11.15
C TYR B 210 0.57 -18.17 10.67
N MET B 211 1.56 -17.74 11.43
CA MET B 211 2.48 -16.69 10.98
C MET B 211 3.89 -17.11 11.37
N ASN B 212 4.69 -17.50 10.38
CA ASN B 212 6.04 -18.00 10.63
C ASN B 212 6.07 -18.94 11.82
N LYS B 213 5.05 -19.77 11.92
CA LYS B 213 4.96 -20.72 13.01
C LYS B 213 4.46 -22.06 12.49
N ARG B 214 4.71 -23.08 13.28
CA ARG B 214 4.09 -24.38 13.05
C ARG B 214 3.00 -24.58 14.10
N VAL B 215 1.95 -25.27 13.70
CA VAL B 215 0.82 -25.54 14.58
C VAL B 215 0.70 -27.05 14.70
N ILE B 216 0.64 -27.55 15.93
CA ILE B 216 0.67 -28.98 16.19
C ILE B 216 -0.63 -29.36 16.87
N VAL B 217 -1.40 -30.19 16.19
CA VAL B 217 -2.74 -30.54 16.65
C VAL B 217 -2.62 -31.73 17.61
N ASP B 218 -3.31 -31.65 18.75
CA ASP B 218 -3.36 -32.79 19.64
C ASP B 218 -4.65 -32.74 20.44
N ASP B 219 -5.04 -33.90 20.96
CA ASP B 219 -6.28 -34.03 21.71
C ASP B 219 -6.08 -33.97 23.21
N SER B 220 -4.86 -33.83 23.69
CA SER B 220 -4.64 -33.80 25.14
C SER B 220 -3.80 -32.59 25.53
N MET B 221 -4.45 -31.63 26.19
CA MET B 221 -3.85 -30.53 26.94
C MET B 221 -4.79 -30.24 28.07
N PRO B 222 -4.29 -29.86 29.24
CA PRO B 222 -5.17 -29.71 30.40
C PRO B 222 -6.36 -28.81 30.09
N VAL B 223 -7.52 -29.22 30.57
CA VAL B 223 -8.73 -28.44 30.44
C VAL B 223 -9.47 -28.45 31.78
N GLU B 224 -9.58 -27.27 32.39
CA GLU B 224 -10.24 -27.14 33.67
C GLU B 224 -11.74 -26.93 33.45
N THR B 225 -12.47 -26.76 34.53
CA THR B 225 -13.87 -26.38 34.43
C THR B 225 -14.22 -25.56 35.66
N LEU B 226 -14.98 -24.51 35.48
CA LEU B 226 -15.57 -23.79 36.60
C LEU B 226 -17.00 -24.28 36.78
N GLU B 227 -17.76 -23.62 37.65
CA GLU B 227 -19.18 -23.89 37.64
C GLU B 227 -19.82 -23.17 36.45
N ASP B 228 -21.11 -23.40 36.25
CA ASP B 228 -21.85 -22.84 35.12
C ASP B 228 -21.24 -23.23 33.78
N GLY B 229 -20.54 -24.37 33.75
CA GLY B 229 -20.15 -25.03 32.51
C GLY B 229 -19.44 -24.20 31.47
N THR B 230 -18.37 -23.52 31.84
CA THR B 230 -17.59 -22.73 30.91
C THR B 230 -16.16 -23.25 30.90
N LYS B 231 -15.68 -23.63 29.73
CA LYS B 231 -14.42 -24.34 29.63
C LYS B 231 -13.27 -23.36 29.41
N VAL B 232 -12.12 -23.69 30.00
CA VAL B 232 -10.91 -22.90 29.88
C VAL B 232 -9.83 -23.79 29.28
N PHE B 233 -9.05 -23.23 28.37
CA PHE B 233 -8.02 -23.95 27.65
C PHE B 233 -6.67 -23.29 27.92
N THR B 234 -5.60 -24.01 27.56
CA THR B 234 -4.25 -23.55 27.86
C THR B 234 -3.41 -23.42 26.61
N SER B 235 -3.08 -24.52 25.93
CA SER B 235 -2.34 -24.44 24.67
C SER B 235 -0.98 -23.76 24.82
N TYR B 236 -0.01 -24.45 25.41
CA TYR B 236 1.31 -23.87 25.59
C TYR B 236 1.89 -23.38 24.27
N LEU B 237 2.68 -22.33 24.36
CA LEU B 237 3.46 -21.82 23.25
C LEU B 237 4.93 -22.02 23.61
N PHE B 238 5.55 -23.02 23.01
CA PHE B 238 6.94 -23.34 23.30
C PHE B 238 7.84 -22.83 22.20
N GLY B 239 7.68 -23.34 21.00
CA GLY B 239 8.38 -22.87 19.84
C GLY B 239 9.87 -22.82 20.03
N ALA B 240 10.36 -23.51 21.05
CA ALA B 240 11.75 -23.35 21.45
C ALA B 240 12.66 -24.16 20.54
N GLY B 241 12.56 -25.48 20.63
CA GLY B 241 13.52 -26.29 19.94
C GLY B 241 14.90 -25.99 20.47
N ALA B 242 15.19 -26.18 21.76
CA ALA B 242 14.32 -26.87 22.71
C ALA B 242 14.79 -26.69 24.13
N LEU B 243 14.17 -27.45 25.02
CA LEU B 243 14.74 -27.84 26.30
C LEU B 243 15.44 -29.19 26.11
N GLY B 244 15.83 -29.89 27.18
CA GLY B 244 16.58 -31.12 26.98
C GLY B 244 16.33 -32.22 28.01
N TYR B 245 16.70 -33.45 27.63
CA TYR B 245 16.75 -34.60 28.54
C TYR B 245 17.61 -35.69 27.93
N ALA B 246 18.06 -36.62 28.78
CA ALA B 246 18.91 -37.74 28.35
C ALA B 246 18.50 -39.01 29.06
N GLU B 247 18.63 -40.15 28.37
CA GLU B 247 17.94 -41.35 28.83
C GLU B 247 18.66 -42.10 29.95
N GLY B 248 19.94 -42.40 29.77
CA GLY B 248 20.59 -43.27 30.73
C GLY B 248 20.09 -44.72 30.69
N GLN B 249 20.68 -45.53 31.57
CA GLN B 249 20.35 -46.96 31.67
C GLN B 249 20.41 -47.50 33.10
N PRO B 250 19.50 -48.40 33.46
CA PRO B 250 19.71 -49.30 34.59
C PRO B 250 20.51 -50.50 34.14
N GLU B 251 20.58 -51.54 34.95
CA GLU B 251 20.99 -52.86 34.49
C GLU B 251 19.84 -53.83 34.61
N VAL B 252 19.91 -54.89 33.82
CA VAL B 252 18.83 -55.86 33.68
C VAL B 252 17.58 -55.12 33.16
N PRO B 253 17.57 -54.69 31.90
CA PRO B 253 16.37 -54.01 31.40
C PRO B 253 15.19 -54.94 31.21
N THR B 254 15.41 -56.23 30.98
CA THR B 254 14.32 -57.15 30.69
C THR B 254 14.60 -58.49 31.35
N GLU B 255 13.61 -59.02 32.05
CA GLU B 255 13.76 -60.24 32.82
C GLU B 255 12.50 -61.08 32.70
N THR B 256 12.68 -62.39 32.73
CA THR B 256 11.58 -63.33 32.67
C THR B 256 11.67 -64.27 33.86
N ALA B 257 10.58 -64.43 34.58
CA ALA B 257 10.60 -65.31 35.74
C ALA B 257 9.23 -65.94 35.90
N ARG B 258 9.24 -67.22 36.27
CA ARG B 258 7.99 -67.96 36.38
C ARG B 258 7.94 -68.72 37.69
N ASN B 259 6.74 -69.08 38.08
CA ASN B 259 6.46 -69.64 39.39
C ASN B 259 6.12 -71.11 39.19
N ALA B 260 7.00 -72.00 39.61
CA ALA B 260 6.90 -73.40 39.22
C ALA B 260 5.73 -74.10 39.89
N LEU B 261 5.63 -74.00 41.21
CA LEU B 261 4.58 -74.73 41.90
C LEU B 261 3.19 -74.21 41.56
N GLY B 262 3.08 -72.93 41.22
CA GLY B 262 1.91 -72.41 40.57
C GLY B 262 2.06 -72.43 39.07
N SER B 263 1.16 -71.74 38.39
CA SER B 263 1.32 -71.53 36.96
C SER B 263 1.10 -70.05 36.66
N GLN B 264 2.18 -69.36 36.31
CA GLN B 264 2.14 -67.95 35.95
C GLN B 264 3.39 -67.64 35.14
N ASP B 265 3.38 -66.47 34.52
CA ASP B 265 4.60 -65.86 34.02
C ASP B 265 4.37 -64.36 33.88
N ILE B 266 5.46 -63.61 33.84
CA ILE B 266 5.43 -62.17 34.03
C ILE B 266 6.50 -61.53 33.16
N LEU B 267 6.35 -60.23 32.90
CA LEU B 267 7.39 -59.42 32.29
C LEU B 267 7.68 -58.22 33.17
N ILE B 268 8.86 -57.60 32.97
CA ILE B 268 9.29 -56.42 33.71
C ILE B 268 10.10 -55.52 32.79
N ASN B 269 10.17 -54.23 33.13
CA ASN B 269 10.88 -53.28 32.27
C ASN B 269 11.89 -52.36 32.99
N ARG B 270 11.42 -51.51 33.91
CA ARG B 270 12.31 -50.73 34.78
C ARG B 270 13.39 -49.93 34.06
N LYS B 271 13.06 -48.78 33.50
CA LYS B 271 14.04 -47.92 32.85
C LYS B 271 14.29 -46.64 33.64
N HIS B 272 15.53 -46.13 33.58
CA HIS B 272 15.88 -44.82 34.15
C HIS B 272 15.85 -43.75 33.06
N PHE B 273 15.45 -42.53 33.43
CA PHE B 273 15.70 -41.39 32.54
C PHE B 273 15.68 -40.08 33.33
N VAL B 274 16.32 -39.07 32.76
CA VAL B 274 16.57 -37.78 33.41
C VAL B 274 16.06 -36.67 32.51
N LEU B 275 15.25 -35.78 33.08
CA LEU B 275 14.62 -34.71 32.33
C LEU B 275 14.42 -33.50 33.22
N HIS B 276 14.66 -32.30 32.67
CA HIS B 276 14.39 -31.06 33.40
C HIS B 276 14.66 -29.85 32.52
N PRO B 277 13.84 -28.81 32.61
CA PRO B 277 14.05 -27.61 31.81
C PRO B 277 15.19 -26.80 32.37
N ARG B 278 16.01 -26.24 31.49
CA ARG B 278 17.01 -25.33 32.04
C ARG B 278 17.08 -23.96 31.37
N GLY B 279 16.59 -22.97 32.11
CA GLY B 279 15.59 -23.25 33.11
C GLY B 279 15.78 -23.19 34.61
N VAL B 280 14.61 -23.27 35.24
CA VAL B 280 14.47 -23.15 36.67
C VAL B 280 15.34 -24.15 37.42
N LYS B 281 15.78 -23.75 38.61
CA LYS B 281 16.49 -24.63 39.53
C LYS B 281 15.50 -25.49 40.31
N PHE B 282 15.97 -26.63 40.78
CA PHE B 282 15.18 -27.54 41.60
C PHE B 282 15.64 -27.47 43.05
N THR B 283 14.72 -27.67 43.98
CA THR B 283 15.05 -27.58 45.39
C THR B 283 14.44 -28.74 46.15
N GLU B 284 14.86 -28.91 47.38
CA GLU B 284 14.36 -29.97 48.24
C GLU B 284 13.44 -29.34 49.29
N ASN B 285 12.14 -29.54 49.15
CA ASN B 285 11.16 -29.16 50.17
C ASN B 285 9.95 -30.07 50.08
N ALA B 286 9.33 -30.30 51.23
CA ALA B 286 8.03 -30.96 51.37
C ALA B 286 7.97 -32.24 50.55
N MET B 287 9.10 -32.95 50.48
CA MET B 287 9.19 -34.11 49.60
C MET B 287 9.83 -35.29 50.31
N ALA B 288 9.16 -36.44 50.24
CA ALA B 288 9.69 -37.69 50.77
C ALA B 288 10.68 -38.25 49.76
N GLY B 289 11.02 -39.53 49.87
CA GLY B 289 12.05 -40.08 49.04
C GLY B 289 12.43 -41.50 49.43
N THR B 290 13.69 -41.86 49.21
CA THR B 290 14.68 -40.95 48.63
C THR B 290 15.76 -41.64 47.81
N THR B 291 16.05 -41.12 46.62
CA THR B 291 15.10 -40.41 45.78
C THR B 291 14.84 -41.48 44.74
N PRO B 292 14.07 -41.22 43.68
CA PRO B 292 13.42 -40.09 43.03
C PRO B 292 12.28 -39.54 43.82
N THR B 293 11.49 -38.74 43.14
CA THR B 293 10.40 -38.06 43.80
C THR B 293 9.04 -38.70 43.63
N ASP B 294 8.38 -38.42 42.50
CA ASP B 294 6.94 -38.65 42.33
C ASP B 294 6.42 -38.08 41.03
N GLU B 295 5.12 -38.24 40.80
CA GLU B 295 4.40 -37.34 39.91
C GLU B 295 3.85 -36.13 40.67
N GLU B 296 2.90 -36.37 41.58
CA GLU B 296 2.31 -35.33 42.39
C GLU B 296 3.38 -34.41 42.99
N LEU B 297 4.33 -35.01 43.69
CA LEU B 297 5.37 -34.23 44.35
C LEU B 297 6.27 -33.56 43.33
N ALA B 298 6.44 -34.15 42.16
CA ALA B 298 7.07 -33.42 41.08
C ALA B 298 6.19 -32.29 40.57
N ASN B 299 4.97 -32.17 41.08
CA ASN B 299 4.10 -31.09 40.67
C ASN B 299 3.99 -29.98 41.71
N GLY B 300 3.52 -30.30 42.90
CA GLY B 300 2.75 -29.37 43.70
C GLY B 300 3.26 -27.95 43.81
N ALA B 301 4.50 -27.74 44.22
CA ALA B 301 4.99 -26.39 44.43
C ALA B 301 6.50 -26.45 44.60
N ASN B 302 7.08 -25.33 45.01
CA ASN B 302 8.48 -25.26 45.37
C ASN B 302 9.39 -25.59 44.19
N TRP B 303 9.33 -24.71 43.19
CA TRP B 303 10.38 -24.56 42.20
C TRP B 303 10.78 -23.09 42.13
N GLN B 304 12.04 -22.84 41.78
CA GLN B 304 12.60 -21.50 41.80
C GLN B 304 13.63 -21.34 40.70
N ARG B 305 13.59 -20.20 40.01
CA ARG B 305 14.39 -19.93 38.82
C ARG B 305 15.50 -18.93 39.11
N VAL B 306 16.58 -19.00 38.35
CA VAL B 306 17.46 -17.86 38.18
C VAL B 306 17.98 -17.81 36.75
N TYR B 307 17.54 -16.82 35.97
CA TYR B 307 18.31 -16.27 34.82
C TYR B 307 18.24 -14.74 34.76
N ASP B 308 17.04 -14.12 34.79
CA ASP B 308 15.71 -14.64 34.50
C ASP B 308 15.16 -14.65 33.05
N PRO B 309 14.94 -13.46 32.51
CA PRO B 309 13.77 -13.26 31.66
C PRO B 309 13.76 -14.02 30.35
N LYS B 310 14.84 -13.92 29.61
CA LYS B 310 14.84 -14.50 28.29
C LYS B 310 15.39 -15.90 28.37
N LYS B 311 15.56 -16.49 27.19
CA LYS B 311 16.16 -17.82 27.03
C LYS B 311 15.62 -18.80 28.06
N ILE B 312 14.30 -18.83 28.20
CA ILE B 312 13.70 -19.88 29.01
C ILE B 312 13.54 -21.15 28.17
N ARG B 313 12.74 -21.23 27.11
CA ARG B 313 11.82 -20.23 26.57
C ARG B 313 10.46 -20.87 26.38
N ILE B 314 9.49 -20.52 27.21
CA ILE B 314 8.15 -21.05 27.09
C ILE B 314 7.18 -20.03 27.69
N VAL B 315 6.01 -19.90 27.07
CA VAL B 315 5.00 -18.96 27.51
C VAL B 315 3.63 -19.60 27.40
N GLN B 316 2.83 -19.50 28.46
CA GLN B 316 1.48 -20.04 28.43
C GLN B 316 0.47 -18.92 28.49
N PHE B 317 -0.65 -19.09 27.79
CA PHE B 317 -1.74 -18.14 27.96
C PHE B 317 -3.07 -18.86 27.93
N LYS B 318 -3.89 -18.62 28.96
CA LYS B 318 -5.20 -19.23 29.06
C LYS B 318 -6.25 -18.32 28.43
N HIS B 319 -7.20 -18.93 27.71
CA HIS B 319 -8.20 -18.15 27.00
C HIS B 319 -9.47 -18.97 26.85
N ARG B 320 -10.60 -18.27 26.86
CA ARG B 320 -11.84 -18.96 26.53
C ARG B 320 -11.89 -19.31 25.05
N LEU B 321 -12.76 -20.25 24.74
CA LEU B 321 -12.99 -20.72 23.38
C LEU B 321 -14.15 -19.92 22.78
N GLN B 322 -14.10 -19.74 21.46
CA GLN B 322 -15.09 -18.90 20.78
C GLN B 322 -16.50 -19.28 21.22
N ALA B 323 -17.27 -18.27 21.59
CA ALA B 323 -18.63 -18.47 22.06
C ALA B 323 -19.40 -17.17 21.96
N ALA C 1 -70.92 -30.02 -57.38
CA ALA C 1 -70.55 -30.28 -56.00
C ALA C 1 -69.10 -30.70 -55.92
N TYR C 2 -68.61 -30.97 -54.71
CA TYR C 2 -67.25 -31.40 -54.49
C TYR C 2 -67.26 -32.71 -53.71
N THR C 3 -66.13 -33.42 -53.69
CA THR C 3 -66.06 -34.59 -52.82
C THR C 3 -66.19 -34.20 -51.37
N LYS C 4 -65.72 -33.02 -51.00
CA LYS C 4 -66.13 -32.42 -49.74
C LYS C 4 -65.81 -33.32 -48.55
N ILE C 5 -64.60 -33.22 -48.02
CA ILE C 5 -63.89 -34.27 -47.31
C ILE C 5 -64.79 -35.18 -46.51
N SER C 6 -65.90 -34.65 -46.01
CA SER C 6 -66.78 -35.45 -45.15
C SER C 6 -67.20 -36.78 -45.76
N ASP C 7 -67.11 -36.94 -47.06
CA ASP C 7 -67.59 -38.19 -47.64
C ASP C 7 -66.57 -39.31 -47.57
N VAL C 8 -65.32 -39.05 -47.97
CA VAL C 8 -64.35 -40.12 -48.02
C VAL C 8 -63.93 -40.50 -46.60
N ILE C 9 -63.50 -41.75 -46.42
CA ILE C 9 -63.23 -42.26 -45.09
C ILE C 9 -61.75 -42.09 -44.74
N VAL C 10 -61.49 -41.72 -43.50
CA VAL C 10 -60.14 -41.43 -43.02
C VAL C 10 -59.63 -42.60 -42.19
N PRO C 11 -58.46 -43.12 -42.45
CA PRO C 11 -57.90 -44.18 -41.62
C PRO C 11 -57.28 -43.62 -40.36
N GLU C 12 -56.53 -44.44 -39.62
CA GLU C 12 -55.83 -44.03 -38.42
C GLU C 12 -54.46 -44.69 -38.44
N LEU C 13 -53.72 -44.57 -37.33
CA LEU C 13 -52.35 -45.05 -37.34
C LEU C 13 -51.92 -45.55 -35.96
N PHE C 14 -50.82 -46.30 -35.96
CA PHE C 14 -50.10 -46.71 -34.77
C PHE C 14 -48.65 -46.92 -35.13
N ASN C 15 -47.82 -47.04 -34.10
CA ASN C 15 -46.40 -47.34 -34.25
C ASN C 15 -45.96 -48.28 -33.15
N PRO C 16 -44.84 -48.97 -33.34
CA PRO C 16 -44.42 -49.97 -32.35
C PRO C 16 -44.20 -49.35 -30.99
N TYR C 17 -44.33 -50.18 -29.96
CA TYR C 17 -44.17 -49.72 -28.59
C TYR C 17 -42.72 -49.28 -28.33
N VAL C 18 -42.56 -48.46 -27.30
CA VAL C 18 -41.25 -48.05 -26.80
C VAL C 18 -41.26 -48.08 -25.28
N ILE C 19 -40.19 -48.61 -24.68
CA ILE C 19 -40.12 -48.69 -23.23
C ILE C 19 -39.87 -47.31 -22.66
N ASN C 20 -40.48 -47.04 -21.51
CA ASN C 20 -40.30 -45.82 -20.73
C ASN C 20 -39.53 -46.13 -19.47
N THR C 21 -38.83 -45.12 -18.94
CA THR C 21 -38.07 -45.29 -17.71
C THR C 21 -38.67 -44.43 -16.60
N THR C 22 -39.00 -45.07 -15.48
CA THR C 22 -39.31 -44.31 -14.28
C THR C 22 -38.02 -43.67 -13.77
N THR C 23 -38.08 -42.40 -13.45
CA THR C 23 -36.87 -41.67 -13.15
C THR C 23 -36.88 -41.24 -11.71
N GLN C 24 -36.08 -41.91 -10.90
CA GLN C 24 -35.24 -41.24 -9.92
C GLN C 24 -33.87 -41.88 -10.07
N LEU C 25 -32.91 -41.11 -10.56
CA LEU C 25 -31.57 -41.67 -10.70
C LEU C 25 -30.95 -41.61 -9.33
N SER C 26 -30.69 -42.77 -8.75
CA SER C 26 -30.41 -42.85 -7.33
C SER C 26 -29.17 -43.69 -7.14
N ALA C 27 -28.16 -43.10 -6.53
CA ALA C 27 -26.94 -43.83 -6.28
C ALA C 27 -26.65 -43.85 -4.79
N PHE C 28 -26.17 -42.73 -4.28
CA PHE C 28 -25.61 -42.66 -2.94
C PHE C 28 -24.50 -43.68 -2.79
N PHE C 29 -23.97 -44.13 -3.94
CA PHE C 29 -22.78 -44.96 -4.03
C PHE C 29 -21.83 -44.13 -4.89
N GLN C 30 -20.57 -43.99 -4.51
CA GLN C 30 -19.91 -44.73 -3.44
C GLN C 30 -20.01 -44.13 -2.06
N SER C 31 -20.12 -45.02 -1.08
CA SER C 31 -20.13 -44.72 0.34
C SER C 31 -19.67 -45.97 1.05
N GLY C 32 -19.84 -46.01 2.35
CA GLY C 32 -20.07 -47.30 2.94
C GLY C 32 -21.42 -47.49 2.31
N ILE C 33 -21.62 -48.54 1.53
CA ILE C 33 -20.71 -49.67 1.41
C ILE C 33 -19.77 -49.61 0.22
N ALA C 34 -18.57 -50.13 0.38
CA ALA C 34 -17.82 -50.66 -0.75
C ALA C 34 -16.89 -51.73 -0.23
N ALA C 35 -16.24 -52.42 -1.17
CA ALA C 35 -15.06 -53.25 -0.92
C ALA C 35 -15.12 -54.01 0.40
N THR C 36 -16.04 -54.96 0.53
CA THR C 36 -16.18 -55.58 1.83
C THR C 36 -15.03 -56.54 2.10
N ASP C 37 -14.82 -56.86 3.38
CA ASP C 37 -13.75 -57.74 3.81
C ASP C 37 -14.03 -59.18 3.39
N ASP C 38 -13.15 -60.09 3.80
CA ASP C 38 -13.40 -61.50 3.60
C ASP C 38 -14.00 -62.22 4.81
N GLU C 39 -14.04 -61.59 5.98
CA GLU C 39 -14.65 -62.26 7.13
C GLU C 39 -16.11 -62.54 6.86
N LEU C 40 -16.84 -61.49 6.54
CA LEU C 40 -18.21 -61.65 6.11
C LEU C 40 -18.30 -62.69 5.00
N ASN C 41 -17.29 -62.74 4.12
CA ASN C 41 -17.24 -63.81 3.13
C ASN C 41 -17.25 -65.18 3.79
N ALA C 42 -16.64 -65.29 4.97
CA ALA C 42 -16.78 -66.55 5.70
C ALA C 42 -18.20 -66.73 6.23
N LEU C 43 -18.96 -65.66 6.37
CA LEU C 43 -20.39 -65.88 6.65
C LEU C 43 -21.22 -66.22 5.44
N ALA C 44 -20.71 -65.96 4.23
CA ALA C 44 -21.61 -65.89 3.09
C ALA C 44 -22.01 -67.26 2.58
N LYS C 45 -21.10 -67.93 1.87
CA LYS C 45 -21.41 -69.18 1.23
C LYS C 45 -21.51 -70.30 2.26
N LYS C 46 -22.17 -71.38 1.85
CA LYS C 46 -22.17 -72.60 2.65
C LYS C 46 -20.76 -73.18 2.67
N ALA C 47 -20.38 -73.95 3.69
CA ALA C 47 -21.27 -74.39 4.76
C ALA C 47 -21.30 -73.45 5.96
N GLY C 48 -21.93 -73.90 7.03
CA GLY C 48 -21.92 -73.14 8.26
C GLY C 48 -22.64 -71.82 8.15
N GLY C 49 -23.91 -71.85 7.79
CA GLY C 49 -24.65 -70.63 7.53
C GLY C 49 -25.00 -69.88 8.78
N GLY C 50 -25.93 -68.92 8.62
CA GLY C 50 -26.35 -68.05 9.68
C GLY C 50 -26.97 -68.79 10.85
N SER C 51 -27.24 -68.10 11.95
CA SER C 51 -27.06 -66.67 12.05
C SER C 51 -25.61 -66.30 12.15
N THR C 52 -25.35 -65.01 12.29
CA THR C 52 -24.03 -64.47 12.02
C THR C 52 -23.02 -64.91 13.06
N LEU C 53 -21.75 -64.86 12.66
CA LEU C 53 -20.64 -65.18 13.51
C LEU C 53 -20.48 -64.13 14.60
N ASN C 54 -19.46 -64.34 15.42
CA ASN C 54 -19.02 -63.38 16.41
C ASN C 54 -17.51 -63.46 16.53
N MET C 55 -16.85 -62.30 16.59
CA MET C 55 -15.40 -62.23 16.59
C MET C 55 -14.90 -61.46 17.81
N PRO C 56 -13.84 -61.94 18.44
CA PRO C 56 -13.38 -61.32 19.68
C PRO C 56 -12.22 -60.36 19.46
N TYR C 57 -11.79 -59.74 20.55
CA TYR C 57 -10.65 -58.84 20.50
C TYR C 57 -10.09 -58.63 21.89
N TRP C 58 -8.81 -58.23 21.94
CA TRP C 58 -8.11 -57.94 23.18
C TRP C 58 -7.84 -56.45 23.24
N ASN C 59 -8.55 -55.75 24.13
CA ASN C 59 -8.34 -54.33 24.28
C ASN C 59 -7.01 -54.07 24.97
N ASP C 60 -6.25 -53.12 24.44
CA ASP C 60 -4.88 -52.92 24.85
C ASP C 60 -4.80 -52.54 26.32
N LEU C 61 -3.64 -52.78 26.90
CA LEU C 61 -3.45 -52.60 28.31
C LEU C 61 -3.52 -51.14 28.70
N ASP C 62 -3.74 -50.91 30.00
CA ASP C 62 -3.79 -49.57 30.54
C ASP C 62 -3.37 -49.59 32.00
N GLY C 63 -2.70 -48.54 32.42
CA GLY C 63 -2.43 -48.33 33.82
C GLY C 63 -1.23 -47.44 34.03
N ASP C 64 -1.07 -47.03 35.29
CA ASP C 64 0.06 -46.22 35.71
C ASP C 64 1.29 -47.08 35.99
N SER C 65 2.44 -46.45 35.95
CA SER C 65 3.63 -47.10 36.45
C SER C 65 3.66 -46.98 37.97
N GLN C 66 4.68 -47.56 38.61
CA GLN C 66 4.88 -47.40 40.05
C GLN C 66 6.25 -46.81 40.32
N VAL C 67 6.41 -46.26 41.51
CA VAL C 67 7.70 -45.71 41.91
C VAL C 67 8.59 -46.86 42.34
N LEU C 68 9.66 -47.10 41.59
CA LEU C 68 10.49 -48.27 41.81
C LEU C 68 11.47 -47.95 42.92
N ASN C 69 11.51 -48.79 43.94
CA ASN C 69 12.29 -48.52 45.12
C ASN C 69 12.57 -49.83 45.86
N ASP C 70 13.57 -49.81 46.74
CA ASP C 70 13.72 -50.91 47.66
C ASP C 70 12.60 -50.86 48.69
N THR C 71 12.61 -51.82 49.60
CA THR C 71 11.60 -51.94 50.66
C THR C 71 10.19 -52.09 50.08
N ASP C 72 10.09 -52.61 48.87
CA ASP C 72 8.80 -52.80 48.20
C ASP C 72 8.99 -53.82 47.10
N ASP C 73 7.88 -54.29 46.53
CA ASP C 73 7.95 -54.92 45.24
C ASP C 73 6.73 -54.53 44.42
N LEU C 74 6.71 -54.98 43.17
CA LEU C 74 5.72 -54.55 42.19
C LEU C 74 4.46 -55.42 42.28
N VAL C 75 3.51 -55.15 41.40
CA VAL C 75 2.30 -55.97 41.30
C VAL C 75 1.98 -56.13 39.82
N PRO C 76 1.50 -57.28 39.38
CA PRO C 76 1.17 -57.47 37.98
C PRO C 76 -0.24 -56.95 37.68
N GLN C 77 -0.62 -57.02 36.39
CA GLN C 77 -1.91 -56.55 35.93
C GLN C 77 -2.43 -57.50 34.85
N LYS C 78 -3.63 -57.20 34.33
CA LYS C 78 -4.43 -58.19 33.61
C LYS C 78 -4.92 -57.62 32.28
N ILE C 79 -5.52 -58.51 31.48
CA ILE C 79 -6.07 -58.16 30.19
C ILE C 79 -7.49 -58.69 30.12
N ASN C 80 -8.34 -58.08 29.29
CA ASN C 80 -9.71 -58.54 29.11
C ASN C 80 -10.04 -58.74 27.62
N ALA C 81 -11.30 -59.04 27.35
CA ALA C 81 -11.75 -59.31 26.00
C ALA C 81 -13.17 -58.79 25.80
N GLY C 82 -13.59 -58.71 24.53
CA GLY C 82 -14.88 -58.14 24.19
C GLY C 82 -15.49 -58.79 22.95
N GLN C 83 -16.74 -58.42 22.67
CA GLN C 83 -17.63 -59.19 21.82
C GLN C 83 -18.09 -58.37 20.61
N ASP C 84 -18.39 -59.06 19.51
CA ASP C 84 -18.81 -58.40 18.28
C ASP C 84 -19.75 -59.30 17.49
N LYS C 85 -20.75 -58.70 16.84
CA LYS C 85 -21.79 -59.48 16.17
C LYS C 85 -22.11 -58.87 14.81
N ALA C 86 -23.09 -59.46 14.13
CA ALA C 86 -23.69 -58.95 12.91
C ALA C 86 -24.95 -59.77 12.65
N VAL C 87 -25.59 -59.58 11.48
CA VAL C 87 -26.80 -60.30 11.12
C VAL C 87 -26.71 -60.71 9.67
N LEU C 88 -27.35 -61.83 9.33
CA LEU C 88 -27.51 -62.25 7.95
C LEU C 88 -28.98 -62.08 7.55
N ILE C 89 -29.21 -61.49 6.38
CA ILE C 89 -30.57 -61.23 5.93
C ILE C 89 -30.73 -61.69 4.49
N LEU C 90 -31.98 -61.85 4.06
CA LEU C 90 -32.27 -62.32 2.72
C LEU C 90 -33.63 -61.82 2.23
N ARG C 91 -33.74 -61.60 0.92
CA ARG C 91 -34.93 -61.03 0.32
C ARG C 91 -35.25 -61.72 -0.99
N GLY C 92 -36.37 -61.32 -1.58
CA GLY C 92 -36.80 -61.83 -2.87
C GLY C 92 -38.19 -61.32 -3.20
N ASN C 93 -38.55 -61.51 -4.47
CA ASN C 93 -39.92 -61.28 -4.90
C ASN C 93 -40.09 -61.88 -6.29
N ALA C 94 -41.28 -61.70 -6.85
CA ALA C 94 -41.61 -62.26 -8.14
C ALA C 94 -42.81 -61.52 -8.71
N TRP C 95 -43.01 -61.64 -10.01
CA TRP C 95 -44.18 -61.04 -10.64
C TRP C 95 -44.56 -61.81 -11.89
N SER C 96 -45.84 -61.80 -12.21
CA SER C 96 -46.39 -62.64 -13.28
C SER C 96 -46.50 -61.84 -14.57
N SER C 97 -47.18 -62.43 -15.53
CA SER C 97 -47.47 -61.86 -16.82
C SER C 97 -48.72 -62.56 -17.33
N HIS C 98 -48.98 -62.45 -18.63
CA HIS C 98 -50.07 -63.19 -19.27
C HIS C 98 -49.62 -63.88 -20.53
N ASP C 99 -50.62 -64.41 -21.23
CA ASP C 99 -50.38 -64.97 -22.55
C ASP C 99 -51.27 -64.25 -23.54
N LEU C 100 -52.58 -64.32 -23.33
CA LEU C 100 -53.50 -63.77 -24.31
C LEU C 100 -53.23 -62.30 -24.58
N ALA C 101 -53.11 -61.49 -23.53
CA ALA C 101 -52.82 -60.08 -23.75
C ALA C 101 -51.53 -59.89 -24.51
N ALA C 102 -50.58 -60.78 -24.31
CA ALA C 102 -49.34 -60.70 -25.06
C ALA C 102 -49.59 -60.92 -26.55
N THR C 103 -50.36 -61.93 -26.90
CA THR C 103 -50.55 -62.18 -28.33
C THR C 103 -51.51 -61.21 -28.98
N LEU C 104 -52.31 -60.49 -28.20
CA LEU C 104 -53.19 -59.51 -28.78
C LEU C 104 -52.63 -58.10 -28.75
N SER C 105 -51.55 -57.85 -28.01
CA SER C 105 -51.05 -56.50 -27.81
C SER C 105 -49.84 -56.12 -28.65
N GLY C 106 -49.27 -57.03 -29.41
CA GLY C 106 -48.18 -56.67 -30.30
C GLY C 106 -46.79 -57.07 -29.84
N SER C 107 -46.59 -57.39 -28.58
CA SER C 107 -45.31 -57.92 -28.10
C SER C 107 -45.55 -58.63 -26.79
N ASP C 108 -44.48 -59.01 -26.11
CA ASP C 108 -44.62 -59.77 -24.87
C ASP C 108 -44.22 -58.93 -23.67
N PRO C 109 -45.13 -58.65 -22.75
CA PRO C 109 -44.77 -57.92 -21.54
C PRO C 109 -43.60 -58.55 -20.81
N MET C 110 -43.61 -59.87 -20.71
CA MET C 110 -42.51 -60.59 -20.07
C MET C 110 -41.16 -60.17 -20.63
N GLN C 111 -41.10 -59.87 -21.93
CA GLN C 111 -39.81 -59.50 -22.52
C GLN C 111 -39.30 -58.19 -21.95
N ALA C 112 -40.10 -57.13 -22.07
CA ALA C 112 -39.67 -55.83 -21.60
C ALA C 112 -39.34 -55.88 -20.11
N ILE C 113 -40.26 -56.42 -19.32
CA ILE C 113 -40.02 -56.44 -17.89
C ILE C 113 -38.77 -57.24 -17.56
N GLY C 114 -38.56 -58.35 -18.26
CA GLY C 114 -37.39 -59.16 -18.01
C GLY C 114 -36.12 -58.44 -18.34
N SER C 115 -36.16 -57.54 -19.32
CA SER C 115 -34.99 -56.73 -19.61
C SER C 115 -34.87 -55.52 -18.71
N ARG C 116 -35.93 -55.17 -18.00
CA ARG C 116 -35.88 -54.06 -17.05
C ARG C 116 -35.51 -54.51 -15.65
N VAL C 117 -35.50 -55.81 -15.37
CA VAL C 117 -35.27 -56.25 -13.99
C VAL C 117 -33.89 -55.86 -13.50
N ALA C 118 -32.91 -55.78 -14.41
CA ALA C 118 -31.50 -55.79 -14.00
C ALA C 118 -31.18 -54.69 -13.00
N ALA C 119 -31.68 -53.48 -13.22
CA ALA C 119 -31.37 -52.40 -12.32
C ALA C 119 -32.40 -52.21 -11.22
N TYR C 120 -33.43 -53.04 -11.17
CA TYR C 120 -34.46 -52.84 -10.16
C TYR C 120 -33.87 -52.93 -8.77
N TRP C 121 -33.03 -53.93 -8.51
CA TRP C 121 -32.49 -54.09 -7.17
C TRP C 121 -31.68 -52.89 -6.71
N ALA C 122 -31.15 -52.11 -7.66
CA ALA C 122 -30.31 -50.99 -7.30
C ALA C 122 -31.00 -50.12 -6.26
N ARG C 123 -32.20 -49.64 -6.54
CA ARG C 123 -32.87 -48.80 -5.57
C ARG C 123 -33.22 -49.56 -4.30
N GLU C 124 -33.48 -50.85 -4.40
CA GLU C 124 -33.76 -51.64 -3.20
C GLU C 124 -32.62 -51.52 -2.21
N MET C 125 -31.40 -51.89 -2.62
CA MET C 125 -30.29 -51.89 -1.67
C MET C 125 -30.22 -50.56 -0.93
N GLN C 126 -30.42 -49.46 -1.67
CA GLN C 126 -30.43 -48.14 -1.04
C GLN C 126 -31.52 -48.06 0.01
N LYS C 127 -32.74 -48.46 -0.34
CA LYS C 127 -33.83 -48.47 0.61
C LYS C 127 -33.48 -49.23 1.88
N ILE C 128 -32.62 -50.25 1.78
CA ILE C 128 -32.16 -50.93 2.98
C ILE C 128 -31.18 -50.06 3.76
N VAL C 129 -30.18 -49.53 3.07
CA VAL C 129 -29.10 -48.83 3.76
C VAL C 129 -29.64 -47.67 4.59
N PHE C 130 -30.35 -46.74 3.94
CA PHE C 130 -30.88 -45.60 4.68
C PHE C 130 -31.64 -46.07 5.91
N ALA C 131 -32.44 -47.10 5.76
CA ALA C 131 -33.15 -47.65 6.89
C ALA C 131 -32.19 -48.00 8.02
N GLU C 132 -31.10 -48.70 7.70
CA GLU C 132 -30.27 -49.20 8.79
C GLU C 132 -29.55 -48.08 9.51
N LEU C 133 -28.94 -47.14 8.79
CA LEU C 133 -28.33 -46.01 9.50
C LEU C 133 -29.34 -45.30 10.37
N ALA C 134 -30.49 -44.92 9.77
CA ALA C 134 -31.53 -44.27 10.53
C ALA C 134 -31.96 -45.10 11.73
N GLY C 135 -31.65 -46.38 11.72
CA GLY C 135 -31.77 -47.16 12.94
C GLY C 135 -30.64 -46.91 13.91
N VAL C 136 -29.40 -46.95 13.43
CA VAL C 136 -28.27 -46.86 14.35
C VAL C 136 -28.38 -45.61 15.20
N PHE C 137 -28.56 -44.47 14.55
CA PHE C 137 -28.58 -43.27 15.39
C PHE C 137 -29.89 -43.10 16.12
N SER C 138 -30.85 -43.97 15.89
CA SER C 138 -32.14 -43.84 16.53
C SER C 138 -31.97 -43.93 18.04
N ASN C 139 -32.47 -42.91 18.74
CA ASN C 139 -32.88 -43.03 20.14
C ASN C 139 -31.85 -43.78 20.98
N ASP C 140 -30.58 -43.65 20.65
CA ASP C 140 -29.52 -44.27 21.43
C ASP C 140 -28.50 -43.20 21.76
N ASP C 141 -28.43 -42.84 23.04
CA ASP C 141 -27.49 -41.84 23.47
C ASP C 141 -26.07 -42.23 23.10
N MET C 142 -25.79 -43.52 23.13
CA MET C 142 -24.43 -44.00 22.96
C MET C 142 -23.81 -43.52 21.66
N LYS C 143 -24.61 -43.10 20.70
CA LYS C 143 -24.01 -42.54 19.51
C LYS C 143 -23.91 -41.02 19.57
N ASP C 144 -24.56 -40.36 20.54
CA ASP C 144 -24.96 -38.97 20.35
C ASP C 144 -23.80 -38.11 19.86
N ASN C 145 -22.60 -38.39 20.35
CA ASN C 145 -21.45 -37.57 20.02
C ASN C 145 -21.11 -37.60 18.54
N LYS C 146 -21.80 -38.41 17.75
CA LYS C 146 -21.66 -38.31 16.31
C LYS C 146 -22.83 -37.59 15.63
N LEU C 147 -23.86 -37.19 16.37
CA LEU C 147 -24.93 -36.43 15.78
C LEU C 147 -24.91 -35.01 16.31
N ASP C 148 -25.33 -34.07 15.47
CA ASP C 148 -25.22 -32.65 15.74
C ASP C 148 -26.57 -32.02 15.40
N ILE C 149 -27.23 -31.44 16.39
CA ILE C 149 -28.60 -30.95 16.20
C ILE C 149 -28.57 -29.43 16.07
N SER C 150 -28.82 -28.96 14.86
CA SER C 150 -29.06 -27.55 14.63
C SER C 150 -30.53 -27.22 14.49
N GLY C 151 -31.42 -28.18 14.73
CA GLY C 151 -32.84 -27.92 14.59
C GLY C 151 -33.30 -26.85 15.56
N THR C 152 -34.59 -26.49 15.54
CA THR C 152 -35.20 -25.45 16.38
C THR C 152 -35.12 -24.04 15.79
N ALA C 153 -34.64 -23.91 14.55
CA ALA C 153 -34.79 -22.77 13.62
C ALA C 153 -33.73 -21.68 13.64
N ASP C 154 -32.74 -21.73 14.50
CA ASP C 154 -31.57 -20.89 14.37
C ASP C 154 -30.49 -21.65 13.59
N GLY C 155 -29.95 -21.01 12.56
CA GLY C 155 -28.84 -21.52 11.80
C GLY C 155 -29.22 -22.15 10.47
N ILE C 156 -28.42 -21.85 9.45
CA ILE C 156 -28.86 -21.95 8.07
C ILE C 156 -28.23 -23.09 7.28
N TYR C 157 -27.30 -23.82 7.85
CA TYR C 157 -26.37 -24.57 6.99
C TYR C 157 -25.71 -23.66 5.97
N SER C 158 -24.76 -22.83 6.40
CA SER C 158 -23.73 -22.39 5.46
C SER C 158 -22.49 -22.02 6.24
N ALA C 159 -21.34 -22.26 5.64
CA ALA C 159 -20.11 -21.55 5.98
C ALA C 159 -19.62 -21.77 7.41
N GLU C 160 -20.46 -22.34 8.29
CA GLU C 160 -20.00 -22.65 9.63
C GLU C 160 -20.32 -24.05 10.05
N THR C 161 -21.61 -24.31 10.26
CA THR C 161 -22.03 -25.59 10.82
C THR C 161 -21.48 -26.76 10.02
N PHE C 162 -21.14 -26.54 8.75
CA PHE C 162 -20.34 -27.49 8.01
C PHE C 162 -18.98 -27.68 8.67
N VAL C 163 -18.28 -26.58 8.93
CA VAL C 163 -16.97 -26.69 9.57
C VAL C 163 -17.08 -27.41 10.90
N ASP C 164 -17.97 -26.95 11.77
CA ASP C 164 -18.10 -27.59 13.08
C ASP C 164 -18.37 -29.07 12.93
N ALA C 165 -19.33 -29.44 12.10
CA ALA C 165 -19.61 -30.86 11.89
C ALA C 165 -18.36 -31.62 11.45
N SER C 166 -17.55 -31.01 10.60
CA SER C 166 -16.34 -31.71 10.16
C SER C 166 -15.36 -31.90 11.31
N TYR C 167 -15.16 -30.89 12.14
CA TYR C 167 -14.23 -31.05 13.24
C TYR C 167 -14.84 -31.76 14.43
N LYS C 168 -16.08 -32.23 14.30
CA LYS C 168 -16.70 -32.95 15.40
C LYS C 168 -15.89 -34.18 15.82
N LEU C 169 -14.98 -34.64 14.98
CA LEU C 169 -13.99 -35.63 15.38
C LEU C 169 -12.69 -34.88 15.60
N GLY C 170 -12.29 -34.71 16.86
CA GLY C 170 -11.29 -33.70 17.16
C GLY C 170 -9.89 -33.96 16.65
N ASP C 171 -9.28 -35.05 17.12
CA ASP C 171 -7.92 -35.35 16.68
C ASP C 171 -7.94 -35.86 15.25
N HIS C 172 -8.72 -36.90 15.01
CA HIS C 172 -8.80 -37.47 13.69
C HIS C 172 -9.67 -36.58 12.83
N GLU C 173 -9.08 -36.08 11.77
CA GLU C 173 -9.75 -35.34 10.73
C GLU C 173 -9.23 -35.91 9.43
N SER C 174 -9.83 -35.50 8.33
CA SER C 174 -9.34 -35.90 7.02
C SER C 174 -9.36 -37.41 6.87
N LEU C 175 -10.20 -38.07 7.65
CA LEU C 175 -10.70 -39.37 7.26
C LEU C 175 -12.06 -39.25 6.60
N LEU C 176 -12.52 -38.02 6.39
CA LEU C 176 -13.76 -37.76 5.69
C LEU C 176 -13.48 -37.36 4.26
N THR C 177 -14.41 -37.71 3.37
CA THR C 177 -14.25 -37.46 1.95
C THR C 177 -15.47 -36.79 1.33
N ALA C 178 -16.61 -37.46 1.39
CA ALA C 178 -17.78 -37.11 0.62
C ALA C 178 -18.93 -36.74 1.54
N ILE C 179 -19.93 -36.09 0.97
CA ILE C 179 -21.06 -35.57 1.74
C ILE C 179 -22.34 -35.94 1.02
N GLY C 180 -23.36 -36.30 1.78
CA GLY C 180 -24.67 -36.48 1.21
C GLY C 180 -25.43 -35.18 1.20
N MET C 181 -26.43 -35.10 0.34
CA MET C 181 -27.09 -33.82 0.20
C MET C 181 -28.50 -34.02 -0.35
N HIS C 182 -29.38 -33.08 -0.03
CA HIS C 182 -30.64 -32.94 -0.73
C HIS C 182 -30.56 -31.77 -1.68
N SER C 183 -31.22 -31.91 -2.83
CA SER C 183 -31.10 -30.94 -3.91
C SER C 183 -31.35 -29.51 -3.43
N ALA C 184 -32.51 -29.29 -2.80
CA ALA C 184 -32.88 -27.94 -2.39
C ALA C 184 -31.81 -27.30 -1.51
N THR C 185 -31.10 -28.10 -0.73
CA THR C 185 -30.04 -27.51 0.06
C THR C 185 -28.99 -26.89 -0.84
N MET C 186 -28.34 -27.70 -1.67
CA MET C 186 -27.25 -27.15 -2.46
C MET C 186 -27.77 -26.01 -3.33
N ALA C 187 -29.07 -25.99 -3.60
CA ALA C 187 -29.67 -24.76 -4.09
C ALA C 187 -29.38 -23.62 -3.14
N SER C 188 -29.74 -23.78 -1.86
CA SER C 188 -29.35 -22.70 -0.94
C SER C 188 -27.85 -22.56 -0.82
N ALA C 189 -27.08 -23.49 -1.36
CA ALA C 189 -25.64 -23.31 -1.31
C ALA C 189 -25.16 -22.38 -2.41
N VAL C 190 -25.78 -22.42 -3.59
CA VAL C 190 -25.28 -21.56 -4.65
C VAL C 190 -25.58 -20.10 -4.37
N LYS C 191 -26.68 -19.80 -3.69
CA LYS C 191 -26.98 -18.41 -3.40
C LYS C 191 -25.96 -17.77 -2.45
N GLN C 192 -25.16 -18.56 -1.74
CA GLN C 192 -24.21 -17.95 -0.82
C GLN C 192 -22.81 -18.51 -1.04
N ASP C 193 -22.67 -19.80 -0.78
CA ASP C 193 -21.39 -20.45 -0.55
C ASP C 193 -20.51 -20.41 -1.79
N LEU C 194 -19.24 -20.72 -1.57
CA LEU C 194 -18.16 -20.57 -2.52
C LEU C 194 -17.98 -21.76 -3.45
N ILE C 195 -18.95 -22.68 -3.52
CA ILE C 195 -18.73 -24.03 -4.03
C ILE C 195 -17.88 -23.98 -5.28
N GLU C 196 -16.78 -24.69 -5.27
CA GLU C 196 -15.64 -24.41 -6.12
C GLU C 196 -15.57 -25.49 -7.19
N PHE C 197 -15.73 -25.08 -8.44
CA PHE C 197 -15.76 -26.04 -9.54
C PHE C 197 -14.36 -26.48 -9.92
N VAL C 198 -14.13 -27.79 -9.86
CA VAL C 198 -12.90 -28.41 -10.36
C VAL C 198 -13.30 -29.51 -11.33
N LYS C 199 -12.61 -29.55 -12.46
CA LYS C 199 -12.94 -30.44 -13.57
C LYS C 199 -11.82 -31.46 -13.73
N ASP C 200 -12.10 -32.72 -13.39
CA ASP C 200 -11.13 -33.80 -13.56
C ASP C 200 -11.25 -34.42 -14.95
N SER C 201 -12.39 -35.01 -15.26
CA SER C 201 -12.57 -35.73 -16.51
C SER C 201 -12.52 -34.76 -17.68
N GLN C 202 -11.65 -35.06 -18.64
CA GLN C 202 -11.70 -34.42 -19.94
C GLN C 202 -12.15 -35.45 -20.96
N SER C 203 -13.21 -35.14 -21.68
CA SER C 203 -13.90 -33.87 -21.47
C SER C 203 -15.28 -34.08 -20.87
N GLY C 204 -15.44 -33.68 -19.61
CA GLY C 204 -16.74 -33.69 -18.98
C GLY C 204 -16.81 -32.64 -17.90
N ILE C 205 -18.02 -32.15 -17.66
CA ILE C 205 -18.22 -31.04 -16.72
C ILE C 205 -19.52 -31.19 -15.92
N ARG C 206 -19.46 -31.13 -14.59
CA ARG C 206 -18.25 -31.26 -13.78
C ARG C 206 -18.70 -31.61 -12.37
N PHE C 207 -17.82 -32.11 -11.58
CA PHE C 207 -18.30 -32.47 -10.26
C PHE C 207 -18.04 -31.35 -9.28
N PRO C 208 -19.01 -30.99 -8.46
CA PRO C 208 -18.84 -29.90 -7.50
C PRO C 208 -17.97 -30.32 -6.33
N THR C 209 -17.53 -29.32 -5.58
CA THR C 209 -16.60 -29.51 -4.47
C THR C 209 -16.89 -28.46 -3.42
N TYR C 210 -16.53 -28.76 -2.17
CA TYR C 210 -16.49 -27.65 -1.23
C TYR C 210 -15.07 -27.35 -0.80
N MET C 211 -14.53 -28.13 0.14
CA MET C 211 -13.16 -27.95 0.59
C MET C 211 -12.48 -29.31 0.65
N ASN C 212 -11.58 -29.58 -0.29
CA ASN C 212 -10.89 -30.86 -0.36
C ASN C 212 -11.83 -32.01 -0.05
N LYS C 213 -13.07 -31.92 -0.52
CA LYS C 213 -14.09 -32.93 -0.30
C LYS C 213 -14.78 -33.17 -1.63
N ARG C 214 -15.57 -34.23 -1.67
CA ARG C 214 -16.48 -34.42 -2.79
C ARG C 214 -17.90 -34.25 -2.29
N VAL C 215 -18.76 -33.71 -3.14
CA VAL C 215 -20.15 -33.47 -2.79
C VAL C 215 -21.02 -34.28 -3.74
N ILE C 216 -21.98 -35.03 -3.20
CA ILE C 216 -22.73 -36.03 -3.94
C ILE C 216 -24.20 -35.66 -3.93
N VAL C 217 -24.80 -35.63 -5.11
CA VAL C 217 -26.14 -35.09 -5.31
C VAL C 217 -27.11 -36.24 -5.49
N ASP C 218 -28.20 -36.21 -4.74
CA ASP C 218 -29.31 -37.12 -4.98
C ASP C 218 -30.60 -36.41 -4.61
N ASP C 219 -31.69 -36.89 -5.20
CA ASP C 219 -32.98 -36.31 -4.84
C ASP C 219 -33.55 -36.89 -3.55
N SER C 220 -33.44 -38.20 -3.34
CA SER C 220 -34.14 -38.85 -2.24
C SER C 220 -33.17 -38.99 -1.07
N MET C 221 -33.44 -38.25 -0.01
CA MET C 221 -32.75 -38.35 1.27
C MET C 221 -33.79 -38.12 2.35
N PRO C 222 -33.52 -38.56 3.57
CA PRO C 222 -34.53 -38.44 4.62
C PRO C 222 -34.98 -37.01 4.76
N VAL C 223 -36.29 -36.82 4.83
CA VAL C 223 -36.88 -35.52 5.12
C VAL C 223 -38.11 -35.71 6.00
N GLU C 224 -38.14 -35.06 7.14
CA GLU C 224 -39.34 -35.08 7.97
C GLU C 224 -40.23 -33.93 7.57
N THR C 225 -41.40 -33.85 8.22
CA THR C 225 -42.19 -32.64 8.20
C THR C 225 -42.71 -32.41 9.60
N LEU C 226 -42.34 -31.28 10.17
CA LEU C 226 -42.77 -30.95 11.51
C LEU C 226 -44.20 -30.41 11.45
N GLU C 227 -44.64 -29.82 12.54
CA GLU C 227 -45.86 -29.03 12.54
C GLU C 227 -45.60 -27.71 11.80
N ASP C 228 -46.66 -26.91 11.66
CA ASP C 228 -46.59 -25.58 11.07
C ASP C 228 -46.04 -25.60 9.65
N GLY C 229 -46.09 -26.76 8.99
CA GLY C 229 -45.59 -26.85 7.63
C GLY C 229 -44.16 -26.38 7.44
N THR C 230 -43.23 -26.98 8.17
CA THR C 230 -41.83 -26.64 8.04
C THR C 230 -41.01 -27.89 7.78
N LYS C 231 -39.82 -27.70 7.23
CA LYS C 231 -39.02 -28.82 6.75
C LYS C 231 -37.73 -28.96 7.55
N VAL C 232 -37.22 -30.18 7.59
CA VAL C 232 -35.95 -30.49 8.23
C VAL C 232 -35.24 -31.53 7.39
N PHE C 233 -33.96 -31.31 7.14
CA PHE C 233 -33.18 -32.15 6.24
C PHE C 233 -32.09 -32.86 7.02
N THR C 234 -31.60 -33.97 6.48
CA THR C 234 -30.63 -34.81 7.16
C THR C 234 -29.26 -34.71 6.51
N SER C 235 -29.07 -35.30 5.34
CA SER C 235 -27.82 -35.20 4.60
C SER C 235 -26.65 -35.72 5.44
N TYR C 236 -26.60 -37.05 5.52
CA TYR C 236 -25.51 -37.71 6.22
C TYR C 236 -24.15 -37.27 5.69
N LEU C 237 -23.19 -37.22 6.60
CA LEU C 237 -21.79 -36.99 6.29
C LEU C 237 -21.02 -38.25 6.64
N PHE C 238 -20.58 -38.98 5.62
CA PHE C 238 -19.91 -40.26 5.82
C PHE C 238 -18.45 -40.18 5.46
N GLY C 239 -18.14 -39.86 4.21
CA GLY C 239 -16.79 -39.74 3.74
C GLY C 239 -15.89 -40.87 4.20
N ALA C 240 -16.43 -42.08 4.28
CA ALA C 240 -15.65 -43.13 4.90
C ALA C 240 -14.82 -43.89 3.87
N GLY C 241 -15.45 -44.73 3.09
CA GLY C 241 -14.67 -45.69 2.34
C GLY C 241 -14.00 -46.66 3.31
N ALA C 242 -14.76 -47.45 4.07
CA ALA C 242 -16.19 -47.67 3.92
C ALA C 242 -16.77 -48.47 5.08
N LEU C 243 -18.04 -48.81 4.94
CA LEU C 243 -18.65 -49.92 5.66
C LEU C 243 -18.49 -51.15 4.77
N GLY C 244 -19.21 -52.24 5.02
CA GLY C 244 -19.06 -53.41 4.17
C GLY C 244 -20.32 -54.22 4.04
N TYR C 245 -20.40 -54.99 2.94
CA TYR C 245 -21.41 -56.03 2.81
C TYR C 245 -20.90 -57.20 1.97
N ALA C 246 -21.30 -58.40 2.32
CA ALA C 246 -20.94 -59.60 1.58
C ALA C 246 -22.19 -60.22 0.99
N GLU C 247 -22.08 -60.73 -0.24
CA GLU C 247 -23.26 -61.17 -0.96
C GLU C 247 -23.82 -62.49 -0.47
N GLY C 248 -23.00 -63.53 -0.45
CA GLY C 248 -23.53 -64.87 -0.28
C GLY C 248 -24.34 -65.29 -1.49
N GLN C 249 -24.85 -66.52 -1.43
CA GLN C 249 -25.60 -67.07 -2.53
C GLN C 249 -26.73 -67.96 -2.03
N PRO C 250 -27.83 -67.97 -2.73
CA PRO C 250 -28.84 -69.02 -2.53
C PRO C 250 -28.58 -70.12 -3.52
N GLU C 251 -29.47 -71.10 -3.57
CA GLU C 251 -29.56 -72.01 -4.70
C GLU C 251 -30.84 -71.69 -5.45
N VAL C 252 -30.84 -71.99 -6.74
CA VAL C 252 -31.92 -71.60 -7.64
C VAL C 252 -32.02 -70.08 -7.69
N PRO C 253 -31.07 -69.38 -8.27
CA PRO C 253 -31.24 -67.94 -8.44
C PRO C 253 -32.36 -67.60 -9.38
N THR C 254 -32.47 -68.33 -10.49
CA THR C 254 -33.41 -68.03 -11.55
C THR C 254 -34.24 -69.25 -11.86
N GLU C 255 -35.56 -69.10 -11.89
CA GLU C 255 -36.46 -70.22 -12.05
C GLU C 255 -37.70 -69.74 -12.75
N THR C 256 -38.28 -70.59 -13.59
CA THR C 256 -39.40 -70.23 -14.45
C THR C 256 -40.45 -71.32 -14.41
N ALA C 257 -41.65 -70.99 -13.96
CA ALA C 257 -42.72 -71.97 -13.86
C ALA C 257 -43.97 -71.40 -14.49
N ARG C 258 -44.88 -72.29 -14.86
CA ARG C 258 -46.11 -71.89 -15.53
C ARG C 258 -47.27 -72.70 -14.98
N ASN C 259 -48.46 -72.29 -15.36
CA ASN C 259 -49.69 -72.95 -14.97
C ASN C 259 -50.49 -73.20 -16.25
N ALA C 260 -50.76 -74.45 -16.55
CA ALA C 260 -51.27 -74.77 -17.88
C ALA C 260 -52.71 -74.34 -18.07
N LEU C 261 -53.59 -74.68 -17.13
CA LEU C 261 -55.01 -74.52 -17.38
C LEU C 261 -55.41 -73.06 -17.55
N GLY C 262 -54.86 -72.18 -16.75
CA GLY C 262 -55.06 -70.76 -16.91
C GLY C 262 -54.19 -70.24 -18.03
N SER C 263 -53.90 -68.95 -17.98
CA SER C 263 -52.86 -68.39 -18.83
C SER C 263 -51.92 -67.61 -17.93
N GLN C 264 -50.72 -68.13 -17.72
CA GLN C 264 -49.77 -67.46 -16.85
C GLN C 264 -48.36 -67.86 -17.22
N ASP C 265 -47.43 -67.03 -16.78
CA ASP C 265 -46.04 -67.40 -16.56
C ASP C 265 -45.46 -66.38 -15.58
N ILE C 266 -44.38 -66.77 -14.93
CA ILE C 266 -43.87 -66.01 -13.80
C ILE C 266 -42.34 -65.99 -13.84
N LEU C 267 -41.77 -65.05 -13.08
CA LEU C 267 -40.33 -65.01 -12.87
C LEU C 267 -40.05 -64.76 -11.40
N ILE C 268 -39.00 -65.39 -10.87
CA ILE C 268 -38.62 -65.26 -9.47
C ILE C 268 -37.11 -65.02 -9.40
N ASN C 269 -36.66 -64.44 -8.28
CA ASN C 269 -35.24 -64.13 -8.13
C ASN C 269 -34.58 -64.53 -6.80
N ARG C 270 -34.97 -63.94 -5.69
CA ARG C 270 -34.59 -64.41 -4.36
C ARG C 270 -33.08 -64.51 -4.09
N LYS C 271 -32.42 -63.40 -3.72
CA LYS C 271 -31.00 -63.44 -3.39
C LYS C 271 -30.75 -63.07 -1.94
N HIS C 272 -29.54 -63.42 -1.45
CA HIS C 272 -29.05 -63.17 -0.10
C HIS C 272 -28.01 -62.06 -0.10
N PHE C 273 -27.92 -61.32 1.01
CA PHE C 273 -26.74 -60.47 1.23
C PHE C 273 -26.58 -60.14 2.71
N VAL C 274 -25.36 -59.77 3.08
CA VAL C 274 -24.93 -59.57 4.46
C VAL C 274 -24.23 -58.22 4.58
N LEU C 275 -24.79 -57.31 5.38
CA LEU C 275 -24.37 -55.91 5.44
C LEU C 275 -24.44 -55.37 6.86
N HIS C 276 -23.33 -54.81 7.35
CA HIS C 276 -23.29 -54.30 8.71
C HIS C 276 -21.96 -53.60 9.00
N PRO C 277 -21.99 -52.45 9.68
CA PRO C 277 -20.76 -51.73 9.97
C PRO C 277 -20.06 -52.38 11.13
N ARG C 278 -18.73 -52.37 11.10
CA ARG C 278 -18.06 -52.73 12.34
C ARG C 278 -17.05 -51.70 12.74
N GLY C 279 -17.41 -50.97 13.78
CA GLY C 279 -18.80 -50.76 14.07
C GLY C 279 -19.51 -51.39 15.25
N VAL C 280 -20.66 -50.77 15.52
CA VAL C 280 -21.56 -51.19 16.58
C VAL C 280 -21.90 -52.67 16.46
N LYS C 281 -21.99 -53.33 17.61
CA LYS C 281 -22.39 -54.73 17.68
C LYS C 281 -23.91 -54.85 17.59
N PHE C 282 -24.36 -56.00 17.15
CA PHE C 282 -25.78 -56.32 17.08
C PHE C 282 -26.13 -57.29 18.21
N THR C 283 -27.37 -57.21 18.70
CA THR C 283 -27.90 -58.25 19.56
C THR C 283 -29.33 -58.50 19.17
N GLU C 284 -29.84 -59.66 19.59
CA GLU C 284 -31.26 -59.96 19.49
C GLU C 284 -31.90 -59.52 20.80
N ASN C 285 -32.66 -58.44 20.76
CA ASN C 285 -33.38 -57.95 21.93
C ASN C 285 -34.69 -57.34 21.46
N ALA C 286 -35.78 -57.67 22.16
CA ALA C 286 -37.10 -57.07 21.91
C ALA C 286 -37.41 -57.03 20.42
N MET C 287 -36.99 -58.05 19.70
CA MET C 287 -37.03 -58.05 18.24
C MET C 287 -37.49 -59.41 17.76
N ALA C 288 -38.51 -59.41 16.91
CA ALA C 288 -39.13 -60.65 16.48
C ALA C 288 -38.21 -61.37 15.50
N GLY C 289 -38.74 -62.42 14.88
CA GLY C 289 -37.98 -63.18 13.90
C GLY C 289 -38.54 -64.57 13.73
N THR C 290 -37.71 -65.53 13.32
CA THR C 290 -36.31 -65.33 12.96
C THR C 290 -35.98 -66.55 12.11
N THR C 291 -34.92 -66.51 11.30
CA THR C 291 -34.22 -65.31 10.91
C THR C 291 -34.76 -65.10 9.51
N PRO C 292 -34.37 -64.04 8.81
CA PRO C 292 -33.66 -62.79 9.08
C PRO C 292 -34.52 -61.89 9.90
N THR C 293 -34.15 -60.62 9.95
CA THR C 293 -34.94 -59.73 10.76
C THR C 293 -36.23 -59.26 10.11
N ASP C 294 -36.14 -58.24 9.25
CA ASP C 294 -37.25 -57.40 8.81
C ASP C 294 -36.68 -56.19 8.10
N GLU C 295 -37.52 -55.24 7.70
CA GLU C 295 -37.08 -53.85 7.56
C GLU C 295 -37.31 -53.07 8.85
N GLU C 296 -38.58 -52.86 9.20
CA GLU C 296 -38.92 -52.07 10.38
C GLU C 296 -38.10 -52.50 11.59
N LEU C 297 -38.06 -53.80 11.87
CA LEU C 297 -37.31 -54.26 13.03
C LEU C 297 -35.82 -54.01 12.85
N ALA C 298 -35.31 -54.16 11.64
CA ALA C 298 -33.91 -53.88 11.36
C ALA C 298 -33.66 -52.41 11.60
N ASN C 299 -34.72 -51.65 11.88
CA ASN C 299 -34.51 -50.24 12.17
C ASN C 299 -34.86 -49.84 13.59
N GLY C 300 -36.14 -49.73 13.87
CA GLY C 300 -36.60 -48.75 14.82
C GLY C 300 -36.19 -48.94 16.25
N ALA C 301 -35.40 -49.94 16.59
CA ALA C 301 -35.15 -50.18 18.00
C ALA C 301 -33.74 -50.69 18.27
N ASN C 302 -33.13 -50.14 19.31
CA ASN C 302 -32.31 -50.93 20.21
C ASN C 302 -31.12 -51.64 19.59
N TRP C 303 -30.06 -50.89 19.31
CA TRP C 303 -28.72 -51.41 19.06
C TRP C 303 -27.75 -50.82 20.08
N GLN C 304 -26.56 -51.43 20.14
CA GLN C 304 -25.56 -50.98 21.08
C GLN C 304 -24.17 -51.22 20.51
N ARG C 305 -23.25 -50.28 20.74
CA ARG C 305 -21.92 -50.27 20.16
C ARG C 305 -20.86 -50.47 21.22
N VAL C 306 -19.69 -50.96 20.81
CA VAL C 306 -18.50 -50.83 21.64
C VAL C 306 -17.25 -50.58 20.78
N TYR C 307 -16.68 -49.39 20.90
CA TYR C 307 -15.23 -49.12 20.71
C TYR C 307 -14.74 -48.22 21.85
N ASP C 308 -15.35 -47.06 22.13
CA ASP C 308 -16.23 -46.21 21.32
C ASP C 308 -15.66 -45.14 20.33
N PRO C 309 -14.91 -44.18 20.86
CA PRO C 309 -15.11 -42.78 20.43
C PRO C 309 -14.88 -42.49 18.97
N LYS C 310 -13.73 -42.88 18.46
CA LYS C 310 -13.37 -42.46 17.13
C LYS C 310 -13.72 -43.59 16.17
N LYS C 311 -13.32 -43.43 14.91
CA LYS C 311 -13.31 -44.49 13.92
C LYS C 311 -14.62 -45.27 13.89
N ILE C 312 -15.72 -44.57 13.73
CA ILE C 312 -16.95 -45.30 13.49
C ILE C 312 -17.01 -45.79 12.04
N ARG C 313 -17.08 -44.95 10.99
CA ARG C 313 -17.06 -43.49 10.98
C ARG C 313 -18.20 -42.92 10.17
N ILE C 314 -19.21 -42.33 10.82
CA ILE C 314 -20.27 -41.61 10.13
C ILE C 314 -20.82 -40.56 11.09
N VAL C 315 -21.22 -39.42 10.56
CA VAL C 315 -21.77 -38.34 11.37
C VAL C 315 -22.95 -37.73 10.66
N GLN C 316 -24.02 -37.49 11.40
CA GLN C 316 -25.18 -36.81 10.83
C GLN C 316 -25.36 -35.49 11.54
N PHE C 317 -25.91 -34.52 10.80
CA PHE C 317 -26.42 -33.33 11.46
C PHE C 317 -27.61 -32.81 10.68
N LYS C 318 -28.53 -32.19 11.39
CA LYS C 318 -29.79 -31.72 10.86
C LYS C 318 -29.81 -30.20 10.85
N HIS C 319 -30.66 -29.64 10.01
CA HIS C 319 -30.73 -28.19 9.87
C HIS C 319 -32.05 -27.82 9.26
N ARG C 320 -32.40 -26.55 9.39
CA ARG C 320 -33.42 -25.96 8.53
C ARG C 320 -32.71 -25.36 7.33
N LEU C 321 -33.35 -25.44 6.18
CA LEU C 321 -32.82 -24.82 4.97
C LEU C 321 -32.97 -23.32 5.07
N GLN C 322 -32.12 -22.60 4.35
CA GLN C 322 -32.19 -21.15 4.34
C GLN C 322 -33.61 -20.71 4.06
N ALA C 323 -34.15 -19.85 4.91
CA ALA C 323 -35.49 -19.35 4.70
C ALA C 323 -35.49 -18.46 3.47
N ALA D 1 -30.95 43.62 -68.62
CA ALA D 1 -30.53 43.56 -67.25
C ALA D 1 -30.12 42.15 -66.91
N TYR D 2 -31.11 41.30 -66.74
CA TYR D 2 -30.90 39.98 -66.17
C TYR D 2 -31.73 38.93 -66.87
N THR D 3 -31.11 37.77 -67.10
CA THR D 3 -31.86 36.61 -67.51
C THR D 3 -32.60 36.01 -66.33
N LYS D 4 -32.06 36.23 -65.12
CA LYS D 4 -32.91 36.21 -63.94
C LYS D 4 -33.66 34.90 -63.74
N ILE D 5 -33.05 33.95 -63.05
CA ILE D 5 -33.44 32.55 -62.98
C ILE D 5 -34.96 32.36 -62.99
N SER D 6 -35.70 33.36 -62.52
CA SER D 6 -37.15 33.31 -62.55
C SER D 6 -37.68 32.86 -63.91
N ASP D 7 -37.05 33.31 -65.00
CA ASP D 7 -37.64 32.98 -66.30
C ASP D 7 -37.31 31.56 -66.74
N VAL D 8 -36.04 31.16 -66.70
CA VAL D 8 -35.69 29.87 -67.26
C VAL D 8 -36.34 28.75 -66.44
N ILE D 9 -36.50 27.58 -67.07
CA ILE D 9 -37.28 26.47 -66.51
C ILE D 9 -36.39 25.50 -65.76
N VAL D 10 -36.85 25.05 -64.59
CA VAL D 10 -36.08 24.20 -63.69
C VAL D 10 -36.67 22.79 -63.72
N PRO D 11 -35.96 21.81 -64.27
CA PRO D 11 -36.49 20.45 -64.29
C PRO D 11 -36.52 19.80 -62.92
N GLU D 12 -36.79 18.49 -62.89
CA GLU D 12 -36.77 17.71 -61.65
C GLU D 12 -36.03 16.40 -61.89
N LEU D 13 -36.04 15.49 -60.92
CA LEU D 13 -35.33 14.23 -61.11
C LEU D 13 -36.04 13.08 -60.40
N PHE D 14 -35.65 11.88 -60.80
CA PHE D 14 -36.01 10.66 -60.11
C PHE D 14 -34.87 9.66 -60.24
N ASN D 15 -34.96 8.58 -59.48
CA ASN D 15 -34.07 7.44 -59.58
C ASN D 15 -34.87 6.20 -59.25
N PRO D 16 -34.43 5.03 -59.73
CA PRO D 16 -35.29 3.85 -59.69
C PRO D 16 -35.66 3.45 -58.27
N TYR D 17 -36.69 2.60 -58.18
CA TYR D 17 -37.18 2.15 -56.89
C TYR D 17 -36.15 1.32 -56.15
N VAL D 18 -36.27 1.30 -54.82
CA VAL D 18 -35.42 0.51 -53.94
C VAL D 18 -36.26 -0.05 -52.80
N ILE D 19 -36.01 -1.33 -52.47
CA ILE D 19 -36.85 -2.03 -51.50
C ILE D 19 -36.50 -1.59 -50.08
N ASN D 20 -37.49 -1.62 -49.20
CA ASN D 20 -37.27 -1.32 -47.79
C ASN D 20 -38.03 -2.30 -46.92
N THR D 21 -37.31 -2.96 -46.02
CA THR D 21 -37.88 -4.06 -45.24
C THR D 21 -38.25 -3.55 -43.87
N THR D 22 -39.55 -3.42 -43.60
CA THR D 22 -40.01 -3.26 -42.24
C THR D 22 -39.58 -4.48 -41.45
N THR D 23 -39.04 -4.26 -40.26
CA THR D 23 -38.46 -5.37 -39.52
C THR D 23 -38.82 -5.27 -38.06
N GLN D 24 -39.46 -6.32 -37.55
CA GLN D 24 -39.12 -6.79 -36.23
C GLN D 24 -38.30 -8.05 -36.48
N LEU D 25 -36.99 -7.95 -36.28
CA LEU D 25 -36.15 -9.09 -36.57
C LEU D 25 -36.53 -10.19 -35.61
N SER D 26 -36.91 -11.33 -36.14
CA SER D 26 -37.55 -12.34 -35.33
C SER D 26 -36.92 -13.67 -35.62
N ALA D 27 -36.35 -14.29 -34.60
CA ALA D 27 -35.88 -15.65 -34.75
C ALA D 27 -36.48 -16.57 -33.70
N PHE D 28 -35.95 -16.49 -32.48
CA PHE D 28 -36.23 -17.46 -31.45
C PHE D 28 -35.89 -18.86 -31.94
N PHE D 29 -35.08 -18.92 -33.00
CA PHE D 29 -34.44 -20.12 -33.52
C PHE D 29 -32.96 -19.81 -33.42
N GLN D 30 -32.15 -20.73 -32.90
CA GLN D 30 -32.52 -22.10 -32.67
C GLN D 30 -32.80 -22.43 -31.22
N SER D 31 -33.77 -23.30 -31.05
CA SER D 31 -34.30 -23.74 -29.76
C SER D 31 -35.11 -24.99 -30.02
N GLY D 32 -35.83 -25.43 -29.00
CA GLY D 32 -37.05 -26.12 -29.28
C GLY D 32 -37.64 -24.97 -30.04
N ILE D 33 -37.95 -25.18 -31.31
CA ILE D 33 -38.14 -26.52 -31.84
C ILE D 33 -37.08 -26.80 -32.91
N ALA D 34 -36.73 -28.07 -33.15
CA ALA D 34 -35.83 -28.43 -34.24
C ALA D 34 -35.83 -29.95 -34.42
N ALA D 35 -34.94 -30.42 -35.29
CA ALA D 35 -34.35 -31.78 -35.24
C ALA D 35 -35.42 -32.87 -35.18
N THR D 36 -36.05 -33.10 -36.31
CA THR D 36 -37.26 -33.90 -36.30
C THR D 36 -36.94 -35.39 -36.23
N ASP D 37 -37.90 -36.17 -35.71
CA ASP D 37 -37.82 -37.62 -35.78
C ASP D 37 -38.24 -38.09 -37.16
N ASP D 38 -38.22 -39.41 -37.36
CA ASP D 38 -38.89 -39.99 -38.50
C ASP D 38 -40.29 -40.50 -38.19
N GLU D 39 -40.68 -40.61 -36.92
CA GLU D 39 -42.02 -41.11 -36.66
C GLU D 39 -43.04 -40.06 -37.09
N LEU D 40 -42.81 -38.81 -36.75
CA LEU D 40 -43.68 -37.78 -37.27
C LEU D 40 -43.61 -37.72 -38.80
N ASN D 41 -42.48 -38.14 -39.38
CA ASN D 41 -42.48 -38.36 -40.83
C ASN D 41 -43.61 -39.28 -41.21
N ALA D 42 -43.65 -40.45 -40.57
CA ALA D 42 -44.74 -41.38 -40.85
C ALA D 42 -46.11 -40.77 -40.55
N LEU D 43 -46.16 -39.63 -39.88
CA LEU D 43 -47.40 -38.87 -39.78
C LEU D 43 -47.53 -37.76 -40.78
N ALA D 44 -46.52 -37.54 -41.62
CA ALA D 44 -46.50 -36.36 -42.48
C ALA D 44 -46.82 -36.74 -43.93
N LYS D 45 -45.89 -37.37 -44.61
CA LYS D 45 -46.06 -37.68 -46.02
C LYS D 45 -47.22 -38.65 -46.23
N LYS D 46 -47.77 -38.63 -47.43
CA LYS D 46 -48.66 -39.70 -47.85
C LYS D 46 -47.84 -40.98 -47.94
N ALA D 47 -48.43 -42.15 -47.75
CA ALA D 47 -49.85 -42.37 -47.57
C ALA D 47 -50.25 -42.33 -46.10
N GLY D 48 -51.47 -42.79 -45.83
CA GLY D 48 -51.94 -42.83 -44.45
C GLY D 48 -52.12 -41.43 -43.89
N GLY D 49 -52.96 -40.62 -44.52
CA GLY D 49 -53.14 -39.25 -44.07
C GLY D 49 -53.65 -39.14 -42.65
N GLY D 50 -53.52 -37.93 -42.11
CA GLY D 50 -53.85 -37.64 -40.73
C GLY D 50 -55.33 -37.76 -40.46
N SER D 51 -55.79 -37.46 -39.25
CA SER D 51 -54.99 -36.82 -38.21
C SER D 51 -54.03 -37.78 -37.54
N THR D 52 -53.42 -37.28 -36.47
CA THR D 52 -52.20 -37.88 -35.94
C THR D 52 -52.48 -39.26 -35.33
N LEU D 53 -51.41 -40.04 -35.26
CA LEU D 53 -51.44 -41.32 -34.61
C LEU D 53 -51.54 -41.14 -33.11
N ASN D 54 -51.55 -42.29 -32.44
CA ASN D 54 -51.46 -42.39 -31.01
C ASN D 54 -50.42 -43.44 -30.70
N MET D 55 -49.41 -43.10 -29.88
CA MET D 55 -48.33 -44.04 -29.63
C MET D 55 -48.29 -44.41 -28.16
N PRO D 56 -48.03 -45.65 -27.87
CA PRO D 56 -48.09 -46.10 -26.48
C PRO D 56 -46.74 -46.24 -25.82
N TYR D 57 -46.74 -46.64 -24.56
CA TYR D 57 -45.51 -46.93 -23.84
C TYR D 57 -45.83 -47.80 -22.63
N TRP D 58 -44.81 -48.50 -22.13
CA TRP D 58 -44.92 -49.33 -20.93
C TRP D 58 -44.10 -48.71 -19.81
N ASN D 59 -44.77 -48.15 -18.82
CA ASN D 59 -44.04 -47.55 -17.71
C ASN D 59 -43.50 -48.63 -16.80
N ASP D 60 -42.42 -48.31 -16.09
CA ASP D 60 -41.68 -49.35 -15.40
C ASP D 60 -42.36 -49.73 -14.09
N LEU D 61 -42.01 -50.92 -13.63
CA LEU D 61 -42.57 -51.51 -12.43
C LEU D 61 -42.04 -50.82 -11.18
N ASP D 62 -42.75 -51.03 -10.09
CA ASP D 62 -42.23 -50.67 -8.78
C ASP D 62 -42.97 -51.47 -7.71
N GLY D 63 -42.33 -51.63 -6.56
CA GLY D 63 -42.99 -52.29 -5.46
C GLY D 63 -42.00 -52.87 -4.49
N ASP D 64 -42.55 -53.35 -3.37
CA ASP D 64 -41.78 -53.88 -2.27
C ASP D 64 -41.20 -55.24 -2.62
N SER D 65 -40.22 -55.65 -1.82
CA SER D 65 -39.86 -57.05 -1.76
C SER D 65 -40.66 -57.68 -0.61
N GLN D 66 -40.51 -58.99 -0.41
CA GLN D 66 -41.20 -59.63 0.70
C GLN D 66 -40.22 -60.37 1.59
N VAL D 67 -40.69 -60.69 2.78
CA VAL D 67 -39.91 -61.47 3.72
C VAL D 67 -39.86 -62.89 3.19
N LEU D 68 -38.68 -63.39 2.91
CA LEU D 68 -38.57 -64.73 2.36
C LEU D 68 -38.40 -65.71 3.49
N ASN D 69 -39.40 -66.55 3.68
CA ASN D 69 -39.41 -67.46 4.81
C ASN D 69 -40.35 -68.61 4.50
N ASP D 70 -40.21 -69.68 5.28
CA ASP D 70 -41.14 -70.79 5.15
C ASP D 70 -42.52 -70.37 5.63
N THR D 71 -43.47 -71.29 5.50
CA THR D 71 -44.85 -71.09 5.93
C THR D 71 -45.51 -69.88 5.27
N ASP D 72 -44.96 -69.43 4.15
CA ASP D 72 -45.57 -68.40 3.33
C ASP D 72 -44.92 -68.47 1.95
N ASP D 73 -45.51 -67.80 0.98
CA ASP D 73 -44.83 -67.69 -0.30
C ASP D 73 -45.13 -66.30 -0.86
N LEU D 74 -44.77 -66.09 -2.12
CA LEU D 74 -44.73 -64.77 -2.72
C LEU D 74 -46.06 -64.43 -3.38
N VAL D 75 -46.13 -63.24 -3.97
CA VAL D 75 -47.30 -62.80 -4.74
C VAL D 75 -46.79 -62.04 -5.96
N PRO D 76 -47.39 -62.21 -7.13
CA PRO D 76 -46.88 -61.54 -8.33
C PRO D 76 -47.30 -60.08 -8.37
N GLN D 77 -46.95 -59.42 -9.47
CA GLN D 77 -47.29 -58.01 -9.68
C GLN D 77 -47.56 -57.79 -11.17
N LYS D 78 -47.67 -56.52 -11.56
CA LYS D 78 -48.31 -56.16 -12.83
C LYS D 78 -47.55 -55.08 -13.56
N ILE D 79 -47.98 -54.83 -14.79
CA ILE D 79 -47.40 -53.82 -15.67
C ILE D 79 -48.55 -53.03 -16.29
N ASN D 80 -48.30 -51.76 -16.62
CA ASN D 80 -49.29 -50.93 -17.29
C ASN D 80 -48.74 -50.32 -18.56
N ALA D 81 -49.55 -49.45 -19.16
CA ALA D 81 -49.21 -48.79 -20.41
C ALA D 81 -49.96 -47.47 -20.50
N GLY D 82 -49.47 -46.58 -21.36
CA GLY D 82 -50.01 -45.24 -21.42
C GLY D 82 -49.96 -44.66 -22.82
N GLN D 83 -50.58 -43.50 -22.98
CA GLN D 83 -51.03 -43.01 -24.26
C GLN D 83 -50.35 -41.71 -24.66
N ASP D 84 -50.33 -41.43 -25.97
CA ASP D 84 -49.71 -40.24 -26.52
C ASP D 84 -50.42 -39.82 -27.80
N LYS D 85 -50.45 -38.51 -28.07
CA LYS D 85 -51.10 -38.01 -29.28
C LYS D 85 -50.24 -36.92 -29.91
N ALA D 86 -50.76 -36.33 -30.97
CA ALA D 86 -50.23 -35.12 -31.60
C ALA D 86 -51.31 -34.63 -32.56
N VAL D 87 -50.99 -33.61 -33.36
CA VAL D 87 -51.95 -33.03 -34.31
C VAL D 87 -51.22 -32.68 -35.60
N LEU D 88 -51.91 -32.82 -36.72
CA LEU D 88 -51.46 -32.25 -37.98
C LEU D 88 -52.14 -30.91 -38.19
N ILE D 89 -51.39 -29.95 -38.75
CA ILE D 89 -51.94 -28.64 -39.05
C ILE D 89 -51.48 -28.23 -40.44
N LEU D 90 -52.33 -27.46 -41.13
CA LEU D 90 -52.00 -26.99 -42.47
C LEU D 90 -52.57 -25.60 -42.68
N ARG D 91 -51.79 -24.77 -43.39
CA ARG D 91 -52.08 -23.35 -43.53
C ARG D 91 -51.73 -22.91 -44.93
N GLY D 92 -51.95 -21.64 -45.18
CA GLY D 92 -51.56 -21.02 -46.44
C GLY D 92 -52.17 -19.65 -46.58
N ASN D 93 -51.82 -19.02 -47.69
CA ASN D 93 -52.49 -17.79 -48.11
C ASN D 93 -52.07 -17.53 -49.54
N ALA D 94 -52.44 -16.36 -50.03
CA ALA D 94 -52.01 -15.90 -51.34
C ALA D 94 -52.12 -14.39 -51.38
N TRP D 95 -51.38 -13.79 -52.30
CA TRP D 95 -51.55 -12.40 -52.65
C TRP D 95 -51.08 -12.22 -54.08
N SER D 96 -51.61 -11.21 -54.73
CA SER D 96 -51.46 -11.12 -56.15
C SER D 96 -50.62 -9.92 -56.54
N SER D 97 -50.32 -9.83 -57.81
CA SER D 97 -49.73 -8.65 -58.42
C SER D 97 -50.76 -8.17 -59.42
N HIS D 98 -50.49 -7.06 -60.07
CA HIS D 98 -51.51 -6.39 -60.86
C HIS D 98 -50.84 -5.70 -62.04
N ASP D 99 -51.63 -5.08 -62.92
CA ASP D 99 -51.08 -4.97 -64.26
C ASP D 99 -50.75 -3.58 -64.79
N LEU D 100 -51.78 -2.83 -65.17
CA LEU D 100 -51.59 -1.56 -65.86
C LEU D 100 -50.56 -0.69 -65.14
N ALA D 101 -50.73 -0.52 -63.83
CA ALA D 101 -49.76 0.24 -63.05
C ALA D 101 -48.39 -0.40 -63.09
N ALA D 102 -48.34 -1.72 -63.03
CA ALA D 102 -47.05 -2.39 -63.10
C ALA D 102 -46.28 -1.94 -64.33
N THR D 103 -46.93 -1.90 -65.48
CA THR D 103 -46.15 -1.45 -66.63
C THR D 103 -46.06 0.06 -66.74
N LEU D 104 -46.89 0.81 -66.02
CA LEU D 104 -46.80 2.25 -66.16
C LEU D 104 -45.73 2.85 -65.27
N SER D 105 -45.47 2.27 -64.10
CA SER D 105 -44.70 2.93 -63.05
C SER D 105 -43.21 2.66 -63.11
N GLY D 106 -42.72 1.98 -64.14
CA GLY D 106 -41.30 1.89 -64.36
C GLY D 106 -40.60 0.77 -63.62
N SER D 107 -41.32 -0.23 -63.14
CA SER D 107 -40.74 -1.40 -62.54
C SER D 107 -41.82 -2.45 -62.40
N ASP D 108 -41.49 -3.59 -61.82
CA ASP D 108 -42.44 -4.70 -61.73
C ASP D 108 -42.75 -5.06 -60.28
N PRO D 109 -43.97 -4.91 -59.81
CA PRO D 109 -44.27 -5.42 -58.46
C PRO D 109 -44.00 -6.90 -58.32
N MET D 110 -44.42 -7.68 -59.32
CA MET D 110 -44.40 -9.12 -59.18
C MET D 110 -43.00 -9.65 -58.89
N GLN D 111 -41.98 -9.10 -59.53
CA GLN D 111 -40.63 -9.64 -59.34
C GLN D 111 -40.15 -9.39 -57.93
N ALA D 112 -40.19 -8.14 -57.48
CA ALA D 112 -39.76 -7.85 -56.13
C ALA D 112 -40.51 -8.71 -55.14
N ILE D 113 -41.83 -8.52 -55.06
CA ILE D 113 -42.60 -9.21 -54.03
C ILE D 113 -42.36 -10.71 -54.10
N GLY D 114 -42.22 -11.26 -55.30
CA GLY D 114 -41.87 -12.65 -55.43
C GLY D 114 -40.54 -12.98 -54.79
N SER D 115 -39.56 -12.08 -54.90
CA SER D 115 -38.29 -12.33 -54.25
C SER D 115 -38.36 -12.12 -52.76
N ARG D 116 -39.40 -11.44 -52.27
CA ARG D 116 -39.58 -11.29 -50.85
C ARG D 116 -40.35 -12.44 -50.22
N VAL D 117 -41.02 -13.29 -51.03
CA VAL D 117 -41.87 -14.32 -50.45
C VAL D 117 -41.11 -15.18 -49.45
N ALA D 118 -39.78 -15.23 -49.56
CA ALA D 118 -39.01 -16.18 -48.77
C ALA D 118 -39.24 -16.01 -47.28
N ALA D 119 -39.10 -14.80 -46.78
CA ALA D 119 -39.06 -14.58 -45.34
C ALA D 119 -40.42 -14.32 -44.72
N TYR D 120 -41.49 -14.37 -45.51
CA TYR D 120 -42.79 -14.19 -44.90
C TYR D 120 -43.09 -15.30 -43.91
N TRP D 121 -42.84 -16.54 -44.31
CA TRP D 121 -43.23 -17.65 -43.45
C TRP D 121 -42.37 -17.72 -42.19
N ALA D 122 -41.10 -17.35 -42.31
CA ALA D 122 -40.16 -17.50 -41.21
C ALA D 122 -40.71 -16.93 -39.92
N ARG D 123 -41.35 -15.78 -39.99
CA ARG D 123 -41.92 -15.25 -38.76
C ARG D 123 -43.22 -15.96 -38.40
N GLU D 124 -43.94 -16.50 -39.40
CA GLU D 124 -45.19 -17.18 -39.10
C GLU D 124 -44.96 -18.36 -38.17
N MET D 125 -43.95 -19.18 -38.47
CA MET D 125 -43.69 -20.32 -37.59
C MET D 125 -43.64 -19.87 -36.13
N GLN D 126 -42.78 -18.89 -35.84
CA GLN D 126 -42.68 -18.34 -34.50
C GLN D 126 -44.06 -17.94 -33.97
N LYS D 127 -44.80 -17.18 -34.78
CA LYS D 127 -46.12 -16.72 -34.39
C LYS D 127 -47.03 -17.89 -34.01
N ILE D 128 -46.76 -19.09 -34.51
CA ILE D 128 -47.48 -20.25 -34.00
C ILE D 128 -46.90 -20.68 -32.66
N VAL D 129 -45.57 -20.75 -32.57
CA VAL D 129 -44.94 -21.38 -31.41
C VAL D 129 -45.37 -20.69 -30.12
N PHE D 130 -45.15 -19.38 -30.03
CA PHE D 130 -45.49 -18.68 -28.79
C PHE D 130 -46.91 -19.00 -28.35
N ALA D 131 -47.86 -18.82 -29.25
CA ALA D 131 -49.25 -19.13 -28.94
C ALA D 131 -49.39 -20.53 -28.40
N GLU D 132 -48.68 -21.49 -28.97
CA GLU D 132 -48.88 -22.86 -28.54
C GLU D 132 -48.41 -23.07 -27.11
N LEU D 133 -47.14 -22.75 -26.81
CA LEU D 133 -46.67 -22.90 -25.43
C LEU D 133 -47.63 -22.24 -24.46
N ALA D 134 -48.00 -20.99 -24.75
CA ALA D 134 -48.99 -20.32 -23.92
C ALA D 134 -50.28 -21.10 -23.89
N GLY D 135 -50.46 -22.03 -24.82
CA GLY D 135 -51.56 -22.98 -24.68
C GLY D 135 -51.27 -24.03 -23.63
N VAL D 136 -50.08 -24.62 -23.66
CA VAL D 136 -49.77 -25.69 -22.72
C VAL D 136 -49.95 -25.18 -21.31
N PHE D 137 -49.13 -24.22 -20.91
CA PHE D 137 -49.16 -23.96 -19.48
C PHE D 137 -50.43 -23.28 -19.03
N SER D 138 -51.29 -22.89 -19.95
CA SER D 138 -52.49 -22.19 -19.55
C SER D 138 -53.28 -23.03 -18.59
N ASN D 139 -53.52 -22.48 -17.41
CA ASN D 139 -54.68 -22.80 -16.59
C ASN D 139 -54.86 -24.29 -16.38
N ASP D 140 -53.79 -25.08 -16.44
CA ASP D 140 -53.87 -26.51 -16.16
C ASP D 140 -52.90 -26.81 -15.03
N ASP D 141 -53.45 -27.13 -13.87
CA ASP D 141 -52.63 -27.23 -12.67
C ASP D 141 -51.50 -28.22 -12.86
N MET D 142 -51.73 -29.28 -13.63
CA MET D 142 -50.79 -30.38 -13.72
C MET D 142 -49.44 -29.98 -14.28
N LYS D 143 -49.31 -28.78 -14.79
CA LYS D 143 -48.00 -28.29 -15.18
C LYS D 143 -47.33 -27.48 -14.11
N ASP D 144 -48.01 -27.22 -12.98
CA ASP D 144 -47.56 -26.16 -12.07
C ASP D 144 -46.10 -26.30 -11.72
N ASN D 145 -45.62 -27.53 -11.61
CA ASN D 145 -44.25 -27.73 -11.17
C ASN D 145 -43.24 -27.17 -12.14
N LYS D 146 -43.66 -26.70 -13.30
CA LYS D 146 -42.78 -25.95 -14.17
C LYS D 146 -43.00 -24.44 -14.13
N LEU D 147 -44.01 -23.96 -13.42
CA LEU D 147 -44.30 -22.53 -13.36
C LEU D 147 -43.91 -21.97 -12.00
N ASP D 148 -43.32 -20.78 -12.01
CA ASP D 148 -42.80 -20.14 -10.82
C ASP D 148 -43.32 -18.71 -10.80
N ILE D 149 -44.20 -18.39 -9.85
CA ILE D 149 -44.95 -17.14 -9.90
C ILE D 149 -44.43 -16.18 -8.84
N SER D 150 -43.80 -15.10 -9.30
CA SER D 150 -43.22 -14.10 -8.43
C SER D 150 -44.10 -12.87 -8.26
N GLY D 151 -45.33 -12.88 -8.77
CA GLY D 151 -46.17 -11.69 -8.72
C GLY D 151 -46.41 -11.21 -7.31
N THR D 152 -47.05 -10.03 -7.14
CA THR D 152 -47.30 -9.28 -5.88
C THR D 152 -46.22 -8.28 -5.46
N ALA D 153 -45.16 -8.07 -6.25
CA ALA D 153 -44.17 -6.98 -6.16
C ALA D 153 -42.94 -7.25 -5.31
N ASP D 154 -42.85 -8.39 -4.63
CA ASP D 154 -41.58 -8.83 -4.08
C ASP D 154 -40.74 -9.45 -5.19
N GLY D 155 -39.56 -8.90 -5.41
CA GLY D 155 -38.58 -9.52 -6.27
C GLY D 155 -38.58 -9.01 -7.69
N ILE D 156 -37.37 -8.81 -8.17
CA ILE D 156 -37.11 -7.99 -9.34
C ILE D 156 -36.65 -8.77 -10.55
N TYR D 157 -36.59 -10.10 -10.47
CA TYR D 157 -35.73 -10.85 -11.39
C TYR D 157 -34.27 -10.41 -11.20
N SER D 158 -33.69 -10.85 -10.09
CA SER D 158 -32.25 -10.72 -9.93
C SER D 158 -31.69 -11.87 -9.12
N ALA D 159 -30.65 -12.50 -9.64
CA ALA D 159 -29.59 -13.09 -8.83
C ALA D 159 -30.04 -14.19 -7.90
N GLU D 160 -31.34 -14.32 -7.68
CA GLU D 160 -31.83 -15.39 -6.81
C GLU D 160 -33.00 -16.13 -7.43
N THR D 161 -34.11 -15.41 -7.58
CA THR D 161 -35.28 -16.03 -8.19
C THR D 161 -34.88 -16.75 -9.46
N PHE D 162 -33.87 -16.22 -10.16
CA PHE D 162 -33.32 -16.93 -11.30
C PHE D 162 -32.83 -18.32 -10.91
N VAL D 163 -31.89 -18.38 -9.96
CA VAL D 163 -31.35 -19.68 -9.58
C VAL D 163 -32.46 -20.63 -9.19
N ASP D 164 -33.47 -20.13 -8.48
CA ASP D 164 -34.62 -20.98 -8.21
C ASP D 164 -35.22 -21.50 -9.49
N ALA D 165 -35.40 -20.64 -10.48
CA ALA D 165 -35.87 -21.12 -11.77
C ALA D 165 -34.94 -22.17 -12.35
N SER D 166 -33.67 -22.19 -11.96
CA SER D 166 -32.81 -23.24 -12.48
C SER D 166 -33.02 -24.56 -11.75
N TYR D 167 -33.20 -24.51 -10.44
CA TYR D 167 -33.35 -25.75 -9.68
C TYR D 167 -34.78 -26.22 -9.57
N LYS D 168 -35.72 -25.58 -10.27
CA LYS D 168 -37.07 -26.13 -10.25
C LYS D 168 -37.09 -27.58 -10.70
N LEU D 169 -36.12 -27.98 -11.52
CA LEU D 169 -35.84 -29.39 -11.71
C LEU D 169 -34.74 -29.75 -10.71
N GLY D 170 -35.08 -30.50 -9.68
CA GLY D 170 -34.18 -30.70 -8.56
C GLY D 170 -33.01 -31.63 -8.79
N ASP D 171 -33.30 -32.84 -9.24
CA ASP D 171 -32.22 -33.79 -9.43
C ASP D 171 -31.44 -33.49 -10.69
N HIS D 172 -32.16 -33.18 -11.76
CA HIS D 172 -31.54 -32.94 -13.06
C HIS D 172 -31.25 -31.46 -13.15
N GLU D 173 -29.96 -31.12 -13.09
CA GLU D 173 -29.45 -29.79 -13.33
C GLU D 173 -28.63 -29.85 -14.60
N SER D 174 -28.47 -28.70 -15.24
CA SER D 174 -27.76 -28.64 -16.50
C SER D 174 -28.45 -29.49 -17.55
N LEU D 175 -29.73 -29.72 -17.36
CA LEU D 175 -30.58 -30.12 -18.45
C LEU D 175 -31.24 -28.92 -19.09
N LEU D 176 -30.86 -27.73 -18.67
CA LEU D 176 -31.29 -26.50 -19.30
C LEU D 176 -30.08 -25.82 -19.91
N THR D 177 -30.32 -25.00 -20.92
CA THR D 177 -29.23 -24.39 -21.68
C THR D 177 -29.41 -22.89 -21.87
N ALA D 178 -30.47 -22.47 -22.52
CA ALA D 178 -30.60 -21.09 -22.97
C ALA D 178 -31.84 -20.43 -22.40
N ILE D 179 -31.89 -19.10 -22.53
CA ILE D 179 -32.97 -18.30 -21.97
C ILE D 179 -33.59 -17.46 -23.08
N GLY D 180 -34.92 -17.52 -23.19
CA GLY D 180 -35.65 -16.54 -23.98
C GLY D 180 -35.96 -15.33 -23.12
N MET D 181 -35.98 -14.16 -23.74
CA MET D 181 -35.93 -12.95 -22.94
C MET D 181 -36.55 -11.79 -23.72
N HIS D 182 -37.05 -10.80 -22.98
CA HIS D 182 -37.47 -9.54 -23.55
C HIS D 182 -36.45 -8.47 -23.23
N SER D 183 -36.32 -7.50 -24.13
CA SER D 183 -35.26 -6.49 -24.02
C SER D 183 -35.25 -5.83 -22.65
N ALA D 184 -36.40 -5.27 -22.26
CA ALA D 184 -36.45 -4.46 -21.04
C ALA D 184 -35.85 -5.19 -19.86
N THR D 185 -36.04 -6.51 -19.79
CA THR D 185 -35.44 -7.25 -18.69
C THR D 185 -33.94 -7.10 -18.71
N MET D 186 -33.27 -7.54 -19.78
CA MET D 186 -31.82 -7.47 -19.77
C MET D 186 -31.35 -6.03 -19.58
N ALA D 187 -32.16 -5.07 -20.03
CA ALA D 187 -31.91 -3.69 -19.65
C ALA D 187 -31.82 -3.57 -18.14
N SER D 188 -32.75 -4.19 -17.42
CA SER D 188 -32.61 -4.21 -15.98
C SER D 188 -31.42 -5.04 -15.55
N ALA D 189 -30.93 -5.94 -16.40
CA ALA D 189 -29.86 -6.81 -15.98
C ALA D 189 -28.54 -6.06 -15.94
N VAL D 190 -28.17 -5.40 -17.04
CA VAL D 190 -26.85 -4.78 -17.11
C VAL D 190 -26.69 -3.75 -16.01
N LYS D 191 -27.78 -3.19 -15.51
CA LYS D 191 -27.62 -2.25 -14.40
C LYS D 191 -27.20 -2.93 -13.11
N GLN D 192 -27.27 -4.26 -13.01
CA GLN D 192 -26.88 -4.93 -11.77
C GLN D 192 -25.94 -6.11 -12.01
N ASP D 193 -26.47 -7.13 -12.67
CA ASP D 193 -25.86 -8.45 -12.77
C ASP D 193 -24.56 -8.37 -13.58
N LEU D 194 -23.81 -9.47 -13.51
CA LEU D 194 -22.46 -9.58 -14.03
C LEU D 194 -22.40 -10.06 -15.48
N ILE D 195 -23.52 -10.02 -16.22
CA ILE D 195 -23.62 -10.72 -17.51
C ILE D 195 -22.37 -10.50 -18.33
N GLU D 196 -21.77 -11.59 -18.77
CA GLU D 196 -20.36 -11.61 -19.14
C GLU D 196 -20.23 -11.90 -20.62
N PHE D 197 -19.51 -11.03 -21.33
CA PHE D 197 -19.39 -11.18 -22.76
C PHE D 197 -18.24 -12.12 -23.08
N VAL D 198 -18.55 -13.26 -23.70
CA VAL D 198 -17.55 -14.23 -24.11
C VAL D 198 -17.52 -14.22 -25.63
N LYS D 199 -16.38 -13.87 -26.20
CA LYS D 199 -16.23 -13.86 -27.64
C LYS D 199 -15.65 -15.19 -28.08
N ASP D 200 -16.36 -15.89 -28.98
CA ASP D 200 -15.94 -17.21 -29.42
C ASP D 200 -15.27 -17.16 -30.80
N SER D 201 -16.09 -16.95 -31.83
CA SER D 201 -15.59 -17.01 -33.20
C SER D 201 -14.45 -16.03 -33.40
N GLN D 202 -13.51 -16.41 -34.24
CA GLN D 202 -12.39 -15.54 -34.56
C GLN D 202 -12.48 -15.12 -36.01
N SER D 203 -12.89 -13.88 -36.25
CA SER D 203 -13.50 -13.07 -35.20
C SER D 203 -15.00 -12.94 -35.43
N GLY D 204 -15.77 -12.99 -34.37
CA GLY D 204 -17.19 -12.70 -34.44
C GLY D 204 -17.68 -12.18 -33.11
N ILE D 205 -18.70 -11.34 -33.17
CA ILE D 205 -19.11 -10.56 -32.01
C ILE D 205 -20.60 -10.41 -31.93
N ARG D 206 -21.21 -10.67 -30.77
CA ARG D 206 -20.68 -11.50 -29.68
C ARG D 206 -21.92 -11.98 -28.95
N PHE D 207 -21.91 -13.19 -28.39
CA PHE D 207 -23.12 -13.67 -27.75
C PHE D 207 -22.98 -13.62 -26.25
N PRO D 208 -23.84 -12.87 -25.57
CA PRO D 208 -23.74 -12.76 -24.11
C PRO D 208 -24.00 -14.11 -23.45
N THR D 209 -23.60 -14.20 -22.19
CA THR D 209 -23.63 -15.46 -21.46
C THR D 209 -23.83 -15.16 -20.00
N TYR D 210 -24.63 -15.98 -19.31
CA TYR D 210 -24.78 -15.70 -17.89
C TYR D 210 -24.00 -16.69 -17.04
N MET D 211 -24.52 -17.90 -16.84
CA MET D 211 -23.79 -18.92 -16.10
C MET D 211 -23.89 -20.23 -16.87
N ASN D 212 -22.81 -20.58 -17.58
CA ASN D 212 -22.85 -21.73 -18.47
C ASN D 212 -24.15 -21.80 -19.24
N LYS D 213 -24.69 -20.65 -19.67
CA LYS D 213 -25.93 -20.63 -20.41
C LYS D 213 -25.77 -19.74 -21.62
N ARG D 214 -26.71 -19.87 -22.54
CA ARG D 214 -26.81 -18.94 -23.65
C ARG D 214 -28.02 -18.06 -23.43
N VAL D 215 -27.92 -16.81 -23.85
CA VAL D 215 -29.00 -15.86 -23.73
C VAL D 215 -29.39 -15.40 -25.11
N ILE D 216 -30.68 -15.36 -25.39
CA ILE D 216 -31.20 -15.05 -26.71
C ILE D 216 -32.17 -13.90 -26.60
N VAL D 217 -31.90 -12.83 -27.33
CA VAL D 217 -32.66 -11.59 -27.20
C VAL D 217 -33.56 -11.44 -28.40
N ASP D 218 -34.84 -11.23 -28.14
CA ASP D 218 -35.79 -10.88 -29.17
C ASP D 218 -36.71 -9.77 -28.70
N ASP D 219 -37.14 -8.94 -29.64
CA ASP D 219 -38.02 -7.85 -29.26
C ASP D 219 -39.41 -8.35 -28.87
N SER D 220 -39.95 -9.35 -29.56
CA SER D 220 -41.35 -9.74 -29.37
C SER D 220 -41.42 -10.99 -28.51
N MET D 221 -41.83 -10.83 -27.27
CA MET D 221 -42.18 -11.92 -26.37
C MET D 221 -43.54 -11.62 -25.79
N PRO D 222 -44.19 -12.60 -25.19
CA PRO D 222 -45.47 -12.33 -24.54
C PRO D 222 -45.31 -11.22 -23.50
N VAL D 223 -46.32 -10.38 -23.39
CA VAL D 223 -46.38 -9.38 -22.33
C VAL D 223 -47.84 -9.09 -22.03
N GLU D 224 -48.15 -8.88 -20.76
CA GLU D 224 -49.49 -8.56 -20.33
C GLU D 224 -49.51 -7.13 -19.80
N THR D 225 -50.66 -6.75 -19.25
CA THR D 225 -50.74 -5.52 -18.48
C THR D 225 -51.86 -5.67 -17.47
N LEU D 226 -51.67 -5.11 -16.29
CA LEU D 226 -52.74 -4.93 -15.33
C LEU D 226 -53.15 -3.47 -15.30
N GLU D 227 -54.16 -3.15 -14.50
CA GLU D 227 -54.38 -1.75 -14.18
C GLU D 227 -53.28 -1.30 -13.23
N ASP D 228 -53.36 -0.07 -12.76
CA ASP D 228 -52.36 0.48 -11.85
C ASP D 228 -50.97 0.49 -12.47
N GLY D 229 -50.89 0.46 -13.79
CA GLY D 229 -49.64 0.61 -14.48
C GLY D 229 -48.57 -0.36 -14.02
N THR D 230 -48.85 -1.64 -14.07
CA THR D 230 -47.87 -2.65 -13.71
C THR D 230 -47.64 -3.58 -14.89
N LYS D 231 -46.40 -3.65 -15.35
CA LYS D 231 -46.03 -4.51 -16.45
C LYS D 231 -45.55 -5.85 -15.92
N VAL D 232 -45.85 -6.91 -16.64
CA VAL D 232 -45.46 -8.26 -16.27
C VAL D 232 -44.82 -8.92 -17.48
N PHE D 233 -43.75 -9.66 -17.26
CA PHE D 233 -42.97 -10.23 -18.34
C PHE D 233 -42.92 -11.74 -18.20
N THR D 234 -42.48 -12.41 -19.27
CA THR D 234 -42.54 -13.87 -19.32
C THR D 234 -41.15 -14.49 -19.45
N SER D 235 -40.54 -14.44 -20.62
CA SER D 235 -39.17 -14.88 -20.80
C SER D 235 -38.95 -16.35 -20.45
N TYR D 236 -39.38 -17.26 -21.31
CA TYR D 236 -39.21 -18.69 -21.09
C TYR D 236 -37.76 -19.06 -20.82
N LEU D 237 -37.59 -20.12 -20.05
CA LEU D 237 -36.31 -20.79 -19.86
C LEU D 237 -36.47 -22.22 -20.36
N PHE D 238 -35.84 -22.53 -21.49
CA PHE D 238 -36.07 -23.82 -22.15
C PHE D 238 -34.82 -24.67 -22.13
N GLY D 239 -33.75 -24.22 -22.78
CA GLY D 239 -32.56 -25.02 -22.96
C GLY D 239 -32.83 -26.41 -23.46
N ALA D 240 -33.88 -26.59 -24.24
CA ALA D 240 -34.32 -27.94 -24.52
C ALA D 240 -33.40 -28.62 -25.51
N GLY D 241 -33.48 -28.23 -26.77
CA GLY D 241 -32.81 -29.00 -27.78
C GLY D 241 -33.31 -30.43 -27.69
N ALA D 242 -34.61 -30.73 -27.88
CA ALA D 242 -35.65 -29.81 -28.36
C ALA D 242 -37.04 -30.42 -28.27
N LEU D 243 -37.99 -29.75 -28.91
CA LEU D 243 -39.17 -30.39 -29.45
C LEU D 243 -38.88 -30.75 -30.91
N GLY D 244 -39.89 -31.12 -31.71
CA GLY D 244 -39.61 -31.49 -33.09
C GLY D 244 -40.76 -31.18 -34.03
N TYR D 245 -40.43 -31.01 -35.32
CA TYR D 245 -41.46 -30.84 -36.34
C TYR D 245 -40.97 -31.32 -37.69
N ALA D 246 -41.85 -31.95 -38.46
CA ALA D 246 -41.53 -32.42 -39.80
C ALA D 246 -42.43 -31.74 -40.82
N GLU D 247 -41.89 -31.55 -42.02
CA GLU D 247 -42.57 -30.68 -42.97
C GLU D 247 -43.74 -31.37 -43.67
N GLY D 248 -43.52 -32.58 -44.17
CA GLY D 248 -44.57 -33.16 -44.97
C GLY D 248 -44.74 -32.39 -46.26
N GLN D 249 -45.68 -32.88 -47.08
CA GLN D 249 -45.86 -32.30 -48.39
C GLN D 249 -47.32 -32.17 -48.77
N PRO D 250 -47.68 -31.10 -49.41
CA PRO D 250 -48.93 -31.06 -50.15
C PRO D 250 -48.65 -31.59 -51.53
N GLU D 251 -49.64 -31.45 -52.39
CA GLU D 251 -49.44 -31.52 -53.84
C GLU D 251 -49.63 -30.11 -54.37
N VAL D 252 -48.92 -29.80 -55.44
CA VAL D 252 -48.94 -28.46 -56.02
C VAL D 252 -48.46 -27.45 -54.96
N PRO D 253 -47.18 -27.45 -54.60
CA PRO D 253 -46.70 -26.43 -53.66
C PRO D 253 -46.69 -25.04 -54.26
N THR D 254 -46.60 -24.95 -55.57
CA THR D 254 -46.45 -23.67 -56.26
C THR D 254 -47.29 -23.67 -57.52
N GLU D 255 -48.22 -22.73 -57.62
CA GLU D 255 -49.11 -22.68 -58.77
C GLU D 255 -49.39 -21.22 -59.08
N THR D 256 -49.64 -20.96 -60.37
CA THR D 256 -49.84 -19.60 -60.85
C THR D 256 -50.93 -19.64 -61.92
N ALA D 257 -51.82 -18.67 -61.89
CA ALA D 257 -52.84 -18.58 -62.90
C ALA D 257 -53.28 -17.13 -63.02
N ARG D 258 -53.84 -16.78 -64.17
CA ARG D 258 -54.20 -15.40 -64.41
C ARG D 258 -55.60 -15.30 -64.97
N ASN D 259 -56.17 -14.12 -64.78
CA ASN D 259 -57.53 -13.80 -65.21
C ASN D 259 -57.40 -12.99 -66.49
N ALA D 260 -57.74 -13.61 -67.62
CA ALA D 260 -57.35 -13.04 -68.91
C ALA D 260 -58.29 -11.93 -69.35
N LEU D 261 -59.59 -12.06 -69.14
CA LEU D 261 -60.47 -10.99 -69.56
C LEU D 261 -60.12 -9.69 -68.87
N GLY D 262 -59.94 -9.69 -67.57
CA GLY D 262 -59.40 -8.55 -66.87
C GLY D 262 -57.91 -8.43 -67.16
N SER D 263 -57.21 -7.70 -66.32
CA SER D 263 -55.75 -7.75 -66.37
C SER D 263 -55.24 -7.97 -64.96
N GLN D 264 -54.75 -9.18 -64.68
CA GLN D 264 -54.40 -9.59 -63.32
C GLN D 264 -53.41 -10.73 -63.38
N ASP D 265 -52.83 -11.03 -62.23
CA ASP D 265 -52.18 -12.30 -61.97
C ASP D 265 -52.08 -12.48 -60.46
N ILE D 266 -51.86 -13.73 -60.04
CA ILE D 266 -51.88 -14.07 -58.62
C ILE D 266 -50.76 -15.06 -58.33
N LEU D 267 -50.45 -15.25 -57.05
CA LEU D 267 -49.53 -16.29 -56.60
C LEU D 267 -50.05 -16.94 -55.33
N ILE D 268 -49.81 -18.25 -55.22
CA ILE D 268 -50.31 -19.04 -54.10
C ILE D 268 -49.21 -19.99 -53.63
N ASN D 269 -49.27 -20.40 -52.36
CA ASN D 269 -48.23 -21.27 -51.79
C ASN D 269 -48.70 -22.51 -51.04
N ARG D 270 -49.44 -22.37 -49.94
CA ARG D 270 -50.12 -23.50 -49.29
C ARG D 270 -49.20 -24.65 -48.86
N LYS D 271 -48.58 -24.57 -47.69
CA LYS D 271 -47.70 -25.63 -47.19
C LYS D 271 -48.28 -26.30 -45.94
N HIS D 272 -47.87 -27.56 -45.69
CA HIS D 272 -48.24 -28.33 -44.51
C HIS D 272 -47.07 -28.46 -43.55
N PHE D 273 -47.36 -28.53 -42.24
CA PHE D 273 -46.33 -28.94 -41.27
C PHE D 273 -46.96 -29.41 -39.96
N VAL D 274 -46.15 -30.12 -39.16
CA VAL D 274 -46.62 -30.79 -37.94
C VAL D 274 -45.65 -30.55 -36.80
N LEU D 275 -46.16 -30.03 -35.68
CA LEU D 275 -45.34 -29.62 -34.54
C LEU D 275 -46.10 -29.71 -33.23
N HIS D 276 -45.43 -30.15 -32.14
CA HIS D 276 -46.08 -30.37 -30.85
C HIS D 276 -45.12 -30.89 -29.79
N PRO D 277 -45.27 -30.47 -28.53
CA PRO D 277 -44.34 -30.91 -27.47
C PRO D 277 -44.60 -32.36 -27.10
N ARG D 278 -43.54 -33.16 -27.02
CA ARG D 278 -43.75 -34.49 -26.48
C ARG D 278 -42.79 -34.90 -25.37
N GLY D 279 -43.31 -34.91 -24.17
CA GLY D 279 -44.36 -33.97 -23.86
C GLY D 279 -45.82 -34.30 -23.90
N VAL D 280 -46.56 -33.26 -23.51
CA VAL D 280 -47.99 -33.35 -23.27
C VAL D 280 -48.75 -33.96 -24.44
N LYS D 281 -49.74 -34.77 -24.12
CA LYS D 281 -50.63 -35.35 -25.09
C LYS D 281 -51.68 -34.32 -25.52
N PHE D 282 -52.27 -34.55 -26.69
CA PHE D 282 -53.34 -33.72 -27.20
C PHE D 282 -54.66 -34.47 -27.14
N THR D 283 -55.75 -33.73 -26.99
CA THR D 283 -57.08 -34.32 -27.06
C THR D 283 -57.96 -33.42 -27.89
N GLU D 284 -58.96 -34.01 -28.52
CA GLU D 284 -59.99 -33.24 -29.22
C GLU D 284 -61.10 -33.00 -28.20
N ASN D 285 -61.22 -31.77 -27.74
CA ASN D 285 -62.22 -31.40 -26.75
C ASN D 285 -62.67 -29.99 -27.02
N ALA D 286 -63.99 -29.78 -26.95
CA ALA D 286 -64.55 -28.44 -26.98
C ALA D 286 -63.92 -27.59 -28.07
N MET D 287 -63.57 -28.24 -29.17
CA MET D 287 -62.79 -27.63 -30.22
C MET D 287 -63.43 -27.96 -31.56
N ALA D 288 -63.84 -26.92 -32.29
CA ALA D 288 -64.53 -27.11 -33.55
C ALA D 288 -63.49 -27.51 -34.60
N GLY D 289 -63.90 -27.50 -35.86
CA GLY D 289 -63.01 -27.91 -36.92
C GLY D 289 -63.78 -28.23 -38.17
N THR D 290 -63.28 -29.12 -39.01
CA THR D 290 -62.03 -29.82 -38.78
C THR D 290 -61.69 -30.31 -40.18
N THR D 291 -60.46 -30.72 -40.44
CA THR D 291 -59.29 -30.47 -39.62
C THR D 291 -58.65 -29.35 -40.41
N PRO D 292 -57.47 -28.86 -39.99
CA PRO D 292 -56.74 -28.84 -38.72
C PRO D 292 -57.42 -27.89 -37.80
N THR D 293 -56.75 -27.53 -36.73
CA THR D 293 -57.45 -26.76 -35.72
C THR D 293 -57.63 -25.28 -35.97
N ASP D 294 -56.61 -24.48 -35.66
CA ASP D 294 -56.70 -23.03 -35.53
C ASP D 294 -55.44 -22.46 -34.91
N GLU D 295 -55.42 -21.15 -34.69
CA GLU D 295 -54.52 -20.58 -33.69
C GLU D 295 -55.19 -20.54 -32.32
N GLU D 296 -56.19 -19.66 -32.17
CA GLU D 296 -56.83 -19.49 -30.87
C GLU D 296 -57.24 -20.82 -30.26
N LEU D 297 -57.99 -21.61 -31.01
CA LEU D 297 -58.36 -22.93 -30.51
C LEU D 297 -57.12 -23.75 -30.18
N ALA D 298 -56.07 -23.63 -30.98
CA ALA D 298 -54.83 -24.29 -30.62
C ALA D 298 -54.25 -23.75 -29.35
N ASN D 299 -54.85 -22.72 -28.77
CA ASN D 299 -54.32 -22.12 -27.56
C ASN D 299 -55.22 -22.29 -26.34
N GLY D 300 -56.40 -21.70 -26.37
CA GLY D 300 -57.18 -21.49 -25.17
C GLY D 300 -57.52 -22.71 -24.34
N ALA D 301 -57.98 -23.77 -24.97
CA ALA D 301 -58.71 -24.79 -24.24
C ALA D 301 -57.93 -26.09 -24.14
N ASN D 302 -57.56 -26.47 -22.92
CA ASN D 302 -57.56 -27.87 -22.58
C ASN D 302 -56.57 -28.74 -23.35
N TRP D 303 -55.29 -28.69 -22.98
CA TRP D 303 -54.32 -29.75 -23.23
C TRP D 303 -54.00 -30.49 -21.93
N GLN D 304 -53.56 -31.73 -22.05
CA GLN D 304 -53.32 -32.58 -20.89
C GLN D 304 -52.13 -33.50 -21.12
N ARG D 305 -51.33 -33.71 -20.08
CA ARG D 305 -50.03 -34.37 -20.19
C ARG D 305 -49.96 -35.63 -19.35
N VAL D 306 -49.06 -36.54 -19.73
CA VAL D 306 -48.62 -37.54 -18.78
C VAL D 306 -47.15 -37.95 -18.95
N TYR D 307 -46.30 -37.60 -17.97
CA TYR D 307 -45.02 -38.28 -17.70
C TYR D 307 -44.74 -38.53 -16.20
N ASP D 308 -44.85 -37.54 -15.30
CA ASP D 308 -44.73 -36.07 -15.45
C ASP D 308 -43.35 -35.36 -15.36
N PRO D 309 -42.69 -35.51 -14.21
CA PRO D 309 -41.91 -34.38 -13.69
C PRO D 309 -40.74 -33.97 -14.55
N LYS D 310 -40.04 -34.91 -15.11
CA LYS D 310 -38.77 -34.59 -15.72
C LYS D 310 -38.90 -34.76 -17.22
N LYS D 311 -37.80 -34.54 -17.91
CA LYS D 311 -37.68 -34.75 -19.35
C LYS D 311 -38.89 -34.20 -20.10
N ILE D 312 -39.26 -32.97 -19.78
CA ILE D 312 -40.23 -32.28 -20.61
C ILE D 312 -39.53 -31.55 -21.77
N ARG D 313 -38.66 -30.54 -21.61
CA ARG D 313 -38.25 -29.84 -20.41
C ARG D 313 -38.35 -28.34 -20.65
N ILE D 314 -39.31 -27.64 -20.05
CA ILE D 314 -39.39 -26.20 -20.20
C ILE D 314 -39.99 -25.60 -18.94
N VAL D 315 -39.50 -24.43 -18.56
CA VAL D 315 -39.95 -23.79 -17.33
C VAL D 315 -40.14 -22.30 -17.59
N GLN D 316 -41.21 -21.75 -17.06
CA GLN D 316 -41.47 -20.33 -17.20
C GLN D 316 -41.67 -19.72 -15.83
N PHE D 317 -41.31 -18.44 -15.72
CA PHE D 317 -41.63 -17.68 -14.52
C PHE D 317 -41.96 -16.26 -14.92
N LYS D 318 -43.04 -15.73 -14.35
CA LYS D 318 -43.50 -14.39 -14.61
C LYS D 318 -43.03 -13.49 -13.48
N HIS D 319 -42.57 -12.29 -13.83
CA HIS D 319 -42.02 -11.42 -12.81
C HIS D 319 -42.21 -9.97 -13.18
N ARG D 320 -42.37 -9.12 -12.17
CA ARG D 320 -42.31 -7.69 -12.39
C ARG D 320 -40.92 -7.29 -12.82
N LEU D 321 -40.85 -6.21 -13.56
CA LEU D 321 -39.57 -5.69 -14.02
C LEU D 321 -38.88 -4.99 -12.85
N GLN D 322 -37.58 -4.76 -13.02
CA GLN D 322 -36.80 -4.11 -11.98
C GLN D 322 -37.51 -2.87 -11.48
N ALA D 323 -37.45 -2.68 -10.17
CA ALA D 323 -37.94 -1.46 -9.60
C ALA D 323 -37.18 -0.31 -10.26
N ALA E 1 30.14 62.80 -11.49
CA ALA E 1 28.90 62.34 -12.09
C ALA E 1 29.05 60.95 -12.66
N TYR E 2 28.20 60.63 -13.63
CA TYR E 2 28.15 59.28 -14.17
C TYR E 2 27.92 59.34 -15.68
N THR E 3 28.15 58.20 -16.31
CA THR E 3 27.56 57.96 -17.62
C THR E 3 26.05 58.07 -17.55
N LYS E 4 25.44 57.48 -16.52
CA LYS E 4 24.07 57.77 -16.08
C LYS E 4 23.00 57.51 -17.13
N ILE E 5 22.51 56.28 -17.19
CA ILE E 5 21.56 55.78 -18.19
C ILE E 5 20.44 56.76 -18.45
N SER E 6 20.06 57.54 -17.44
CA SER E 6 18.99 58.50 -17.59
C SER E 6 19.17 59.39 -18.82
N ASP E 7 20.41 59.79 -19.12
CA ASP E 7 20.66 60.79 -20.14
C ASP E 7 21.11 60.22 -21.49
N VAL E 8 21.14 58.91 -21.66
CA VAL E 8 21.51 58.31 -22.93
C VAL E 8 20.27 57.72 -23.57
N ILE E 9 20.24 57.71 -24.90
CA ILE E 9 19.01 57.43 -25.64
C ILE E 9 18.82 55.94 -25.85
N VAL E 10 17.62 55.45 -25.54
CA VAL E 10 17.25 54.04 -25.68
C VAL E 10 16.41 53.86 -26.93
N PRO E 11 16.68 52.86 -27.76
CA PRO E 11 15.80 52.55 -28.88
C PRO E 11 14.64 51.69 -28.39
N GLU E 12 13.77 51.31 -29.33
CA GLU E 12 12.74 50.33 -29.07
C GLU E 12 12.82 49.25 -30.14
N LEU E 13 11.91 48.28 -30.13
CA LEU E 13 12.09 47.11 -30.97
C LEU E 13 10.78 46.55 -31.49
N PHE E 14 10.91 45.74 -32.53
CA PHE E 14 9.81 45.00 -33.14
C PHE E 14 10.42 43.81 -33.83
N ASN E 15 9.57 42.86 -34.23
CA ASN E 15 10.06 41.84 -35.16
C ASN E 15 8.85 41.24 -35.87
N PRO E 16 9.01 40.32 -36.83
CA PRO E 16 7.91 40.02 -37.76
C PRO E 16 6.64 39.52 -37.11
N TYR E 17 5.55 39.63 -37.87
CA TYR E 17 4.23 39.21 -37.44
C TYR E 17 4.11 37.70 -37.37
N VAL E 18 3.18 37.23 -36.54
CA VAL E 18 2.85 35.81 -36.44
C VAL E 18 1.34 35.65 -36.37
N ILE E 19 0.81 34.70 -37.13
CA ILE E 19 -0.63 34.48 -37.15
C ILE E 19 -1.09 33.95 -35.79
N ASN E 20 -2.25 34.40 -35.36
CA ASN E 20 -2.86 33.94 -34.12
C ASN E 20 -4.00 32.98 -34.40
N THR E 21 -4.20 32.03 -33.50
CA THR E 21 -5.27 31.07 -33.63
C THR E 21 -6.47 31.51 -32.81
N THR E 22 -7.67 31.24 -33.33
CA THR E 22 -8.88 31.25 -32.52
C THR E 22 -9.24 29.82 -32.20
N THR E 23 -9.63 29.58 -30.96
CA THR E 23 -9.91 28.22 -30.51
C THR E 23 -11.32 28.11 -30.00
N GLN E 24 -12.16 27.43 -30.78
CA GLN E 24 -13.06 26.42 -30.26
C GLN E 24 -12.87 25.24 -31.18
N LEU E 25 -12.44 24.12 -30.63
CA LEU E 25 -12.07 23.00 -31.48
C LEU E 25 -13.32 22.50 -32.16
N SER E 26 -13.33 22.54 -33.46
CA SER E 26 -14.46 22.05 -34.22
C SER E 26 -14.06 20.72 -34.82
N ALA E 27 -14.59 19.65 -34.26
CA ALA E 27 -14.47 18.39 -34.95
C ALA E 27 -15.86 17.82 -35.17
N PHE E 28 -16.41 17.20 -34.13
CA PHE E 28 -17.71 16.58 -34.19
C PHE E 28 -17.82 15.72 -35.43
N PHE E 29 -16.65 15.33 -35.98
CA PHE E 29 -16.47 14.40 -37.09
C PHE E 29 -15.41 13.43 -36.58
N GLN E 30 -15.53 12.12 -36.83
CA GLN E 30 -16.58 11.53 -37.63
C GLN E 30 -17.85 11.32 -36.85
N SER E 31 -18.94 11.35 -37.59
CA SER E 31 -20.30 11.13 -37.11
C SER E 31 -21.17 11.03 -38.34
N GLY E 32 -22.47 10.90 -38.11
CA GLY E 32 -23.37 11.46 -39.07
C GLY E 32 -22.96 12.87 -38.76
N ILE E 33 -22.47 13.61 -39.75
CA ILE E 33 -22.61 13.23 -41.14
C ILE E 33 -21.21 12.85 -41.60
N ALA E 34 -21.08 11.93 -42.54
CA ALA E 34 -19.77 11.53 -43.04
C ALA E 34 -19.94 10.48 -44.12
N ALA E 35 -18.90 10.29 -44.92
CA ALA E 35 -18.80 9.15 -45.82
C ALA E 35 -20.07 8.93 -46.63
N THR E 36 -20.34 9.79 -47.58
CA THR E 36 -21.65 9.86 -48.19
C THR E 36 -21.86 8.78 -49.24
N ASP E 37 -23.14 8.44 -49.45
CA ASP E 37 -23.57 7.61 -50.55
C ASP E 37 -23.58 8.41 -51.86
N ASP E 38 -24.11 7.81 -52.92
CA ASP E 38 -24.10 8.43 -54.24
C ASP E 38 -25.38 9.17 -54.61
N GLU E 39 -26.45 9.01 -53.84
CA GLU E 39 -27.69 9.72 -54.15
C GLU E 39 -27.39 11.20 -54.37
N LEU E 40 -26.61 11.76 -53.50
CA LEU E 40 -26.28 13.15 -53.64
C LEU E 40 -25.30 13.35 -54.80
N ASN E 41 -24.54 12.31 -55.17
CA ASN E 41 -23.75 12.39 -56.38
C ASN E 41 -24.65 12.63 -57.59
N ALA E 42 -25.89 12.14 -57.52
CA ALA E 42 -26.82 12.48 -58.59
C ALA E 42 -27.44 13.85 -58.40
N LEU E 43 -27.52 14.35 -57.17
CA LEU E 43 -28.08 15.70 -56.98
C LEU E 43 -27.07 16.84 -57.00
N ALA E 44 -25.80 16.59 -57.26
CA ALA E 44 -24.84 17.67 -57.08
C ALA E 44 -24.47 18.30 -58.40
N LYS E 45 -23.64 17.59 -59.17
CA LYS E 45 -23.08 18.11 -60.39
C LYS E 45 -24.18 18.37 -61.42
N LYS E 46 -23.85 19.20 -62.40
CA LYS E 46 -24.69 19.31 -63.59
C LYS E 46 -24.37 18.10 -64.45
N ALA E 47 -25.30 17.61 -65.28
CA ALA E 47 -26.50 18.32 -65.71
C ALA E 47 -27.71 18.06 -64.85
N GLY E 48 -28.84 18.56 -65.33
CA GLY E 48 -30.10 18.36 -64.65
C GLY E 48 -30.04 18.86 -63.23
N GLY E 49 -29.77 20.14 -63.05
CA GLY E 49 -29.48 20.63 -61.72
C GLY E 49 -30.65 20.58 -60.77
N GLY E 50 -30.48 21.16 -59.59
CA GLY E 50 -31.50 21.14 -58.56
C GLY E 50 -32.72 21.93 -58.96
N SER E 51 -33.69 22.05 -58.08
CA SER E 51 -33.58 21.61 -56.70
C SER E 51 -33.82 20.13 -56.55
N THR E 52 -34.00 19.68 -55.31
CA THR E 52 -33.81 18.30 -54.95
C THR E 52 -34.73 17.34 -55.69
N LEU E 53 -34.25 16.12 -55.86
CA LEU E 53 -35.01 15.01 -56.39
C LEU E 53 -35.98 14.46 -55.36
N ASN E 54 -36.60 13.33 -55.71
CA ASN E 54 -37.42 12.56 -54.80
C ASN E 54 -37.27 11.08 -55.16
N MET E 55 -37.17 10.23 -54.15
CA MET E 55 -36.93 8.82 -54.38
C MET E 55 -37.94 7.96 -53.67
N PRO E 56 -38.38 6.91 -54.29
CA PRO E 56 -39.47 6.10 -53.72
C PRO E 56 -39.01 4.83 -53.04
N TYR E 57 -39.95 4.06 -52.52
CA TYR E 57 -39.63 2.76 -51.93
C TYR E 57 -40.89 1.90 -51.86
N TRP E 58 -40.68 0.59 -51.75
CA TRP E 58 -41.76 -0.39 -51.59
C TRP E 58 -41.65 -1.06 -50.24
N ASN E 59 -42.62 -0.80 -49.37
CA ASN E 59 -42.65 -1.40 -48.05
C ASN E 59 -43.09 -2.85 -48.15
N ASP E 60 -42.48 -3.69 -47.32
CA ASP E 60 -42.62 -5.13 -47.48
C ASP E 60 -44.04 -5.57 -47.16
N LEU E 61 -44.39 -6.74 -47.68
CA LEU E 61 -45.71 -7.30 -47.45
C LEU E 61 -45.85 -7.77 -46.02
N ASP E 62 -47.09 -7.78 -45.54
CA ASP E 62 -47.40 -8.35 -44.24
C ASP E 62 -48.88 -8.66 -44.20
N GLY E 63 -49.24 -9.52 -43.26
CA GLY E 63 -50.64 -9.82 -43.04
C GLY E 63 -50.78 -11.17 -42.39
N ASP E 64 -52.02 -11.46 -41.99
CA ASP E 64 -52.32 -12.73 -41.38
C ASP E 64 -52.47 -13.79 -42.45
N SER E 65 -52.25 -15.04 -42.08
CA SER E 65 -52.56 -16.13 -42.98
C SER E 65 -54.06 -16.42 -42.92
N GLN E 66 -54.51 -17.41 -43.68
CA GLN E 66 -55.87 -17.91 -43.53
C GLN E 66 -55.86 -19.40 -43.26
N VAL E 67 -56.99 -19.90 -42.77
CA VAL E 67 -57.14 -21.32 -42.52
C VAL E 67 -57.41 -22.01 -43.85
N LEU E 68 -56.52 -22.89 -44.26
CA LEU E 68 -56.76 -23.59 -45.51
C LEU E 68 -57.79 -24.67 -45.27
N ASN E 69 -58.90 -24.59 -45.98
CA ASN E 69 -60.02 -25.44 -45.71
C ASN E 69 -60.84 -25.60 -46.98
N ASP E 70 -61.54 -26.72 -47.09
CA ASP E 70 -62.38 -26.89 -48.27
C ASP E 70 -63.58 -25.96 -48.16
N THR E 71 -64.42 -26.00 -49.18
CA THR E 71 -65.70 -25.28 -49.21
C THR E 71 -65.52 -23.78 -48.99
N ASP E 72 -64.33 -23.27 -49.25
CA ASP E 72 -64.06 -21.86 -49.10
C ASP E 72 -62.82 -21.55 -49.92
N ASP E 73 -62.58 -20.26 -50.13
CA ASP E 73 -61.47 -19.88 -50.98
C ASP E 73 -60.60 -18.86 -50.27
N LEU E 74 -59.65 -18.25 -50.97
CA LEU E 74 -58.71 -17.30 -50.40
C LEU E 74 -58.94 -15.91 -51.00
N VAL E 75 -58.18 -14.93 -50.52
CA VAL E 75 -58.25 -13.57 -51.05
C VAL E 75 -56.84 -13.00 -51.18
N PRO E 76 -56.54 -12.27 -52.24
CA PRO E 76 -55.18 -11.74 -52.38
C PRO E 76 -54.95 -10.56 -51.46
N GLN E 77 -53.74 -10.00 -51.44
CA GLN E 77 -53.43 -8.79 -50.68
C GLN E 77 -52.42 -7.96 -51.45
N LYS E 78 -52.10 -6.77 -50.94
CA LYS E 78 -51.67 -5.65 -51.76
C LYS E 78 -50.34 -5.08 -51.32
N ILE E 79 -49.79 -4.20 -52.15
CA ILE E 79 -48.51 -3.55 -51.92
C ILE E 79 -48.73 -2.05 -51.97
N ASN E 80 -47.76 -1.28 -51.47
CA ASN E 80 -47.81 0.16 -51.43
C ASN E 80 -46.55 0.76 -52.03
N ALA E 81 -46.42 2.08 -51.89
CA ALA E 81 -45.21 2.78 -52.27
C ALA E 81 -45.01 3.96 -51.32
N GLY E 82 -43.82 4.56 -51.38
CA GLY E 82 -43.51 5.63 -50.47
C GLY E 82 -42.57 6.67 -51.05
N GLN E 83 -42.32 7.70 -50.26
CA GLN E 83 -41.77 8.94 -50.76
C GLN E 83 -40.53 9.35 -49.95
N ASP E 84 -39.65 10.11 -50.58
CA ASP E 84 -38.47 10.62 -49.90
C ASP E 84 -37.98 11.91 -50.57
N LYS E 85 -37.38 12.80 -49.77
CA LYS E 85 -36.93 14.10 -50.27
C LYS E 85 -35.53 14.40 -49.75
N ALA E 86 -35.05 15.60 -50.06
CA ALA E 86 -33.79 16.18 -49.58
C ALA E 86 -33.84 17.66 -49.95
N VAL E 87 -32.74 18.39 -49.72
CA VAL E 87 -32.65 19.80 -50.09
C VAL E 87 -31.25 20.06 -50.62
N LEU E 88 -31.13 20.98 -51.57
CA LEU E 88 -29.84 21.42 -52.10
C LEU E 88 -29.57 22.82 -51.62
N ILE E 89 -28.47 23.01 -50.90
CA ILE E 89 -28.18 24.30 -50.29
C ILE E 89 -26.85 24.82 -50.79
N LEU E 90 -26.63 26.13 -50.63
CA LEU E 90 -25.42 26.78 -51.09
C LEU E 90 -25.12 28.04 -50.28
N ARG E 91 -23.82 28.31 -50.11
CA ARG E 91 -23.33 29.41 -49.29
C ARG E 91 -22.05 29.95 -49.91
N GLY E 92 -21.49 30.96 -49.27
CA GLY E 92 -20.22 31.50 -49.71
C GLY E 92 -20.05 32.91 -49.18
N ASN E 93 -18.85 33.45 -49.39
CA ASN E 93 -18.63 34.83 -48.99
C ASN E 93 -17.39 35.37 -49.68
N ALA E 94 -17.11 36.63 -49.40
CA ALA E 94 -15.97 37.35 -49.93
C ALA E 94 -15.57 38.42 -48.92
N TRP E 95 -14.27 38.67 -48.81
CA TRP E 95 -13.76 39.75 -47.97
C TRP E 95 -12.59 40.41 -48.66
N SER E 96 -12.38 41.69 -48.37
CA SER E 96 -11.35 42.45 -49.07
C SER E 96 -10.02 42.29 -48.38
N SER E 97 -9.05 43.00 -48.91
CA SER E 97 -7.86 43.37 -48.18
C SER E 97 -7.74 44.88 -48.30
N HIS E 98 -6.64 45.42 -47.82
CA HIS E 98 -6.30 46.81 -48.05
C HIS E 98 -4.97 46.82 -48.79
N ASP E 99 -4.38 47.99 -49.04
CA ASP E 99 -3.11 47.96 -49.77
C ASP E 99 -2.01 48.79 -49.13
N LEU E 100 -2.21 50.10 -49.15
CA LEU E 100 -1.23 51.00 -48.57
C LEU E 100 -0.84 50.58 -47.18
N ALA E 101 -1.80 50.06 -46.41
CA ALA E 101 -1.49 49.53 -45.09
C ALA E 101 -0.56 48.33 -45.19
N ALA E 102 -0.64 47.58 -46.27
CA ALA E 102 0.28 46.48 -46.41
C ALA E 102 1.70 46.98 -46.64
N THR E 103 1.88 47.98 -47.51
CA THR E 103 3.26 48.43 -47.70
C THR E 103 3.77 49.28 -46.55
N LEU E 104 2.89 49.82 -45.74
CA LEU E 104 3.33 50.57 -44.58
C LEU E 104 3.69 49.64 -43.42
N SER E 105 2.94 48.56 -43.25
CA SER E 105 2.93 47.78 -42.03
C SER E 105 3.82 46.55 -42.05
N GLY E 106 4.54 46.27 -43.13
CA GLY E 106 5.61 45.30 -43.10
C GLY E 106 5.30 43.97 -43.73
N SER E 107 4.05 43.68 -44.07
CA SER E 107 3.73 42.47 -44.80
C SER E 107 2.35 42.64 -45.42
N ASP E 108 1.90 41.62 -46.15
CA ASP E 108 0.64 41.72 -46.88
C ASP E 108 -0.44 40.91 -46.18
N PRO E 109 -1.46 41.55 -45.62
CA PRO E 109 -2.52 40.78 -44.97
C PRO E 109 -3.17 39.76 -45.88
N MET E 110 -3.18 40.04 -47.18
CA MET E 110 -3.79 39.12 -48.13
C MET E 110 -3.20 37.72 -48.02
N GLN E 111 -1.89 37.63 -47.80
CA GLN E 111 -1.28 36.31 -47.72
C GLN E 111 -1.70 35.56 -46.47
N ALA E 112 -1.64 36.20 -45.30
CA ALA E 112 -2.03 35.50 -44.09
C ALA E 112 -3.46 35.03 -44.19
N ILE E 113 -4.39 35.94 -44.46
CA ILE E 113 -5.79 35.54 -44.47
C ILE E 113 -6.02 34.49 -45.54
N GLY E 114 -5.38 34.64 -46.70
CA GLY E 114 -5.46 33.60 -47.71
C GLY E 114 -4.92 32.27 -47.23
N SER E 115 -3.99 32.28 -46.29
CA SER E 115 -3.47 31.03 -45.75
C SER E 115 -4.43 30.39 -44.78
N ARG E 116 -5.08 31.18 -43.95
CA ARG E 116 -5.96 30.59 -42.95
C ARG E 116 -7.33 30.23 -43.50
N VAL E 117 -7.70 30.72 -44.69
CA VAL E 117 -9.06 30.48 -45.18
C VAL E 117 -9.45 29.00 -45.16
N ALA E 118 -8.49 28.09 -45.33
CA ALA E 118 -8.82 26.70 -45.60
C ALA E 118 -9.59 26.06 -44.46
N ALA E 119 -9.15 26.30 -43.23
CA ALA E 119 -9.77 25.62 -42.10
C ALA E 119 -11.03 26.30 -41.63
N TYR E 120 -11.46 27.35 -42.32
CA TYR E 120 -12.58 28.13 -41.82
C TYR E 120 -13.90 27.43 -42.03
N TRP E 121 -14.06 26.76 -43.17
CA TRP E 121 -15.40 26.27 -43.55
C TRP E 121 -15.90 25.21 -42.60
N ALA E 122 -15.01 24.37 -42.06
CA ALA E 122 -15.45 23.26 -41.23
C ALA E 122 -16.43 23.76 -40.16
N ARG E 123 -16.05 24.81 -39.44
CA ARG E 123 -16.94 25.30 -38.40
C ARG E 123 -18.25 25.83 -38.97
N GLU E 124 -18.25 26.24 -40.23
CA GLU E 124 -19.53 26.50 -40.86
C GLU E 124 -20.35 25.22 -40.97
N MET E 125 -19.75 24.15 -41.47
CA MET E 125 -20.49 22.90 -41.64
C MET E 125 -21.11 22.47 -40.32
N GLN E 126 -20.28 22.31 -39.29
CA GLN E 126 -20.79 22.01 -37.96
C GLN E 126 -21.90 22.96 -37.57
N LYS E 127 -21.66 24.26 -37.80
CA LYS E 127 -22.65 25.27 -37.48
C LYS E 127 -23.97 25.02 -38.18
N ILE E 128 -23.98 24.35 -39.33
CA ILE E 128 -25.23 23.95 -39.94
C ILE E 128 -25.82 22.73 -39.25
N VAL E 129 -24.99 21.70 -39.04
CA VAL E 129 -25.53 20.42 -38.63
C VAL E 129 -26.27 20.54 -37.31
N PHE E 130 -25.65 21.20 -36.33
CA PHE E 130 -26.35 21.33 -35.05
C PHE E 130 -27.74 21.90 -35.23
N ALA E 131 -27.83 23.07 -35.86
CA ALA E 131 -29.13 23.69 -36.05
C ALA E 131 -30.08 22.75 -36.77
N GLU E 132 -29.55 21.92 -37.67
CA GLU E 132 -30.42 21.00 -38.39
C GLU E 132 -31.05 19.98 -37.45
N LEU E 133 -30.25 19.20 -36.74
CA LEU E 133 -30.83 18.22 -35.83
C LEU E 133 -31.83 18.88 -34.90
N ALA E 134 -31.44 20.02 -34.33
CA ALA E 134 -32.38 20.80 -33.54
C ALA E 134 -33.62 21.15 -34.34
N GLY E 135 -33.55 21.07 -35.65
CA GLY E 135 -34.77 21.10 -36.44
C GLY E 135 -35.50 19.77 -36.47
N VAL E 136 -34.77 18.66 -36.58
CA VAL E 136 -35.44 17.37 -36.72
C VAL E 136 -36.36 17.14 -35.54
N PHE E 137 -35.81 17.19 -34.33
CA PHE E 137 -36.65 16.71 -33.23
C PHE E 137 -37.59 17.77 -32.69
N SER E 138 -37.32 19.04 -32.95
CA SER E 138 -38.08 20.09 -32.30
C SER E 138 -39.55 19.90 -32.58
N ASN E 139 -40.32 19.76 -31.52
CA ASN E 139 -41.77 19.88 -31.57
C ASN E 139 -42.41 18.92 -32.57
N ASP E 140 -41.72 17.87 -32.98
CA ASP E 140 -42.35 16.88 -33.85
C ASP E 140 -42.45 15.59 -33.07
N ASP E 141 -43.66 15.28 -32.62
CA ASP E 141 -43.87 14.16 -31.72
C ASP E 141 -43.61 12.85 -32.41
N MET E 142 -43.72 12.83 -33.74
CA MET E 142 -43.52 11.60 -34.49
C MET E 142 -42.13 11.04 -34.27
N LYS E 143 -41.23 11.82 -33.71
CA LYS E 143 -39.91 11.32 -33.35
C LYS E 143 -39.80 11.00 -31.87
N ASP E 144 -40.87 11.16 -31.09
CA ASP E 144 -40.72 11.16 -29.63
C ASP E 144 -40.03 9.90 -29.13
N ASN E 145 -40.18 8.79 -29.84
CA ASN E 145 -39.62 7.53 -29.36
C ASN E 145 -38.11 7.51 -29.33
N LYS E 146 -37.45 8.52 -29.86
CA LYS E 146 -36.01 8.58 -29.75
C LYS E 146 -35.54 9.54 -28.67
N LEU E 147 -36.45 10.23 -27.99
CA LEU E 147 -36.08 11.23 -27.01
C LEU E 147 -36.54 10.79 -25.63
N ASP E 148 -35.64 10.88 -24.66
CA ASP E 148 -35.85 10.48 -23.28
C ASP E 148 -35.48 11.66 -22.40
N ILE E 149 -36.46 12.25 -21.73
CA ILE E 149 -36.23 13.47 -20.96
C ILE E 149 -36.21 13.12 -19.49
N SER E 150 -35.08 13.42 -18.84
CA SER E 150 -34.97 13.28 -17.41
C SER E 150 -35.16 14.58 -16.67
N GLY E 151 -35.51 15.65 -17.35
CA GLY E 151 -35.61 16.96 -16.72
C GLY E 151 -36.64 16.95 -15.60
N THR E 152 -36.69 18.08 -14.88
CA THR E 152 -37.54 18.28 -13.69
C THR E 152 -36.92 17.78 -12.38
N ALA E 153 -35.62 17.45 -12.39
CA ALA E 153 -34.73 17.24 -11.22
C ALA E 153 -34.57 15.81 -10.70
N ASP E 154 -35.24 14.82 -11.27
CA ASP E 154 -34.93 13.43 -10.99
C ASP E 154 -33.87 12.92 -11.97
N GLY E 155 -32.73 12.52 -11.44
CA GLY E 155 -31.69 11.82 -12.19
C GLY E 155 -30.62 12.72 -12.77
N ILE E 156 -29.39 12.26 -12.69
CA ILE E 156 -28.25 13.15 -12.82
C ILE E 156 -27.44 12.94 -14.08
N TYR E 157 -27.78 11.98 -14.94
CA TYR E 157 -26.79 11.38 -15.84
C TYR E 157 -25.69 10.69 -15.03
N SER E 158 -26.04 9.53 -14.47
CA SER E 158 -25.00 8.65 -13.97
C SER E 158 -25.39 7.20 -14.19
N ALA E 159 -24.49 6.43 -14.79
CA ALA E 159 -24.36 5.00 -14.53
C ALA E 159 -25.59 4.18 -14.86
N GLU E 160 -26.73 4.82 -15.10
CA GLU E 160 -27.94 4.11 -15.41
C GLU E 160 -28.68 4.73 -16.59
N THR E 161 -29.14 5.97 -16.41
CA THR E 161 -29.88 6.61 -17.48
C THR E 161 -29.15 6.48 -18.80
N PHE E 162 -27.83 6.45 -18.76
CA PHE E 162 -27.09 6.07 -19.96
C PHE E 162 -27.49 4.69 -20.44
N VAL E 163 -27.71 3.74 -19.53
CA VAL E 163 -28.18 2.44 -19.97
C VAL E 163 -29.53 2.57 -20.63
N ASP E 164 -30.44 3.34 -20.03
CA ASP E 164 -31.75 3.52 -20.65
C ASP E 164 -31.62 4.01 -22.08
N ALA E 165 -30.94 5.13 -22.27
CA ALA E 165 -30.86 5.71 -23.60
C ALA E 165 -30.19 4.76 -24.58
N SER E 166 -29.16 4.05 -24.12
CA SER E 166 -28.49 3.13 -25.04
C SER E 166 -29.41 2.01 -25.48
N TYR E 167 -30.28 1.54 -24.60
CA TYR E 167 -31.17 0.44 -24.95
C TYR E 167 -32.50 0.90 -25.48
N LYS E 168 -32.70 2.20 -25.67
CA LYS E 168 -33.99 2.65 -26.19
C LYS E 168 -34.34 2.01 -27.52
N LEU E 169 -33.36 1.56 -28.29
CA LEU E 169 -33.65 0.79 -29.49
C LEU E 169 -33.70 -0.67 -29.08
N GLY E 170 -34.89 -1.24 -29.05
CA GLY E 170 -35.10 -2.42 -28.24
C GLY E 170 -34.33 -3.65 -28.65
N ASP E 171 -34.57 -4.13 -29.86
CA ASP E 171 -33.88 -5.34 -30.26
C ASP E 171 -32.48 -5.03 -30.75
N HIS E 172 -32.36 -4.01 -31.58
CA HIS E 172 -31.06 -3.67 -32.14
C HIS E 172 -30.25 -2.88 -31.13
N GLU E 173 -29.07 -3.37 -30.84
CA GLU E 173 -28.10 -2.73 -29.98
C GLU E 173 -26.75 -2.87 -30.66
N SER E 174 -25.75 -2.17 -30.16
CA SER E 174 -24.42 -2.21 -30.73
C SER E 174 -24.40 -1.72 -32.16
N LEU E 175 -25.41 -0.98 -32.56
CA LEU E 175 -25.25 -0.06 -33.67
C LEU E 175 -24.91 1.34 -33.18
N LEU E 176 -25.01 1.57 -31.89
CA LEU E 176 -24.69 2.86 -31.31
C LEU E 176 -23.22 2.79 -30.89
N THR E 177 -22.39 3.62 -31.50
CA THR E 177 -20.95 3.53 -31.31
C THR E 177 -20.40 4.62 -30.42
N ALA E 178 -20.56 5.88 -30.82
CA ALA E 178 -19.91 7.00 -30.15
C ALA E 178 -20.93 7.94 -29.53
N ILE E 179 -20.48 8.68 -28.52
CA ILE E 179 -21.32 9.58 -27.75
C ILE E 179 -20.82 11.01 -27.95
N GLY E 180 -21.74 11.93 -28.17
CA GLY E 180 -21.42 13.34 -28.09
C GLY E 180 -21.63 13.84 -26.68
N MET E 181 -20.90 14.88 -26.31
CA MET E 181 -20.81 15.19 -24.91
C MET E 181 -20.49 16.68 -24.74
N HIS E 182 -20.79 17.19 -23.55
CA HIS E 182 -20.34 18.48 -23.11
C HIS E 182 -19.39 18.32 -21.92
N SER E 183 -18.52 19.31 -21.73
CA SER E 183 -17.46 19.19 -20.74
C SER E 183 -17.99 18.87 -19.35
N ALA E 184 -18.89 19.72 -18.85
CA ALA E 184 -19.37 19.59 -17.48
C ALA E 184 -19.86 18.18 -17.18
N THR E 185 -20.53 17.56 -18.15
CA THR E 185 -20.89 16.17 -17.97
C THR E 185 -19.65 15.37 -17.66
N MET E 186 -18.75 15.21 -18.64
CA MET E 186 -17.67 14.26 -18.43
C MET E 186 -16.91 14.57 -17.17
N ALA E 187 -16.94 15.82 -16.71
CA ALA E 187 -16.49 16.09 -15.35
C ALA E 187 -17.28 15.25 -14.36
N SER E 188 -18.60 15.41 -14.35
CA SER E 188 -19.39 14.59 -13.45
C SER E 188 -19.21 13.11 -13.74
N ALA E 189 -18.61 12.78 -14.87
CA ALA E 189 -18.31 11.39 -15.16
C ALA E 189 -17.07 10.93 -14.42
N VAL E 190 -16.00 11.70 -14.47
CA VAL E 190 -14.80 11.27 -13.77
C VAL E 190 -15.02 11.31 -12.27
N LYS E 191 -15.81 12.26 -11.78
CA LYS E 191 -16.05 12.27 -10.34
C LYS E 191 -16.72 10.99 -9.85
N GLN E 192 -17.48 10.30 -10.69
CA GLN E 192 -18.14 9.08 -10.28
C GLN E 192 -17.75 7.89 -11.15
N ASP E 193 -18.11 7.97 -12.42
CA ASP E 193 -18.10 6.83 -13.32
C ASP E 193 -16.69 6.31 -13.55
N LEU E 194 -16.63 5.11 -14.09
CA LEU E 194 -15.45 4.29 -14.19
C LEU E 194 -14.63 4.52 -15.46
N ILE E 195 -14.86 5.61 -16.20
CA ILE E 195 -14.44 5.72 -17.60
C ILE E 195 -13.03 5.18 -17.79
N GLU E 196 -12.87 4.26 -18.72
CA GLU E 196 -11.68 3.42 -18.80
C GLU E 196 -10.76 3.94 -19.89
N PHE E 197 -9.65 4.56 -19.49
CA PHE E 197 -8.64 4.94 -20.46
C PHE E 197 -8.05 3.69 -21.10
N VAL E 198 -8.05 3.66 -22.43
CA VAL E 198 -7.43 2.57 -23.17
C VAL E 198 -6.58 3.20 -24.26
N LYS E 199 -5.38 2.68 -24.45
CA LYS E 199 -4.44 3.16 -25.45
C LYS E 199 -4.37 2.11 -26.56
N ASP E 200 -4.95 2.41 -27.71
CA ASP E 200 -4.91 1.48 -28.85
C ASP E 200 -3.72 1.79 -29.74
N SER E 201 -3.79 2.90 -30.46
CA SER E 201 -2.81 3.17 -31.49
C SER E 201 -1.43 3.36 -30.89
N GLN E 202 -0.47 2.59 -31.40
CA GLN E 202 0.92 2.82 -31.06
C GLN E 202 1.54 3.69 -32.15
N SER E 203 1.94 4.89 -31.76
CA SER E 203 1.81 5.33 -30.38
C SER E 203 0.95 6.57 -30.29
N GLY E 204 -0.11 6.51 -29.50
CA GLY E 204 -0.91 7.69 -29.24
C GLY E 204 -1.61 7.60 -27.91
N ILE E 205 -1.85 8.76 -27.32
CA ILE E 205 -2.47 8.86 -26.01
C ILE E 205 -3.36 10.10 -25.96
N ARG E 206 -4.62 9.97 -25.55
CA ARG E 206 -5.31 8.70 -25.36
C ARG E 206 -6.80 8.93 -25.60
N PHE E 207 -7.52 7.89 -25.89
CA PHE E 207 -8.92 8.13 -26.19
C PHE E 207 -9.80 7.61 -25.08
N PRO E 208 -10.64 8.44 -24.49
CA PRO E 208 -11.54 7.97 -23.45
C PRO E 208 -12.62 7.05 -24.01
N THR E 209 -13.04 6.11 -23.18
CA THR E 209 -13.97 5.07 -23.60
C THR E 209 -14.88 4.73 -22.43
N TYR E 210 -16.15 4.47 -22.71
CA TYR E 210 -17.00 4.06 -21.61
C TYR E 210 -17.27 2.56 -21.60
N MET E 211 -18.22 2.10 -22.40
CA MET E 211 -18.50 0.67 -22.48
C MET E 211 -18.72 0.32 -23.93
N ASN E 212 -17.76 -0.37 -24.54
CA ASN E 212 -17.82 -0.63 -25.97
C ASN E 212 -18.29 0.60 -26.73
N LYS E 213 -17.81 1.76 -26.34
CA LYS E 213 -18.22 3.00 -27.00
C LYS E 213 -17.01 3.90 -27.16
N ARG E 214 -17.18 4.94 -27.96
CA ARG E 214 -16.25 6.05 -27.96
C ARG E 214 -16.98 7.28 -27.45
N VAL E 215 -16.21 8.21 -26.93
CA VAL E 215 -16.76 9.46 -26.42
C VAL E 215 -15.92 10.60 -26.98
N ILE E 216 -16.58 11.58 -27.57
CA ILE E 216 -15.89 12.68 -28.25
C ILE E 216 -16.22 13.95 -27.51
N VAL E 217 -15.21 14.57 -26.94
CA VAL E 217 -15.42 15.79 -26.17
C VAL E 217 -15.61 16.94 -27.13
N ASP E 218 -16.45 17.90 -26.76
CA ASP E 218 -16.52 19.15 -27.51
C ASP E 218 -17.01 20.28 -26.62
N ASP E 219 -16.61 21.49 -26.99
CA ASP E 219 -16.93 22.68 -26.23
C ASP E 219 -18.16 23.43 -26.75
N SER E 220 -18.74 23.00 -27.86
CA SER E 220 -19.95 23.65 -28.38
C SER E 220 -21.06 22.61 -28.50
N MET E 221 -22.05 22.72 -27.61
CA MET E 221 -23.25 21.91 -27.65
C MET E 221 -24.39 22.76 -27.13
N PRO E 222 -25.62 22.44 -27.48
CA PRO E 222 -26.74 23.27 -27.05
C PRO E 222 -26.83 23.33 -25.53
N VAL E 223 -27.16 24.50 -25.02
CA VAL E 223 -27.46 24.67 -23.60
C VAL E 223 -28.56 25.71 -23.46
N GLU E 224 -29.60 25.38 -22.70
CA GLU E 224 -30.66 26.33 -22.42
C GLU E 224 -30.58 26.79 -20.98
N THR E 225 -31.48 27.69 -20.62
CA THR E 225 -31.62 28.16 -19.25
C THR E 225 -33.09 28.29 -18.90
N LEU E 226 -33.54 27.53 -17.92
CA LEU E 226 -34.88 27.70 -17.38
C LEU E 226 -34.83 28.86 -16.38
N GLU E 227 -35.87 29.00 -15.57
CA GLU E 227 -35.72 29.88 -14.43
C GLU E 227 -34.82 29.21 -13.40
N ASP E 228 -34.51 29.94 -12.34
CA ASP E 228 -33.61 29.48 -11.29
C ASP E 228 -32.24 29.09 -11.82
N GLY E 229 -31.87 29.59 -12.99
CA GLY E 229 -30.52 29.45 -13.49
C GLY E 229 -30.00 28.03 -13.67
N THR E 230 -30.85 27.02 -13.51
CA THR E 230 -30.37 25.66 -13.65
C THR E 230 -30.02 25.38 -15.10
N LYS E 231 -29.13 24.41 -15.31
CA LYS E 231 -28.57 24.19 -16.63
C LYS E 231 -28.96 22.81 -17.17
N VAL E 232 -29.45 22.79 -18.40
CA VAL E 232 -29.89 21.58 -19.07
C VAL E 232 -28.95 21.32 -20.24
N PHE E 233 -28.61 20.07 -20.45
CA PHE E 233 -27.64 19.68 -21.47
C PHE E 233 -28.28 18.71 -22.44
N THR E 234 -27.61 18.52 -23.58
CA THR E 234 -28.16 17.67 -24.64
C THR E 234 -27.26 16.45 -24.89
N SER E 235 -26.11 16.63 -25.53
CA SER E 235 -25.16 15.54 -25.68
C SER E 235 -25.72 14.35 -26.44
N TYR E 236 -25.84 14.46 -27.76
CA TYR E 236 -26.45 13.41 -28.56
C TYR E 236 -25.73 12.07 -28.43
N LEU E 237 -26.50 11.01 -28.64
CA LEU E 237 -26.01 9.65 -28.74
C LEU E 237 -26.37 9.11 -30.12
N PHE E 238 -25.37 8.93 -30.98
CA PHE E 238 -25.63 8.58 -32.36
C PHE E 238 -24.90 7.30 -32.71
N GLY E 239 -23.58 7.34 -32.64
CA GLY E 239 -22.76 6.21 -33.02
C GLY E 239 -23.09 5.65 -34.38
N ALA E 240 -23.54 6.49 -35.29
CA ALA E 240 -24.10 5.94 -36.53
C ALA E 240 -23.00 5.54 -37.50
N GLY E 241 -22.37 6.50 -38.13
CA GLY E 241 -21.50 6.16 -39.23
C GLY E 241 -22.28 5.59 -40.41
N ALA E 242 -23.20 6.34 -41.03
CA ALA E 242 -23.51 7.75 -40.77
C ALA E 242 -24.75 8.21 -41.53
N LEU E 243 -24.94 9.52 -41.52
CA LEU E 243 -25.70 10.23 -42.55
C LEU E 243 -24.74 10.50 -43.72
N GLY E 244 -25.10 11.34 -44.69
CA GLY E 244 -24.19 11.59 -45.79
C GLY E 244 -24.35 12.97 -46.40
N TYR E 245 -23.26 13.48 -46.98
CA TYR E 245 -23.27 14.73 -47.73
C TYR E 245 -22.20 14.67 -48.81
N ALA E 246 -22.49 15.22 -49.99
CA ALA E 246 -21.51 15.29 -51.06
C ALA E 246 -21.46 16.71 -51.61
N GLU E 247 -20.25 17.14 -51.95
CA GLU E 247 -20.01 18.56 -52.21
C GLU E 247 -20.43 18.98 -53.61
N GLY E 248 -20.03 18.24 -54.62
CA GLY E 248 -20.28 18.75 -55.95
C GLY E 248 -19.37 19.94 -56.24
N GLN E 249 -19.71 20.66 -57.30
CA GLN E 249 -18.93 21.80 -57.74
C GLN E 249 -19.81 22.92 -58.28
N PRO E 250 -19.46 24.15 -57.99
CA PRO E 250 -20.00 25.28 -58.74
C PRO E 250 -19.17 25.47 -59.99
N GLU E 251 -19.36 26.61 -60.63
CA GLU E 251 -18.46 27.16 -61.62
C GLU E 251 -17.63 28.28 -60.97
N VAL E 252 -16.41 28.44 -61.43
CA VAL E 252 -15.53 29.50 -60.92
C VAL E 252 -15.35 29.33 -59.40
N PRO E 253 -14.57 28.35 -58.95
CA PRO E 253 -14.37 28.21 -57.50
C PRO E 253 -13.60 29.35 -56.88
N THR E 254 -12.62 29.90 -57.60
CA THR E 254 -11.70 30.88 -57.02
C THR E 254 -11.48 32.00 -58.02
N GLU E 255 -11.82 33.23 -57.63
CA GLU E 255 -11.76 34.38 -58.51
C GLU E 255 -11.16 35.56 -57.80
N THR E 256 -10.32 36.31 -58.51
CA THR E 256 -9.68 37.50 -57.99
C THR E 256 -10.12 38.71 -58.80
N ALA E 257 -10.48 39.78 -58.11
CA ALA E 257 -10.84 41.02 -58.79
C ALA E 257 -10.30 42.18 -57.98
N ARG E 258 -10.01 43.28 -58.66
CA ARG E 258 -9.40 44.43 -58.02
C ARG E 258 -10.03 45.71 -58.55
N ASN E 259 -9.72 46.81 -57.87
CA ASN E 259 -10.28 48.13 -58.15
C ASN E 259 -9.13 49.05 -58.50
N ALA E 260 -9.04 49.43 -59.78
CA ALA E 260 -7.81 50.03 -60.30
C ALA E 260 -7.58 51.43 -59.76
N LEU E 261 -8.56 52.31 -59.91
CA LEU E 261 -8.30 53.70 -59.58
C LEU E 261 -8.23 53.93 -58.08
N GLY E 262 -8.86 53.08 -57.29
CA GLY E 262 -8.64 53.10 -55.87
C GLY E 262 -7.41 52.29 -55.54
N SER E 263 -7.35 51.79 -54.33
CA SER E 263 -6.46 50.68 -54.02
C SER E 263 -7.22 49.68 -53.16
N GLN E 264 -7.49 48.51 -53.73
CA GLN E 264 -8.17 47.43 -53.02
C GLN E 264 -7.79 46.12 -53.66
N ASP E 265 -8.05 45.04 -52.93
CA ASP E 265 -8.05 43.70 -53.49
C ASP E 265 -8.90 42.80 -52.59
N ILE E 266 -9.47 41.76 -53.20
CA ILE E 266 -10.50 40.95 -52.57
C ILE E 266 -10.32 39.50 -52.97
N LEU E 267 -10.99 38.61 -52.25
CA LEU E 267 -11.11 37.21 -52.63
C LEU E 267 -12.58 36.82 -52.57
N ILE E 268 -12.89 35.65 -53.14
CA ILE E 268 -14.24 35.09 -53.10
C ILE E 268 -14.10 33.57 -53.05
N ASN E 269 -15.15 32.88 -52.58
CA ASN E 269 -15.10 31.42 -52.61
C ASN E 269 -16.33 30.71 -53.17
N ARG E 270 -17.50 30.85 -52.54
CA ARG E 270 -18.77 30.36 -53.07
C ARG E 270 -18.79 28.87 -53.42
N LYS E 271 -18.93 28.00 -52.42
CA LYS E 271 -19.01 26.56 -52.66
C LYS E 271 -20.44 26.04 -52.46
N HIS E 272 -20.79 24.98 -53.21
CA HIS E 272 -22.07 24.28 -53.07
C HIS E 272 -21.90 22.97 -52.32
N PHE E 273 -22.90 22.60 -51.52
CA PHE E 273 -22.89 21.27 -50.90
C PHE E 273 -24.31 20.89 -50.48
N VAL E 274 -24.51 19.57 -50.33
CA VAL E 274 -25.83 18.97 -50.09
C VAL E 274 -25.74 18.01 -48.91
N LEU E 275 -26.65 18.17 -47.94
CA LEU E 275 -26.61 17.36 -46.72
C LEU E 275 -28.01 17.17 -46.15
N HIS E 276 -28.31 15.95 -45.70
CA HIS E 276 -29.63 15.63 -45.17
C HIS E 276 -29.70 14.18 -44.71
N PRO E 277 -30.44 13.89 -43.63
CA PRO E 277 -30.46 12.53 -43.11
C PRO E 277 -31.36 11.66 -43.98
N ARG E 278 -30.99 10.39 -44.11
CA ARG E 278 -32.00 9.48 -44.64
C ARG E 278 -32.17 8.25 -43.79
N GLY E 279 -33.25 8.23 -43.02
CA GLY E 279 -33.82 9.49 -42.58
C GLY E 279 -35.14 10.05 -43.03
N VAL E 280 -35.63 10.89 -42.13
CA VAL E 280 -36.87 11.61 -42.30
C VAL E 280 -36.93 12.36 -43.62
N LYS E 281 -38.11 12.38 -44.22
CA LYS E 281 -38.32 13.12 -45.46
C LYS E 281 -38.44 14.61 -45.17
N PHE E 282 -38.18 15.41 -46.20
CA PHE E 282 -38.26 16.86 -46.16
C PHE E 282 -39.47 17.30 -46.97
N THR E 283 -40.01 18.47 -46.64
CA THR E 283 -41.01 19.09 -47.51
C THR E 283 -40.77 20.60 -47.56
N GLU E 284 -41.17 21.20 -48.67
CA GLU E 284 -41.25 22.65 -48.77
C GLU E 284 -42.66 23.01 -48.35
N ASN E 285 -42.83 23.50 -47.13
CA ASN E 285 -44.15 23.86 -46.63
C ASN E 285 -44.01 25.08 -45.73
N ALA E 286 -44.82 26.11 -46.00
CA ALA E 286 -44.84 27.32 -45.19
C ALA E 286 -43.43 27.83 -44.90
N MET E 287 -42.52 27.62 -45.85
CA MET E 287 -41.12 27.96 -45.66
C MET E 287 -40.67 28.82 -46.84
N ALA E 288 -40.37 30.08 -46.57
CA ALA E 288 -40.16 31.02 -47.67
C ALA E 288 -38.88 30.68 -48.40
N GLY E 289 -38.54 31.53 -49.36
CA GLY E 289 -37.43 31.20 -50.25
C GLY E 289 -37.41 32.09 -51.48
N THR E 290 -36.89 31.60 -52.60
CA THR E 290 -36.33 30.25 -52.73
C THR E 290 -35.46 30.35 -53.97
N THR E 291 -34.50 29.45 -54.16
CA THR E 291 -34.01 28.50 -53.19
C THR E 291 -32.69 29.08 -52.78
N PRO E 292 -31.92 28.41 -51.92
CA PRO E 292 -32.17 27.37 -50.92
C PRO E 292 -32.79 28.06 -49.75
N THR E 293 -32.90 27.40 -48.62
CA THR E 293 -33.70 28.01 -47.57
C THR E 293 -33.01 29.05 -46.70
N ASP E 294 -32.19 28.60 -45.75
CA ASP E 294 -31.84 29.39 -44.56
C ASP E 294 -31.05 28.56 -43.57
N GLU E 295 -30.74 29.17 -42.42
CA GLU E 295 -30.54 28.43 -41.19
C GLU E 295 -31.85 28.32 -40.40
N GLU E 296 -32.37 29.47 -39.96
CA GLU E 296 -33.59 29.51 -39.17
C GLU E 296 -34.69 28.67 -39.82
N LEU E 297 -35.03 28.99 -41.05
CA LEU E 297 -36.07 28.23 -41.72
C LEU E 297 -35.63 26.80 -41.96
N ALA E 298 -34.32 26.59 -42.11
CA ALA E 298 -33.85 25.21 -42.16
C ALA E 298 -34.08 24.51 -40.85
N ASN E 299 -34.62 25.20 -39.85
CA ASN E 299 -34.88 24.59 -38.56
C ASN E 299 -36.36 24.61 -38.18
N GLY E 300 -36.96 25.79 -38.07
CA GLY E 300 -38.07 26.03 -37.19
C GLY E 300 -39.19 25.01 -37.14
N ALA E 301 -39.55 24.40 -38.26
CA ALA E 301 -40.78 23.64 -38.27
C ALA E 301 -40.72 22.61 -39.39
N ASN E 302 -41.71 21.73 -39.38
CA ASN E 302 -42.07 21.07 -40.61
C ASN E 302 -40.99 20.16 -41.19
N TRP E 303 -40.67 19.08 -40.49
CA TRP E 303 -40.07 17.90 -41.06
C TRP E 303 -40.91 16.67 -40.71
N GLN E 304 -40.86 15.65 -41.56
CA GLN E 304 -41.79 14.54 -41.48
C GLN E 304 -41.12 13.25 -41.93
N ARG E 305 -41.32 12.19 -41.16
CA ARG E 305 -40.59 10.93 -41.33
C ARG E 305 -41.50 9.83 -41.85
N VAL E 306 -40.91 8.89 -42.60
CA VAL E 306 -41.53 7.59 -42.74
C VAL E 306 -40.46 6.49 -42.78
N TYR E 307 -40.36 5.71 -41.70
CA TYR E 307 -39.79 4.36 -41.72
C TYR E 307 -40.60 3.36 -40.89
N ASP E 308 -40.93 3.60 -39.62
CA ASP E 308 -40.35 4.58 -38.69
C ASP E 308 -39.08 4.23 -37.87
N PRO E 309 -39.20 3.26 -36.97
CA PRO E 309 -38.44 3.37 -35.73
C PRO E 309 -36.95 3.18 -35.87
N LYS E 310 -36.57 2.13 -36.55
CA LYS E 310 -35.19 1.72 -36.48
C LYS E 310 -34.42 2.33 -37.62
N LYS E 311 -33.14 2.02 -37.65
CA LYS E 311 -32.21 2.47 -38.68
C LYS E 311 -32.42 3.94 -39.01
N ILE E 312 -32.50 4.76 -37.97
CA ILE E 312 -32.51 6.18 -38.26
C ILE E 312 -31.09 6.68 -38.49
N ARG E 313 -30.13 6.65 -37.55
CA ARG E 313 -30.21 6.18 -36.18
C ARG E 313 -29.65 7.26 -35.27
N ILE E 314 -30.48 7.95 -34.50
CA ILE E 314 -30.01 8.95 -33.57
C ILE E 314 -30.97 9.03 -32.40
N VAL E 315 -30.42 9.21 -31.20
CA VAL E 315 -31.22 9.29 -29.98
C VAL E 315 -30.61 10.33 -29.07
N GLN E 316 -31.45 11.11 -28.41
CA GLN E 316 -30.98 12.21 -27.58
C GLN E 316 -31.64 12.14 -26.22
N PHE E 317 -30.94 12.61 -25.19
CA PHE E 317 -31.58 12.69 -23.89
C PHE E 317 -31.10 13.92 -23.14
N LYS E 318 -32.05 14.63 -22.54
CA LYS E 318 -31.82 15.87 -21.82
C LYS E 318 -31.82 15.62 -20.32
N HIS E 319 -30.88 16.22 -19.61
CA HIS E 319 -30.66 15.84 -18.23
C HIS E 319 -30.08 17.01 -17.44
N ARG E 320 -30.48 17.09 -16.18
CA ARG E 320 -29.78 17.94 -15.24
C ARG E 320 -28.46 17.31 -14.84
N LEU E 321 -27.60 18.13 -14.27
CA LEU E 321 -26.23 17.74 -13.98
C LEU E 321 -26.01 17.71 -12.47
N GLN E 322 -25.67 16.54 -11.95
CA GLN E 322 -25.23 16.47 -10.56
C GLN E 322 -23.94 17.22 -10.39
N ALA E 323 -23.85 17.98 -9.31
CA ALA E 323 -22.66 18.77 -9.03
C ALA E 323 -21.44 17.87 -8.91
N ALA F 1 46.24 31.15 -0.78
CA ALA F 1 45.72 29.92 -0.21
C ALA F 1 45.90 28.77 -1.19
N TYR F 2 45.19 28.86 -2.31
CA TYR F 2 45.08 27.76 -3.26
C TYR F 2 45.18 28.35 -4.67
N THR F 3 44.88 27.52 -5.68
CA THR F 3 44.85 27.99 -7.05
C THR F 3 43.83 29.11 -7.20
N LYS F 4 42.75 29.05 -6.43
CA LYS F 4 41.81 30.17 -6.30
C LYS F 4 41.23 30.58 -7.65
N ILE F 5 40.47 29.68 -8.27
CA ILE F 5 39.97 29.96 -9.61
C ILE F 5 39.13 31.24 -9.60
N SER F 6 38.33 31.42 -8.56
CA SER F 6 37.65 32.70 -8.34
C SER F 6 38.48 33.71 -7.56
N ASP F 7 39.30 33.29 -6.59
CA ASP F 7 40.05 34.26 -5.80
C ASP F 7 41.30 34.77 -6.52
N VAL F 8 41.83 34.02 -7.48
CA VAL F 8 42.68 34.63 -8.51
C VAL F 8 41.87 34.90 -9.78
N ILE F 9 40.55 34.64 -9.74
CA ILE F 9 39.53 35.04 -10.72
C ILE F 9 39.89 34.68 -12.15
N VAL F 10 39.73 33.41 -12.51
CA VAL F 10 39.61 33.10 -13.94
C VAL F 10 38.15 33.29 -14.34
N PRO F 11 37.83 34.35 -15.06
CA PRO F 11 36.42 34.59 -15.44
C PRO F 11 35.90 33.56 -16.39
N GLU F 12 36.73 33.08 -17.32
CA GLU F 12 36.36 31.92 -18.12
C GLU F 12 36.42 30.68 -17.24
N LEU F 13 36.07 29.54 -17.83
CA LEU F 13 36.18 28.26 -17.16
C LEU F 13 35.22 28.19 -15.96
N PHE F 14 34.51 29.27 -15.65
CA PHE F 14 33.74 29.39 -14.42
C PHE F 14 32.30 29.78 -14.71
N ASN F 15 32.12 30.98 -15.26
CA ASN F 15 30.77 31.52 -15.41
C ASN F 15 29.84 30.61 -16.20
N PRO F 16 30.23 30.05 -17.35
CA PRO F 16 29.33 29.11 -18.03
C PRO F 16 28.94 27.95 -17.15
N TYR F 17 29.92 27.36 -16.45
CA TYR F 17 29.67 26.29 -15.51
C TYR F 17 28.57 26.68 -14.53
N VAL F 18 28.74 27.83 -13.87
CA VAL F 18 27.77 28.26 -12.89
C VAL F 18 26.39 28.40 -13.51
N ILE F 19 26.29 29.06 -14.66
CA ILE F 19 24.96 29.30 -15.23
C ILE F 19 24.27 27.97 -15.56
N ASN F 20 24.96 27.09 -16.26
CA ASN F 20 24.33 25.83 -16.66
C ASN F 20 23.86 25.05 -15.45
N THR F 21 24.77 24.81 -14.48
CA THR F 21 24.35 24.06 -13.30
C THR F 21 23.15 24.73 -12.63
N THR F 22 23.14 26.06 -12.62
CA THR F 22 21.97 26.77 -12.12
C THR F 22 20.72 26.38 -12.88
N THR F 23 20.83 26.16 -14.20
CA THR F 23 19.64 25.81 -14.95
C THR F 23 19.15 24.42 -14.60
N GLN F 24 20.05 23.43 -14.64
CA GLN F 24 19.58 22.06 -14.44
C GLN F 24 19.10 21.83 -13.02
N LEU F 25 19.86 22.29 -12.02
CA LEU F 25 19.56 21.89 -10.66
C LEU F 25 18.18 22.36 -10.22
N SER F 26 17.82 23.59 -10.56
CA SER F 26 16.54 24.14 -10.13
C SER F 26 15.41 23.48 -10.88
N ALA F 27 14.33 23.18 -10.15
CA ALA F 27 13.15 22.57 -10.75
C ALA F 27 11.97 22.93 -9.87
N PHE F 28 10.73 23.06 -10.36
CA PHE F 28 10.26 23.18 -11.76
C PHE F 28 10.81 22.23 -12.80
N PHE F 29 11.04 22.75 -14.00
CA PHE F 29 11.88 22.13 -15.02
C PHE F 29 11.75 20.61 -15.10
N GLN F 30 10.64 20.11 -15.64
CA GLN F 30 9.61 20.89 -16.33
C GLN F 30 8.32 20.09 -16.35
N SER F 31 7.14 20.67 -16.57
CA SER F 31 6.76 22.10 -16.56
C SER F 31 7.38 23.08 -17.55
N GLY F 32 7.95 24.14 -16.99
CA GLY F 32 8.17 25.37 -17.72
C GLY F 32 9.16 25.24 -18.85
N ILE F 33 9.46 26.39 -19.46
CA ILE F 33 10.19 26.41 -20.72
C ILE F 33 11.60 25.85 -20.54
N ALA F 34 12.13 25.33 -21.62
CA ALA F 34 13.56 25.30 -21.87
C ALA F 34 13.79 26.03 -23.18
N ALA F 35 14.71 26.99 -23.18
CA ALA F 35 15.08 27.67 -24.41
C ALA F 35 13.87 28.30 -25.08
N THR F 36 13.42 29.44 -24.55
CA THR F 36 12.24 30.10 -25.09
C THR F 36 12.58 30.63 -26.49
N ASP F 37 11.65 31.36 -27.10
CA ASP F 37 11.88 31.96 -28.40
C ASP F 37 13.06 32.93 -28.38
N ASP F 38 13.73 33.03 -29.52
CA ASP F 38 14.78 34.04 -29.67
C ASP F 38 14.23 35.45 -29.55
N GLU F 39 12.90 35.60 -29.54
CA GLU F 39 12.30 36.89 -29.22
C GLU F 39 12.96 37.43 -27.97
N LEU F 40 12.96 36.62 -26.92
CA LEU F 40 13.58 37.04 -25.68
C LEU F 40 15.10 37.17 -25.83
N ASN F 41 15.70 36.56 -26.85
CA ASN F 41 17.11 36.81 -27.12
C ASN F 41 17.31 38.25 -27.54
N ALA F 42 16.61 38.67 -28.59
CA ALA F 42 16.73 40.04 -29.05
C ALA F 42 16.40 41.02 -27.95
N LEU F 43 15.59 40.60 -26.97
CA LEU F 43 15.41 41.47 -25.81
C LEU F 43 16.57 41.42 -24.83
N ALA F 44 17.30 40.31 -24.79
CA ALA F 44 18.26 40.12 -23.71
C ALA F 44 19.65 40.64 -24.09
N LYS F 45 20.27 40.02 -25.08
CA LYS F 45 21.63 40.32 -25.46
C LYS F 45 21.74 41.74 -26.02
N LYS F 46 22.96 42.25 -26.05
CA LYS F 46 23.26 43.40 -26.88
C LYS F 46 23.49 42.88 -28.29
N ALA F 47 23.17 43.65 -29.33
CA ALA F 47 22.76 45.05 -29.25
C ALA F 47 21.26 45.25 -29.21
N GLY F 48 20.83 46.51 -29.29
CA GLY F 48 19.44 46.81 -29.16
C GLY F 48 18.94 46.49 -27.77
N GLY F 49 19.56 47.09 -26.77
CA GLY F 49 19.20 46.77 -25.40
C GLY F 49 17.77 47.15 -25.07
N GLY F 50 17.36 46.78 -23.86
CA GLY F 50 16.00 47.01 -23.42
C GLY F 50 15.67 48.47 -23.20
N SER F 51 14.50 48.75 -22.63
CA SER F 51 13.62 47.72 -22.13
C SER F 51 12.78 47.16 -23.26
N THR F 52 11.77 46.40 -22.88
CA THR F 52 11.23 45.38 -23.77
C THR F 52 10.56 45.96 -24.99
N LEU F 53 10.53 45.14 -26.03
CA LEU F 53 9.86 45.37 -27.29
C LEU F 53 8.34 45.24 -27.15
N ASN F 54 7.69 45.31 -28.31
CA ASN F 54 6.29 45.00 -28.47
C ASN F 54 6.13 44.19 -29.75
N MET F 55 5.41 43.06 -29.67
CA MET F 55 5.27 42.22 -30.85
C MET F 55 3.81 42.07 -31.21
N PRO F 56 3.48 42.09 -32.48
CA PRO F 56 2.08 42.10 -32.88
C PRO F 56 1.55 40.72 -33.26
N TYR F 57 0.27 40.64 -33.63
CA TYR F 57 -0.31 39.38 -34.06
C TYR F 57 -1.56 39.68 -34.86
N TRP F 58 -1.97 38.72 -35.68
CA TRP F 58 -3.20 38.84 -36.48
C TRP F 58 -4.18 37.77 -36.06
N ASN F 59 -5.29 38.20 -35.44
CA ASN F 59 -6.33 37.25 -35.12
C ASN F 59 -6.98 36.75 -36.40
N ASP F 60 -7.64 35.62 -36.29
CA ASP F 60 -8.10 34.93 -37.48
C ASP F 60 -9.39 35.55 -37.98
N LEU F 61 -9.61 35.42 -39.27
CA LEU F 61 -10.85 35.85 -39.88
C LEU F 61 -12.02 35.11 -39.24
N ASP F 62 -13.15 35.78 -39.13
CA ASP F 62 -14.31 35.13 -38.56
C ASP F 62 -15.58 35.87 -39.01
N GLY F 63 -16.67 35.12 -39.07
CA GLY F 63 -17.95 35.70 -39.41
C GLY F 63 -18.89 34.64 -39.95
N ASP F 64 -20.15 35.05 -40.12
CA ASP F 64 -21.12 34.15 -40.70
C ASP F 64 -20.89 34.02 -42.20
N SER F 65 -21.45 32.97 -42.77
CA SER F 65 -21.60 32.97 -44.20
C SER F 65 -22.75 33.90 -44.58
N GLN F 66 -22.98 34.09 -45.87
CA GLN F 66 -24.13 34.85 -46.32
C GLN F 66 -24.97 34.03 -47.27
N VAL F 67 -26.28 34.28 -47.24
CA VAL F 67 -27.17 33.69 -48.23
C VAL F 67 -26.68 34.06 -49.61
N LEU F 68 -26.38 33.07 -50.44
CA LEU F 68 -25.96 33.34 -51.80
C LEU F 68 -27.21 33.26 -52.65
N ASN F 69 -27.66 34.41 -53.11
CA ASN F 69 -28.94 34.51 -53.77
C ASN F 69 -28.84 35.57 -54.85
N ASP F 70 -29.37 35.27 -56.02
CA ASP F 70 -29.28 36.26 -57.06
C ASP F 70 -30.20 37.44 -56.74
N THR F 71 -30.14 38.45 -57.60
CA THR F 71 -30.83 39.72 -57.37
C THR F 71 -30.39 40.37 -56.06
N ASP F 72 -29.17 40.07 -55.63
CA ASP F 72 -28.55 40.76 -54.51
C ASP F 72 -27.05 40.55 -54.62
N ASP F 73 -26.29 41.32 -53.85
CA ASP F 73 -24.85 41.17 -53.86
C ASP F 73 -24.32 40.98 -52.45
N LEU F 74 -23.01 40.78 -52.34
CA LEU F 74 -22.32 40.51 -51.09
C LEU F 74 -21.65 41.79 -50.58
N VAL F 75 -21.02 41.70 -49.42
CA VAL F 75 -20.18 42.78 -48.90
C VAL F 75 -18.94 42.16 -48.30
N PRO F 76 -17.76 42.73 -48.49
CA PRO F 76 -16.54 42.09 -48.00
C PRO F 76 -16.37 42.31 -46.51
N GLN F 77 -15.29 41.79 -45.96
CA GLN F 77 -15.00 41.94 -44.54
C GLN F 77 -13.50 42.12 -44.35
N LYS F 78 -13.09 42.26 -43.08
CA LYS F 78 -11.81 42.86 -42.74
C LYS F 78 -11.04 41.98 -41.76
N ILE F 79 -9.79 42.36 -41.54
CA ILE F 79 -8.93 41.71 -40.56
C ILE F 79 -8.58 42.76 -39.52
N ASN F 80 -8.09 42.31 -38.38
CA ASN F 80 -7.64 43.22 -37.33
C ASN F 80 -6.18 42.97 -36.97
N ALA F 81 -5.72 43.74 -35.98
CA ALA F 81 -4.35 43.66 -35.52
C ALA F 81 -4.34 43.87 -34.00
N GLY F 82 -3.28 43.41 -33.35
CA GLY F 82 -3.23 43.50 -31.90
C GLY F 82 -1.82 43.58 -31.37
N GLN F 83 -1.72 43.77 -30.05
CA GLN F 83 -0.48 44.14 -29.38
C GLN F 83 -0.07 43.11 -28.33
N ASP F 84 1.22 43.08 -28.00
CA ASP F 84 1.76 42.23 -26.95
C ASP F 84 3.04 42.85 -26.40
N LYS F 85 3.36 42.52 -25.14
CA LYS F 85 4.53 43.08 -24.47
C LYS F 85 5.26 42.01 -23.68
N ALA F 86 6.44 42.37 -23.18
CA ALA F 86 7.15 41.62 -22.16
C ALA F 86 7.87 42.63 -21.28
N VAL F 87 8.72 42.15 -20.38
CA VAL F 87 9.48 43.05 -19.54
C VAL F 87 10.92 42.54 -19.52
N LEU F 88 11.78 43.28 -18.86
CA LEU F 88 13.15 42.86 -18.64
C LEU F 88 13.54 43.23 -17.23
N ILE F 89 14.30 42.35 -16.58
CA ILE F 89 14.66 42.55 -15.19
C ILE F 89 16.14 42.25 -15.00
N LEU F 90 16.69 42.83 -13.92
CA LEU F 90 18.09 42.76 -13.54
C LEU F 90 18.14 42.36 -12.07
N ARG F 91 19.19 41.63 -11.69
CA ARG F 91 19.35 41.29 -10.28
C ARG F 91 20.83 41.32 -9.93
N GLY F 92 21.09 41.34 -8.63
CA GLY F 92 22.43 41.12 -8.14
C GLY F 92 22.48 41.20 -6.63
N ASN F 93 23.53 40.61 -6.07
CA ASN F 93 23.82 40.74 -4.65
C ASN F 93 25.29 40.48 -4.42
N ALA F 94 25.75 40.80 -3.24
CA ALA F 94 27.15 40.64 -2.88
C ALA F 94 27.34 39.40 -1.99
N TRP F 95 28.57 39.20 -1.56
CA TRP F 95 28.87 38.26 -0.50
C TRP F 95 29.96 38.87 0.38
N SER F 96 29.70 38.85 1.67
CA SER F 96 30.46 39.59 2.66
C SER F 96 31.66 38.83 3.20
N SER F 97 31.98 37.68 2.62
CA SER F 97 32.77 36.73 3.36
C SER F 97 34.19 37.25 3.59
N HIS F 98 34.93 36.50 4.39
CA HIS F 98 36.37 36.63 4.48
C HIS F 98 36.93 35.40 3.80
N ASP F 99 37.95 35.59 2.95
CA ASP F 99 38.42 34.48 2.15
C ASP F 99 38.83 33.31 3.04
N LEU F 100 39.20 33.61 4.29
CA LEU F 100 39.42 32.57 5.29
C LEU F 100 38.24 31.63 5.40
N ALA F 101 37.02 32.16 5.48
CA ALA F 101 35.85 31.30 5.57
C ALA F 101 35.50 30.68 4.22
N ALA F 102 35.44 31.52 3.18
CA ALA F 102 35.02 31.09 1.86
C ALA F 102 35.80 29.87 1.38
N THR F 103 37.14 29.98 1.36
CA THR F 103 37.92 28.81 0.97
C THR F 103 38.37 27.99 2.17
N LEU F 104 38.07 28.44 3.39
CA LEU F 104 38.20 27.61 4.58
C LEU F 104 37.37 26.36 4.36
N SER F 105 36.06 26.54 4.27
CA SER F 105 35.19 25.44 3.89
C SER F 105 35.45 25.02 2.45
N GLY F 106 35.51 25.99 1.55
CA GLY F 106 35.68 25.75 0.13
C GLY F 106 36.85 24.86 -0.21
N SER F 107 38.05 25.19 0.28
CA SER F 107 39.23 24.40 -0.05
C SER F 107 39.37 24.27 -1.55
N ASP F 108 39.23 23.05 -2.08
CA ASP F 108 39.30 22.83 -3.51
C ASP F 108 38.29 23.74 -4.21
N PRO F 109 38.73 24.66 -5.05
CA PRO F 109 37.87 25.78 -5.45
C PRO F 109 36.70 25.40 -6.36
N MET F 110 36.94 24.55 -7.35
CA MET F 110 36.01 24.40 -8.46
C MET F 110 34.59 24.14 -7.99
N GLN F 111 34.35 22.95 -7.44
CA GLN F 111 32.98 22.53 -7.17
C GLN F 111 32.34 23.38 -6.08
N ALA F 112 33.11 23.73 -5.05
CA ALA F 112 32.51 24.24 -3.83
C ALA F 112 31.65 25.49 -4.04
N ILE F 113 32.30 26.63 -4.24
CA ILE F 113 31.57 27.89 -4.24
C ILE F 113 30.66 27.98 -5.46
N GLY F 114 31.07 27.40 -6.58
CA GLY F 114 30.21 27.36 -7.74
C GLY F 114 28.91 26.63 -7.45
N SER F 115 29.03 25.40 -6.96
CA SER F 115 27.85 24.63 -6.59
C SER F 115 26.96 25.44 -5.68
N ARG F 116 27.55 26.11 -4.69
CA ARG F 116 26.74 26.91 -3.79
C ARG F 116 25.95 27.96 -4.57
N VAL F 117 26.65 28.89 -5.22
CA VAL F 117 25.95 29.98 -5.89
C VAL F 117 24.89 29.44 -6.85
N ALA F 118 25.18 28.32 -7.49
CA ALA F 118 24.18 27.69 -8.34
C ALA F 118 22.94 27.39 -7.54
N ALA F 119 23.09 26.61 -6.47
CA ALA F 119 21.95 26.31 -5.61
C ALA F 119 21.24 27.57 -5.20
N TYR F 120 21.98 28.66 -5.02
CA TYR F 120 21.38 29.94 -4.67
C TYR F 120 20.39 30.42 -5.72
N TRP F 121 20.87 30.75 -6.91
CA TRP F 121 19.94 31.27 -7.91
C TRP F 121 18.80 30.30 -8.15
N ALA F 122 19.11 29.00 -8.05
CA ALA F 122 18.08 27.97 -8.18
C ALA F 122 16.86 28.30 -7.34
N ARG F 123 17.09 28.75 -6.11
CA ARG F 123 15.97 29.19 -5.28
C ARG F 123 15.49 30.57 -5.69
N GLU F 124 16.38 31.40 -6.22
CA GLU F 124 15.98 32.77 -6.54
C GLU F 124 14.87 32.82 -7.58
N MET F 125 15.05 32.15 -8.72
CA MET F 125 13.97 32.16 -9.70
C MET F 125 12.67 31.64 -9.09
N GLN F 126 12.77 30.49 -8.40
CA GLN F 126 11.63 29.89 -7.73
C GLN F 126 10.90 30.90 -6.86
N LYS F 127 11.62 31.90 -6.35
CA LYS F 127 10.96 32.96 -5.63
C LYS F 127 10.33 33.98 -6.58
N ILE F 128 11.05 34.34 -7.65
CA ILE F 128 10.65 35.53 -8.39
C ILE F 128 9.44 35.26 -9.27
N VAL F 129 9.44 34.17 -10.05
CA VAL F 129 8.31 33.93 -10.94
C VAL F 129 7.06 33.59 -10.14
N PHE F 130 7.23 32.70 -9.17
CA PHE F 130 6.16 32.35 -8.26
C PHE F 130 5.62 33.56 -7.54
N ALA F 131 6.42 34.61 -7.39
CA ALA F 131 5.84 35.86 -6.94
C ALA F 131 5.16 36.60 -8.09
N GLU F 132 5.64 36.38 -9.32
CA GLU F 132 5.16 37.18 -10.44
C GLU F 132 3.71 36.91 -10.74
N LEU F 133 3.32 35.63 -10.80
CA LEU F 133 1.90 35.34 -10.96
C LEU F 133 1.06 36.03 -9.89
N ALA F 134 1.60 36.07 -8.67
CA ALA F 134 0.82 36.10 -7.43
C ALA F 134 -0.32 37.08 -7.46
N GLY F 135 -0.03 38.37 -7.43
CA GLY F 135 -1.09 39.35 -7.39
C GLY F 135 -1.90 39.33 -8.67
N VAL F 136 -1.18 39.53 -9.79
CA VAL F 136 -1.78 39.76 -11.10
C VAL F 136 -2.85 38.74 -11.41
N PHE F 137 -2.43 37.51 -11.69
CA PHE F 137 -3.35 36.54 -12.24
C PHE F 137 -4.53 36.31 -11.32
N SER F 138 -4.37 36.59 -10.03
CA SER F 138 -5.48 36.45 -9.12
C SER F 138 -6.39 37.68 -9.13
N ASN F 139 -5.85 38.88 -9.29
CA ASN F 139 -6.69 40.07 -9.13
C ASN F 139 -7.05 40.66 -10.49
N ASP F 140 -8.28 40.42 -10.88
CA ASP F 140 -8.98 40.94 -12.04
C ASP F 140 -10.30 40.20 -12.16
N ASP F 141 -11.24 40.76 -12.89
CA ASP F 141 -12.32 39.92 -13.37
C ASP F 141 -11.87 39.16 -14.60
N MET F 142 -10.75 39.59 -15.19
CA MET F 142 -10.40 39.17 -16.54
C MET F 142 -9.94 37.73 -16.61
N LYS F 143 -9.39 37.19 -15.54
CA LYS F 143 -8.98 35.80 -15.53
C LYS F 143 -9.97 34.88 -14.84
N ASP F 144 -11.06 35.42 -14.25
CA ASP F 144 -11.83 34.66 -13.27
C ASP F 144 -12.24 33.30 -13.80
N ASN F 145 -12.37 33.20 -15.11
CA ASN F 145 -12.61 31.91 -15.73
C ASN F 145 -11.53 30.92 -15.38
N LYS F 146 -10.37 31.38 -14.94
CA LYS F 146 -9.33 30.47 -14.50
C LYS F 146 -9.22 30.33 -13.00
N LEU F 147 -10.06 31.01 -12.22
CA LEU F 147 -10.04 30.85 -10.76
C LEU F 147 -11.40 30.38 -10.28
N ASP F 148 -11.38 29.34 -9.47
CA ASP F 148 -12.53 28.84 -8.72
C ASP F 148 -12.06 28.64 -7.29
N ILE F 149 -12.94 28.81 -6.31
CA ILE F 149 -12.55 28.49 -4.94
C ILE F 149 -13.69 27.74 -4.25
N SER F 150 -13.32 26.81 -3.41
CA SER F 150 -14.23 26.15 -2.50
C SER F 150 -14.26 26.82 -1.14
N GLY F 151 -13.61 27.97 -1.00
CA GLY F 151 -13.35 28.57 0.30
C GLY F 151 -14.62 28.99 1.01
N THR F 152 -14.44 29.62 2.19
CA THR F 152 -15.50 30.06 3.09
C THR F 152 -15.98 28.99 4.06
N ALA F 153 -15.20 27.90 4.20
CA ALA F 153 -15.28 26.92 5.30
C ALA F 153 -16.07 25.65 5.03
N ASP F 154 -16.64 25.50 3.85
CA ASP F 154 -16.99 24.18 3.34
C ASP F 154 -16.15 23.87 2.11
N GLY F 155 -15.14 23.05 2.27
CA GLY F 155 -14.46 22.39 1.17
C GLY F 155 -13.29 21.64 1.73
N ILE F 156 -12.96 20.52 1.08
CA ILE F 156 -12.04 19.59 1.72
C ILE F 156 -10.68 19.46 1.05
N TYR F 157 -10.52 20.01 -0.14
CA TYR F 157 -9.43 19.56 -1.01
C TYR F 157 -9.30 18.05 -0.98
N SER F 158 -10.21 17.30 -1.58
CA SER F 158 -9.86 15.94 -1.95
C SER F 158 -10.71 15.47 -3.11
N ALA F 159 -10.10 14.74 -4.03
CA ALA F 159 -10.75 13.67 -4.75
C ALA F 159 -11.96 14.10 -5.58
N GLU F 160 -12.46 15.32 -5.39
CA GLU F 160 -13.51 15.83 -6.25
C GLU F 160 -13.23 17.25 -6.71
N THR F 161 -13.27 18.18 -5.76
CA THR F 161 -13.03 19.58 -6.10
C THR F 161 -11.75 19.73 -6.89
N PHE F 162 -10.75 18.90 -6.60
CA PHE F 162 -9.55 18.89 -7.42
C PHE F 162 -9.89 18.60 -8.87
N VAL F 163 -10.70 17.57 -9.12
CA VAL F 163 -11.07 17.26 -10.50
C VAL F 163 -11.76 18.46 -11.13
N ASP F 164 -12.82 18.95 -10.50
CA ASP F 164 -13.60 20.02 -11.14
C ASP F 164 -12.72 21.22 -11.49
N ALA F 165 -11.90 21.66 -10.54
CA ALA F 165 -10.93 22.69 -10.87
C ALA F 165 -10.08 22.29 -12.06
N SER F 166 -9.67 21.03 -12.11
CA SER F 166 -8.81 20.62 -13.21
C SER F 166 -9.54 20.62 -14.55
N TYR F 167 -10.86 20.56 -14.53
CA TYR F 167 -11.66 20.69 -15.74
C TYR F 167 -12.17 22.10 -15.98
N LYS F 168 -11.79 23.07 -15.13
CA LYS F 168 -12.22 24.44 -15.39
C LYS F 168 -11.82 24.93 -16.78
N LEU F 169 -10.89 24.26 -17.44
CA LEU F 169 -10.72 24.42 -18.87
C LEU F 169 -11.63 23.40 -19.53
N GLY F 170 -12.70 23.86 -20.17
CA GLY F 170 -13.77 22.96 -20.56
C GLY F 170 -13.41 21.93 -21.61
N ASP F 171 -12.97 22.40 -22.78
CA ASP F 171 -12.56 21.48 -23.83
C ASP F 171 -11.15 20.98 -23.64
N HIS F 172 -10.25 21.85 -23.23
CA HIS F 172 -8.83 21.54 -23.23
C HIS F 172 -8.46 20.91 -21.89
N GLU F 173 -8.07 19.65 -21.95
CA GLU F 173 -7.66 18.84 -20.82
C GLU F 173 -6.39 18.12 -21.24
N SER F 174 -5.72 17.50 -20.29
CA SER F 174 -4.54 16.69 -20.55
C SER F 174 -3.43 17.50 -21.19
N LEU F 175 -3.47 18.81 -21.05
CA LEU F 175 -2.30 19.64 -21.24
C LEU F 175 -1.64 20.01 -19.93
N LEU F 176 -2.22 19.59 -18.80
CA LEU F 176 -1.76 20.03 -17.51
C LEU F 176 -0.82 18.99 -16.91
N THR F 177 0.21 19.44 -16.20
CA THR F 177 1.24 18.51 -15.76
C THR F 177 1.59 18.60 -14.28
N ALA F 178 2.02 19.76 -13.80
CA ALA F 178 2.51 19.86 -12.43
C ALA F 178 1.51 20.54 -11.52
N ILE F 179 1.52 20.14 -10.24
CA ILE F 179 0.64 20.69 -9.23
C ILE F 179 1.48 21.40 -8.19
N GLY F 180 1.36 22.72 -8.12
CA GLY F 180 2.03 23.46 -7.06
C GLY F 180 1.34 23.22 -5.73
N MET F 181 2.14 22.90 -4.72
CA MET F 181 1.61 22.40 -3.47
C MET F 181 2.40 22.98 -2.31
N HIS F 182 1.70 23.58 -1.36
CA HIS F 182 2.33 23.88 -0.08
C HIS F 182 2.31 22.64 0.79
N SER F 183 3.27 22.57 1.71
CA SER F 183 3.49 21.36 2.49
C SER F 183 2.22 20.86 3.15
N ALA F 184 1.66 21.66 4.07
CA ALA F 184 0.57 21.20 4.93
C ALA F 184 -0.53 20.50 4.14
N THR F 185 -0.85 21.03 2.96
CA THR F 185 -1.78 20.34 2.10
C THR F 185 -1.31 18.90 1.92
N MET F 186 -0.21 18.72 1.19
CA MET F 186 0.17 17.36 0.82
C MET F 186 0.28 16.47 2.04
N ALA F 187 0.54 17.06 3.20
CA ALA F 187 0.34 16.32 4.43
C ALA F 187 -1.08 15.79 4.51
N SER F 188 -2.07 16.70 4.42
CA SER F 188 -3.44 16.22 4.43
C SER F 188 -3.71 15.26 3.29
N ALA F 189 -2.90 15.27 2.24
CA ALA F 189 -3.11 14.36 1.13
C ALA F 189 -2.64 12.95 1.47
N VAL F 190 -1.42 12.81 1.99
CA VAL F 190 -0.93 11.49 2.40
C VAL F 190 -1.78 10.95 3.53
N LYS F 191 -2.42 11.84 4.28
CA LYS F 191 -3.26 11.36 5.37
C LYS F 191 -4.49 10.62 4.85
N GLN F 192 -4.94 10.93 3.63
CA GLN F 192 -6.17 10.35 3.10
C GLN F 192 -5.93 9.56 1.82
N ASP F 193 -5.69 10.25 0.72
CA ASP F 193 -5.91 9.71 -0.62
C ASP F 193 -4.81 8.72 -0.97
N LEU F 194 -4.79 8.29 -2.21
CA LEU F 194 -3.94 7.26 -2.76
C LEU F 194 -2.62 7.80 -3.29
N ILE F 195 -2.26 9.06 -3.00
CA ILE F 195 -1.15 9.70 -3.68
C ILE F 195 0.03 8.76 -3.74
N GLU F 196 0.54 8.56 -4.93
CA GLU F 196 1.20 7.31 -5.31
C GLU F 196 2.65 7.60 -5.64
N PHE F 197 3.56 7.04 -4.86
CA PHE F 197 4.97 7.25 -5.12
C PHE F 197 5.39 6.43 -6.34
N VAL F 198 5.87 7.11 -7.36
CA VAL F 198 6.22 6.50 -8.65
C VAL F 198 7.71 6.68 -8.88
N LYS F 199 8.39 5.58 -9.19
CA LYS F 199 9.83 5.60 -9.39
C LYS F 199 10.13 5.55 -10.88
N ASP F 200 10.59 6.67 -11.43
CA ASP F 200 11.00 6.70 -12.84
C ASP F 200 12.47 6.35 -12.98
N SER F 201 13.34 7.25 -12.53
CA SER F 201 14.76 7.08 -12.78
C SER F 201 15.26 5.78 -12.18
N GLN F 202 15.89 4.95 -13.02
CA GLN F 202 16.48 3.70 -12.55
C GLN F 202 17.99 3.86 -12.40
N SER F 203 18.44 3.76 -11.15
CA SER F 203 17.52 3.57 -10.03
C SER F 203 17.58 4.80 -9.13
N GLY F 204 16.47 5.52 -9.06
CA GLY F 204 16.40 6.68 -8.19
C GLY F 204 14.98 6.92 -7.74
N ILE F 205 14.85 7.54 -6.58
CA ILE F 205 13.57 7.63 -5.92
C ILE F 205 13.36 9.00 -5.28
N ARG F 206 12.24 9.66 -5.55
CA ARG F 206 11.40 9.47 -6.72
C ARG F 206 10.56 10.75 -6.80
N PHE F 207 10.04 11.04 -7.93
CA PHE F 207 9.22 12.22 -7.78
C PHE F 207 7.78 11.81 -7.54
N PRO F 208 7.14 12.41 -6.54
CA PRO F 208 5.76 12.02 -6.22
C PRO F 208 4.79 12.43 -7.32
N THR F 209 3.65 11.74 -7.36
CA THR F 209 2.64 11.93 -8.39
C THR F 209 1.26 11.90 -7.75
N TYR F 210 0.34 12.66 -8.34
CA TYR F 210 -1.05 12.48 -7.94
C TYR F 210 -1.80 11.65 -8.98
N MET F 211 -2.20 12.24 -10.09
CA MET F 211 -2.81 11.49 -11.18
C MET F 211 -2.16 11.92 -12.50
N ASN F 212 -1.29 11.07 -13.04
CA ASN F 212 -0.54 11.38 -14.25
C ASN F 212 -0.01 12.82 -14.23
N LYS F 213 0.45 13.26 -13.07
CA LYS F 213 0.97 14.60 -12.87
C LYS F 213 2.26 14.50 -12.07
N ARG F 214 2.99 15.60 -11.97
CA ARG F 214 4.10 15.68 -11.03
C ARG F 214 3.80 16.77 -10.02
N VAL F 215 3.59 16.38 -8.81
CA VAL F 215 3.37 17.34 -7.73
C VAL F 215 4.73 17.93 -7.38
N ILE F 216 4.75 19.18 -6.92
CA ILE F 216 5.99 19.89 -6.61
C ILE F 216 5.90 20.43 -5.20
N VAL F 217 6.77 19.92 -4.33
CA VAL F 217 6.86 20.45 -2.98
C VAL F 217 7.62 21.77 -3.05
N ASP F 218 7.02 22.84 -2.53
CA ASP F 218 7.62 24.16 -2.66
C ASP F 218 7.45 24.90 -1.35
N ASP F 219 8.55 25.46 -0.85
CA ASP F 219 8.53 26.05 0.48
C ASP F 219 7.73 27.34 0.53
N SER F 220 8.05 28.29 -0.33
CA SER F 220 7.46 29.62 -0.27
C SER F 220 6.20 29.66 -1.11
N MET F 221 5.07 29.94 -0.48
CA MET F 221 3.77 30.04 -1.09
C MET F 221 3.07 31.24 -0.49
N PRO F 222 2.00 31.70 -1.11
CA PRO F 222 1.13 32.64 -0.41
C PRO F 222 0.38 31.90 0.68
N VAL F 223 0.02 32.65 1.72
CA VAL F 223 -0.95 32.17 2.70
C VAL F 223 -1.57 33.40 3.34
N GLU F 224 -2.83 33.28 3.73
CA GLU F 224 -3.52 34.40 4.35
C GLU F 224 -4.12 33.91 5.65
N THR F 225 -4.85 34.80 6.32
CA THR F 225 -5.49 34.41 7.56
C THR F 225 -6.75 35.25 7.75
N LEU F 226 -7.79 34.62 8.26
CA LEU F 226 -8.97 35.33 8.74
C LEU F 226 -8.96 35.30 10.26
N GLU F 227 -9.99 35.87 10.87
CA GLU F 227 -10.14 35.62 12.29
C GLU F 227 -10.67 34.21 12.49
N ASP F 228 -10.80 33.80 13.75
CA ASP F 228 -11.24 32.45 14.11
C ASP F 228 -10.26 31.38 13.64
N GLY F 229 -9.00 31.75 13.43
CA GLY F 229 -7.97 30.77 13.15
C GLY F 229 -8.14 29.99 11.86
N THR F 230 -9.17 30.34 11.10
CA THR F 230 -9.40 29.68 9.84
C THR F 230 -8.33 30.07 8.82
N LYS F 231 -7.91 29.11 8.02
CA LYS F 231 -6.79 29.28 7.11
C LYS F 231 -7.23 29.14 5.66
N VAL F 232 -6.41 29.68 4.75
CA VAL F 232 -6.66 29.63 3.33
C VAL F 232 -5.34 29.44 2.60
N PHE F 233 -5.30 28.54 1.63
CA PHE F 233 -4.11 28.27 0.85
C PHE F 233 -4.42 28.49 -0.63
N THR F 234 -3.37 28.53 -1.46
CA THR F 234 -3.54 28.78 -2.89
C THR F 234 -3.19 27.56 -3.73
N SER F 235 -1.91 27.19 -3.82
CA SER F 235 -1.51 26.01 -4.58
C SER F 235 -1.87 26.04 -6.06
N TYR F 236 -1.13 26.82 -6.85
CA TYR F 236 -1.36 26.86 -8.29
C TYR F 236 -1.21 25.50 -8.94
N LEU F 237 -1.94 25.31 -10.02
CA LEU F 237 -1.91 24.12 -10.86
C LEU F 237 -1.72 24.54 -12.29
N PHE F 238 -0.57 24.23 -12.88
CA PHE F 238 -0.43 24.53 -14.31
C PHE F 238 0.09 23.36 -15.10
N GLY F 239 1.36 23.03 -14.95
CA GLY F 239 2.00 22.08 -15.84
C GLY F 239 1.67 22.39 -17.29
N ALA F 240 1.78 23.66 -17.66
CA ALA F 240 1.29 24.09 -18.97
C ALA F 240 2.22 23.73 -20.10
N GLY F 241 3.51 23.97 -19.95
CA GLY F 241 4.37 23.85 -21.11
C GLY F 241 4.04 24.94 -22.12
N ALA F 242 4.23 26.22 -21.79
CA ALA F 242 5.08 26.66 -20.69
C ALA F 242 4.95 28.13 -20.32
N LEU F 243 5.86 28.55 -19.43
CA LEU F 243 6.32 29.92 -19.32
C LEU F 243 7.47 30.11 -20.30
N GLY F 244 8.23 31.20 -20.19
CA GLY F 244 9.39 31.35 -21.05
C GLY F 244 10.46 32.24 -20.44
N TYR F 245 11.70 31.97 -20.81
CA TYR F 245 12.80 32.88 -20.49
C TYR F 245 13.97 32.59 -21.42
N ALA F 246 14.88 33.57 -21.50
CA ALA F 246 16.17 33.42 -22.16
C ALA F 246 17.20 34.16 -21.34
N GLU F 247 18.42 33.61 -21.30
CA GLU F 247 19.38 34.02 -20.27
C GLU F 247 19.93 35.42 -20.52
N GLY F 248 20.51 35.67 -21.68
CA GLY F 248 21.17 36.94 -21.89
C GLY F 248 22.47 37.07 -21.12
N GLN F 249 23.20 38.16 -21.37
CA GLN F 249 24.53 38.35 -20.81
C GLN F 249 24.73 39.77 -20.30
N PRO F 250 25.35 39.93 -19.18
CA PRO F 250 25.83 41.25 -18.77
C PRO F 250 27.25 41.47 -19.25
N GLU F 251 27.85 42.56 -18.83
CA GLU F 251 29.31 42.65 -18.87
C GLU F 251 29.84 42.43 -17.47
N VAL F 252 31.02 41.82 -17.39
CA VAL F 252 31.64 41.47 -16.11
C VAL F 252 30.72 40.52 -15.35
N PRO F 253 30.57 39.27 -15.76
CA PRO F 253 29.72 38.35 -15.01
C PRO F 253 30.30 38.00 -13.66
N THR F 254 31.62 38.06 -13.53
CA THR F 254 32.28 37.69 -12.28
C THR F 254 33.42 38.65 -12.00
N GLU F 255 33.44 39.20 -10.79
CA GLU F 255 34.38 40.23 -10.43
C GLU F 255 34.90 39.95 -9.03
N THR F 256 36.22 40.05 -8.87
CA THR F 256 36.88 39.79 -7.60
C THR F 256 37.69 41.01 -7.22
N ALA F 257 37.44 41.56 -6.04
CA ALA F 257 38.14 42.76 -5.62
C ALA F 257 38.20 42.81 -4.11
N ARG F 258 39.21 43.50 -3.59
CA ARG F 258 39.47 43.54 -2.16
C ARG F 258 39.77 44.97 -1.71
N ASN F 259 39.78 45.15 -0.38
CA ASN F 259 39.86 46.44 0.27
C ASN F 259 41.04 46.44 1.22
N ALA F 260 41.89 47.45 1.11
CA ALA F 260 43.16 47.44 1.83
C ALA F 260 43.00 47.83 3.29
N LEU F 261 42.29 48.92 3.57
CA LEU F 261 42.39 49.53 4.89
C LEU F 261 41.71 48.68 5.95
N GLY F 262 40.52 48.18 5.67
CA GLY F 262 39.97 47.07 6.44
C GLY F 262 40.45 45.77 5.85
N SER F 263 40.01 44.68 6.46
CA SER F 263 40.35 43.35 5.95
C SER F 263 39.08 42.67 5.46
N GLN F 264 38.93 42.57 4.15
CA GLN F 264 37.81 41.90 3.51
C GLN F 264 38.23 41.47 2.12
N ASP F 265 37.42 40.58 1.53
CA ASP F 265 37.30 40.46 0.09
C ASP F 265 35.91 39.91 -0.20
N ILE F 266 35.33 40.33 -1.31
CA ILE F 266 33.92 40.10 -1.57
C ILE F 266 33.76 39.54 -2.98
N LEU F 267 32.56 39.02 -3.26
CA LEU F 267 32.19 38.53 -4.58
C LEU F 267 30.95 39.25 -5.07
N ILE F 268 30.70 39.17 -6.38
CA ILE F 268 29.48 39.70 -6.98
C ILE F 268 29.10 38.82 -8.17
N ASN F 269 27.83 38.89 -8.57
CA ASN F 269 27.31 38.07 -9.67
C ASN F 269 26.57 38.89 -10.72
N ARG F 270 25.44 39.52 -10.37
CA ARG F 270 24.70 40.45 -11.23
C ARG F 270 24.38 39.89 -12.62
N LYS F 271 23.41 38.99 -12.72
CA LYS F 271 23.00 38.41 -13.98
C LYS F 271 21.72 39.05 -14.51
N HIS F 272 21.62 39.12 -15.84
CA HIS F 272 20.39 39.49 -16.52
C HIS F 272 19.56 38.24 -16.84
N PHE F 273 18.24 38.39 -16.83
CA PHE F 273 17.38 37.41 -17.50
C PHE F 273 16.03 38.03 -17.78
N VAL F 274 15.28 37.40 -18.70
CA VAL F 274 13.99 37.89 -19.18
C VAL F 274 12.97 36.77 -19.07
N LEU F 275 11.95 36.97 -18.23
CA LEU F 275 10.94 35.93 -17.98
C LEU F 275 9.58 36.54 -17.74
N HIS F 276 8.55 35.91 -18.32
CA HIS F 276 7.18 36.43 -18.31
C HIS F 276 6.23 35.44 -19.00
N PRO F 277 5.02 35.26 -18.47
CA PRO F 277 4.10 34.29 -19.08
C PRO F 277 3.59 34.83 -20.40
N ARG F 278 3.56 33.99 -21.43
CA ARG F 278 2.85 34.42 -22.62
C ARG F 278 1.66 33.53 -22.92
N GLY F 279 0.47 34.04 -22.61
CA GLY F 279 0.36 35.05 -21.60
C GLY F 279 0.00 36.48 -21.82
N VAL F 280 -0.50 37.03 -20.72
CA VAL F 280 -0.93 38.41 -20.64
C VAL F 280 0.16 39.38 -21.06
N LYS F 281 -0.27 40.49 -21.64
CA LYS F 281 0.60 41.60 -22.02
C LYS F 281 0.94 42.45 -20.80
N PHE F 282 2.07 43.11 -20.86
CA PHE F 282 2.54 43.96 -19.76
C PHE F 282 2.38 45.41 -20.15
N THR F 283 2.04 46.26 -19.18
CA THR F 283 1.90 47.67 -19.52
C THR F 283 2.66 48.53 -18.52
N GLU F 284 2.51 49.84 -18.65
CA GLU F 284 3.10 50.79 -17.74
C GLU F 284 1.99 51.68 -17.21
N ASN F 285 1.71 51.57 -15.92
CA ASN F 285 0.80 52.48 -15.24
C ASN F 285 1.26 52.65 -13.80
N ALA F 286 1.15 53.89 -13.30
CA ALA F 286 1.14 54.19 -11.87
C ALA F 286 2.20 53.42 -11.10
N MET F 287 3.35 53.19 -11.73
CA MET F 287 4.44 52.51 -11.08
C MET F 287 5.68 53.40 -11.11
N ALA F 288 6.63 53.06 -10.26
CA ALA F 288 7.91 53.77 -10.23
C ALA F 288 8.80 53.22 -11.33
N GLY F 289 10.07 53.61 -11.33
CA GLY F 289 11.01 53.03 -12.24
C GLY F 289 12.04 54.04 -12.69
N THR F 290 12.75 53.76 -13.78
CA THR F 290 12.69 52.50 -14.52
C THR F 290 14.02 52.49 -15.26
N THR F 291 14.51 51.34 -15.73
CA THR F 291 13.98 50.03 -15.46
C THR F 291 14.91 49.53 -14.36
N PRO F 292 14.81 48.27 -13.91
CA PRO F 292 13.91 47.14 -14.14
C PRO F 292 12.59 47.43 -13.51
N THR F 293 11.77 46.42 -13.34
CA THR F 293 10.49 46.70 -12.76
C THR F 293 10.53 46.96 -11.26
N ASP F 294 10.64 45.90 -10.45
CA ASP F 294 10.39 45.92 -9.01
C ASP F 294 10.33 44.51 -8.47
N GLU F 295 10.04 44.37 -7.18
CA GLU F 295 9.35 43.18 -6.71
C GLU F 295 7.89 43.51 -6.41
N GLU F 296 7.66 44.21 -5.30
CA GLU F 296 6.31 44.54 -4.87
C GLU F 296 5.49 45.09 -6.02
N LEU F 297 5.80 46.31 -6.43
CA LEU F 297 5.03 46.93 -7.49
C LEU F 297 5.19 46.20 -8.82
N ALA F 298 6.19 45.32 -8.94
CA ALA F 298 6.21 44.36 -10.03
C ALA F 298 5.17 43.30 -9.87
N ASN F 299 4.44 43.31 -8.76
CA ASN F 299 3.30 42.43 -8.60
C ASN F 299 2.00 43.19 -8.39
N GLY F 300 1.92 44.02 -7.36
CA GLY F 300 0.67 44.41 -6.76
C GLY F 300 -0.49 44.78 -7.66
N ALA F 301 -0.26 45.45 -8.78
CA ALA F 301 -1.39 45.93 -9.56
C ALA F 301 -1.06 45.92 -11.04
N ASN F 302 -2.11 46.15 -11.84
CA ASN F 302 -1.94 46.67 -13.19
C ASN F 302 -1.17 45.71 -14.11
N TRP F 303 -1.86 44.62 -14.46
CA TRP F 303 -1.58 43.91 -15.71
C TRP F 303 -2.85 43.83 -16.55
N GLN F 304 -2.68 43.54 -17.84
CA GLN F 304 -3.75 43.53 -18.83
C GLN F 304 -3.51 42.45 -19.86
N ARG F 305 -4.50 41.59 -20.13
CA ARG F 305 -4.30 40.43 -21.00
C ARG F 305 -5.11 40.52 -22.28
N VAL F 306 -4.58 39.95 -23.38
CA VAL F 306 -5.41 39.66 -24.54
C VAL F 306 -5.04 38.36 -25.23
N TYR F 307 -5.93 37.37 -25.16
CA TYR F 307 -6.02 36.28 -26.14
C TYR F 307 -7.49 35.99 -26.48
N ASP F 308 -8.40 35.80 -25.50
CA ASP F 308 -8.17 35.39 -24.11
C ASP F 308 -8.13 33.88 -23.74
N PRO F 309 -9.25 33.21 -23.89
CA PRO F 309 -9.68 32.27 -22.84
C PRO F 309 -8.75 31.13 -22.60
N LYS F 310 -8.42 30.41 -23.65
CA LYS F 310 -7.65 29.20 -23.46
C LYS F 310 -6.19 29.52 -23.71
N LYS F 311 -5.38 28.47 -23.79
CA LYS F 311 -3.94 28.54 -24.02
C LYS F 311 -3.30 29.66 -23.20
N ILE F 312 -3.63 29.74 -21.92
CA ILE F 312 -2.99 30.74 -21.10
C ILE F 312 -1.62 30.24 -20.65
N ARG F 313 -1.45 29.15 -19.88
CA ARG F 313 -2.45 28.28 -19.27
C ARG F 313 -2.13 28.10 -17.80
N ILE F 314 -2.93 28.70 -16.91
CA ILE F 314 -2.75 28.51 -15.48
C ILE F 314 -4.10 28.71 -14.81
N VAL F 315 -4.30 28.01 -13.69
CA VAL F 315 -5.54 28.07 -12.93
C VAL F 315 -5.21 28.01 -11.45
N GLN F 316 -6.00 28.71 -10.64
CA GLN F 316 -5.81 28.72 -9.21
C GLN F 316 -7.10 28.38 -8.51
N PHE F 317 -7.01 27.64 -7.41
CA PHE F 317 -8.16 27.47 -6.52
C PHE F 317 -7.70 27.60 -5.08
N LYS F 318 -8.23 28.59 -4.38
CA LYS F 318 -7.99 28.71 -2.96
C LYS F 318 -8.90 27.75 -2.23
N HIS F 319 -8.32 26.81 -1.48
CA HIS F 319 -9.09 25.82 -0.74
C HIS F 319 -8.69 25.83 0.71
N ARG F 320 -9.62 25.49 1.58
CA ARG F 320 -9.28 25.27 2.97
C ARG F 320 -8.67 23.89 3.16
N LEU F 321 -7.86 23.76 4.19
CA LEU F 321 -7.14 22.54 4.43
C LEU F 321 -8.00 21.57 5.24
N GLN F 322 -7.91 20.28 4.90
CA GLN F 322 -8.76 19.27 5.49
C GLN F 322 -8.69 19.29 7.00
N ALA F 323 -9.83 19.10 7.64
CA ALA F 323 -9.87 18.73 9.02
C ALA F 323 -9.45 17.27 9.14
N ALA G 1 60.47 53.04 -9.45
CA ALA G 1 61.50 54.04 -9.21
C ALA G 1 62.69 53.41 -8.51
N TYR G 2 62.42 52.36 -7.76
CA TYR G 2 63.40 51.73 -6.89
C TYR G 2 63.24 50.22 -7.00
N THR G 3 64.19 49.50 -6.40
CA THR G 3 64.06 48.05 -6.27
C THR G 3 62.73 47.68 -5.61
N LYS G 4 62.38 48.38 -4.53
CA LYS G 4 61.06 48.35 -3.94
C LYS G 4 60.64 46.93 -3.56
N ILE G 5 61.38 46.34 -2.62
CA ILE G 5 61.00 45.05 -2.09
C ILE G 5 59.67 45.12 -1.37
N SER G 6 59.31 46.30 -0.87
CA SER G 6 57.98 46.55 -0.33
C SER G 6 56.96 46.97 -1.39
N ASP G 7 57.34 47.84 -2.34
CA ASP G 7 56.35 48.37 -3.28
C ASP G 7 55.92 47.32 -4.31
N VAL G 8 56.87 46.51 -4.81
CA VAL G 8 56.52 45.29 -5.52
C VAL G 8 56.43 44.10 -4.56
N ILE G 9 56.59 44.35 -3.26
CA ILE G 9 56.20 43.51 -2.12
C ILE G 9 56.64 42.05 -2.25
N VAL G 10 57.93 41.79 -2.04
CA VAL G 10 58.38 40.41 -1.88
C VAL G 10 58.15 39.98 -0.43
N PRO G 11 57.21 39.08 -0.16
CA PRO G 11 56.98 38.67 1.23
C PRO G 11 58.13 37.91 1.83
N GLU G 12 59.00 37.32 1.03
CA GLU G 12 60.16 36.69 1.60
C GLU G 12 61.12 37.76 2.10
N LEU G 13 62.18 37.32 2.78
CA LEU G 13 63.34 38.18 2.96
C LEU G 13 63.01 39.43 3.77
N PHE G 14 61.74 39.63 4.13
CA PHE G 14 61.33 40.86 4.82
C PHE G 14 60.78 40.54 6.21
N ASN G 15 59.57 39.98 6.32
CA ASN G 15 58.93 39.80 7.62
C ASN G 15 59.84 39.17 8.67
N PRO G 16 60.52 38.06 8.39
CA PRO G 16 61.49 37.55 9.38
C PRO G 16 62.50 38.61 9.80
N TYR G 17 63.05 39.35 8.84
CA TYR G 17 64.00 40.40 9.18
C TYR G 17 63.36 41.39 10.15
N VAL G 18 62.12 41.77 9.87
CA VAL G 18 61.41 42.69 10.76
C VAL G 18 61.40 42.14 12.17
N ILE G 19 60.87 40.93 12.32
CA ILE G 19 60.65 40.40 13.67
C ILE G 19 61.96 40.30 14.43
N ASN G 20 62.99 39.71 13.81
CA ASN G 20 64.27 39.60 14.51
C ASN G 20 64.77 40.96 14.95
N THR G 21 64.88 41.90 14.02
CA THR G 21 65.41 43.20 14.39
C THR G 21 64.59 43.83 15.51
N THR G 22 63.28 43.58 15.51
CA THR G 22 62.44 44.04 16.60
C THR G 22 62.89 43.44 17.92
N THR G 23 63.20 42.15 17.93
CA THR G 23 63.58 41.51 19.18
C THR G 23 64.88 42.09 19.70
N GLN G 24 65.89 42.22 18.85
CA GLN G 24 67.16 42.77 19.31
C GLN G 24 66.99 44.18 19.85
N LEU G 25 66.29 45.04 19.10
CA LEU G 25 66.39 46.47 19.36
C LEU G 25 65.78 46.84 20.70
N SER G 26 64.51 46.52 20.91
CA SER G 26 63.81 47.03 22.07
C SER G 26 64.04 46.15 23.29
N ALA G 27 64.20 46.80 24.44
CA ALA G 27 64.53 46.12 25.68
C ALA G 27 64.11 47.06 26.79
N PHE G 28 63.88 46.64 28.04
CA PHE G 28 63.87 45.27 28.60
C PHE G 28 65.09 44.39 28.44
N PHE G 29 64.83 43.11 28.22
CA PHE G 29 65.81 42.12 27.78
C PHE G 29 67.20 42.26 28.42
N GLN G 30 67.30 41.89 29.70
CA GLN G 30 66.25 41.21 30.45
C GLN G 30 66.52 41.37 31.93
N SER G 31 65.55 41.19 32.85
CA SER G 31 64.09 41.11 32.72
C SER G 31 63.42 40.06 31.83
N GLY G 32 62.40 40.51 31.12
CA GLY G 32 61.48 39.64 30.39
C GLY G 32 62.15 38.63 29.49
N ILE G 33 61.61 37.42 29.46
CA ILE G 33 62.21 36.36 28.67
C ILE G 33 62.02 36.66 27.18
N ALA G 34 62.79 35.97 26.36
CA ALA G 34 62.53 35.84 24.94
C ALA G 34 62.14 34.39 24.65
N ALA G 35 61.36 34.21 23.59
CA ALA G 35 60.91 32.87 23.18
C ALA G 35 60.11 32.16 24.26
N THR G 36 58.86 32.58 24.48
CA THR G 36 57.98 31.96 25.46
C THR G 36 57.46 30.64 24.86
N ASP G 37 56.46 30.03 25.49
CA ASP G 37 55.89 28.79 25.01
C ASP G 37 55.29 28.95 23.63
N ASP G 38 55.19 27.85 22.91
CA ASP G 38 54.53 27.81 21.62
C ASP G 38 53.06 27.45 21.70
N GLU G 39 52.55 27.13 22.89
CA GLU G 39 51.10 27.04 23.04
C GLU G 39 50.47 28.37 22.66
N LEU G 40 51.15 29.47 22.97
CA LEU G 40 50.78 30.76 22.43
C LEU G 40 50.79 30.75 20.91
N ASN G 41 51.75 30.03 20.31
CA ASN G 41 51.70 29.89 18.87
C ASN G 41 50.39 29.23 18.46
N ALA G 42 49.93 28.27 19.26
CA ALA G 42 48.60 27.73 19.01
C ALA G 42 47.52 28.79 19.25
N LEU G 43 47.81 29.80 20.07
CA LEU G 43 46.84 30.88 20.31
C LEU G 43 46.69 31.77 19.08
N ALA G 44 47.80 32.26 18.54
CA ALA G 44 47.75 33.02 17.30
C ALA G 44 47.59 32.09 16.10
N LYS G 45 48.59 31.23 15.86
CA LYS G 45 48.48 30.27 14.77
C LYS G 45 47.42 29.24 15.10
N LYS G 46 46.43 29.09 14.22
CA LYS G 46 45.33 28.17 14.41
C LYS G 46 45.84 26.71 14.41
N ALA G 47 45.12 25.79 15.05
CA ALA G 47 43.89 26.05 15.81
C ALA G 47 44.14 26.14 17.31
N GLY G 48 43.04 26.20 18.08
CA GLY G 48 43.09 26.20 19.53
C GLY G 48 42.80 27.52 20.19
N GLY G 49 42.62 28.59 19.44
CA GLY G 49 42.43 29.91 20.00
C GLY G 49 41.01 30.16 20.45
N GLY G 50 40.66 31.44 20.54
CA GLY G 50 39.35 31.86 21.01
C GLY G 50 39.38 33.21 21.66
N SER G 51 39.94 33.25 27.13
CA SER G 51 40.13 33.47 25.70
C SER G 51 41.59 33.32 25.30
N THR G 52 42.44 33.04 26.29
CA THR G 52 43.88 32.90 26.05
C THR G 52 44.41 31.73 26.84
N LEU G 53 45.02 30.78 26.15
CA LEU G 53 45.39 29.53 26.79
C LEU G 53 46.47 29.75 27.84
N ASN G 54 46.56 28.80 28.75
CA ASN G 54 47.22 28.95 30.04
C ASN G 54 48.65 28.43 30.00
N MET G 55 49.52 29.11 30.72
CA MET G 55 50.95 28.81 30.72
C MET G 55 51.36 28.16 32.03
N PRO G 56 52.04 27.03 32.01
CA PRO G 56 52.42 26.36 33.24
C PRO G 56 53.55 27.12 33.95
N TYR G 57 53.78 26.76 35.21
CA TYR G 57 54.95 27.27 35.94
C TYR G 57 55.80 26.11 36.42
N TRP G 58 57.12 26.31 36.41
CA TRP G 58 58.06 25.21 36.48
C TRP G 58 59.22 25.54 37.41
N ASN G 59 59.43 24.72 38.43
CA ASN G 59 60.67 24.70 39.18
C ASN G 59 60.71 23.40 39.97
N ASP G 60 61.90 23.01 40.41
CA ASP G 60 62.08 21.68 41.00
C ASP G 60 61.75 21.61 42.49
N LEU G 61 61.73 22.73 43.21
CA LEU G 61 61.74 22.66 44.67
C LEU G 61 60.44 22.11 45.24
N ASP G 62 60.56 21.04 46.05
CA ASP G 62 59.56 20.67 47.04
C ASP G 62 60.29 20.52 48.37
N GLY G 63 60.06 21.46 49.29
CA GLY G 63 60.36 21.29 50.69
C GLY G 63 61.72 20.71 51.03
N ASP G 64 62.73 20.96 50.19
CA ASP G 64 64.07 20.47 50.50
C ASP G 64 64.42 20.96 51.90
N SER G 65 65.10 20.12 52.69
CA SER G 65 65.38 18.74 52.35
C SER G 65 64.50 17.82 53.17
N GLN G 66 64.74 16.51 53.09
CA GLN G 66 64.00 15.55 53.89
C GLN G 66 64.95 14.47 54.39
N VAL G 67 64.62 13.87 55.53
CA VAL G 67 65.59 13.09 56.29
C VAL G 67 65.83 11.75 55.62
N LEU G 68 67.05 11.56 55.15
CA LEU G 68 67.49 10.24 54.71
C LEU G 68 67.54 9.35 55.93
N ASN G 69 66.97 8.16 55.84
CA ASN G 69 66.78 7.37 57.04
C ASN G 69 66.39 5.95 56.64
N ASP G 70 66.01 5.14 57.62
CA ASP G 70 65.29 3.90 57.43
C ASP G 70 64.04 3.90 58.30
N THR G 71 63.12 2.99 57.97
CA THR G 71 61.82 2.83 58.62
C THR G 71 60.92 4.03 58.46
N ASP G 72 61.16 4.87 57.45
CA ASP G 72 60.36 6.06 57.23
C ASP G 72 60.17 6.26 55.73
N ASP G 73 58.95 6.62 55.36
CA ASP G 73 58.66 6.90 53.97
C ASP G 73 59.10 8.31 53.62
N LEU G 74 59.36 8.53 52.34
CA LEU G 74 59.80 9.85 51.90
C LEU G 74 58.63 10.81 51.68
N VAL G 75 57.55 10.32 51.07
CA VAL G 75 56.36 11.03 50.58
C VAL G 75 56.79 11.82 49.34
N PRO G 76 55.92 12.07 48.39
CA PRO G 76 56.40 12.51 47.08
C PRO G 76 56.41 14.01 46.87
N GLN G 77 56.85 14.40 45.68
CA GLN G 77 56.87 15.79 45.24
C GLN G 77 55.49 16.14 44.69
N LYS G 78 54.82 17.10 45.33
CA LYS G 78 53.45 17.43 45.00
C LYS G 78 53.36 18.79 44.34
N ILE G 79 52.39 18.93 43.44
CA ILE G 79 52.15 20.18 42.73
C ILE G 79 50.94 20.87 43.35
N ASN G 80 51.16 22.04 43.95
CA ASN G 80 50.05 22.80 44.48
C ASN G 80 49.12 23.22 43.35
N ALA G 81 47.88 23.48 43.72
CA ALA G 81 46.87 23.82 42.73
C ALA G 81 47.20 25.17 42.10
N GLY G 82 46.60 25.41 40.94
CA GLY G 82 46.66 26.73 40.34
C GLY G 82 45.99 26.71 38.99
N GLN G 83 45.59 27.90 38.55
CA GLN G 83 45.13 28.07 37.18
C GLN G 83 45.22 29.54 36.83
N ASP G 84 45.28 29.82 35.53
CA ASP G 84 45.39 31.21 35.11
C ASP G 84 44.91 31.33 33.69
N LYS G 85 44.79 32.57 33.23
CA LYS G 85 44.45 32.89 31.86
C LYS G 85 45.25 34.12 31.48
N ALA G 86 44.96 34.67 30.30
CA ALA G 86 45.69 35.82 29.79
C ALA G 86 44.79 36.57 28.81
N VAL G 87 45.36 37.51 28.06
CA VAL G 87 44.68 38.20 26.98
C VAL G 87 45.39 37.82 25.69
N LEU G 88 44.84 38.26 24.56
CA LEU G 88 45.52 38.14 23.28
C LEU G 88 45.15 39.35 22.44
N ILE G 89 46.15 40.03 21.89
CA ILE G 89 45.91 41.37 21.38
C ILE G 89 46.31 41.47 19.92
N LEU G 90 45.64 42.37 19.20
CA LEU G 90 45.81 42.49 17.76
C LEU G 90 45.93 43.97 17.41
N ARG G 91 47.07 44.38 16.89
CA ARG G 91 47.23 45.79 16.58
C ARG G 91 47.91 45.94 15.24
N GLY G 92 48.02 47.20 14.84
CA GLY G 92 48.51 47.57 13.52
C GLY G 92 48.25 49.04 13.31
N ASN G 93 48.82 49.53 12.21
CA ASN G 93 48.46 50.84 11.69
C ASN G 93 48.84 50.90 10.21
N ALA G 94 48.73 52.09 9.65
CA ALA G 94 49.07 52.34 8.25
C ALA G 94 50.05 53.50 8.16
N TRP G 95 50.41 53.86 6.93
CA TRP G 95 51.35 54.95 6.69
C TRP G 95 51.06 55.54 5.31
N SER G 96 51.31 56.83 5.16
CA SER G 96 50.95 57.56 3.95
C SER G 96 52.17 58.12 3.24
N SER G 97 51.99 58.43 1.96
CA SER G 97 53.03 58.99 1.11
C SER G 97 52.35 59.96 0.14
N HIS G 98 53.09 60.39 -0.88
CA HIS G 98 52.51 61.26 -1.90
C HIS G 98 53.26 61.07 -3.21
N ASP G 99 52.66 61.55 -4.30
CA ASP G 99 53.21 61.34 -5.63
C ASP G 99 54.11 62.49 -6.09
N LEU G 100 54.38 63.47 -5.25
CA LEU G 100 55.34 64.52 -5.54
C LEU G 100 56.76 64.16 -5.14
N ALA G 101 57.03 62.89 -4.88
CA ALA G 101 58.38 62.34 -4.75
C ALA G 101 59.18 62.85 -3.56
N ALA G 102 58.78 62.43 -2.37
CA ALA G 102 59.68 62.27 -1.25
C ALA G 102 60.12 60.81 -1.26
N THR G 103 61.39 60.56 -1.56
CA THR G 103 61.83 59.26 -2.05
C THR G 103 63.17 58.90 -1.38
N LEU G 104 63.79 57.84 -1.88
CA LEU G 104 65.16 57.46 -1.49
C LEU G 104 65.27 57.14 0.00
N SER G 105 64.85 55.96 0.46
CA SER G 105 64.84 54.66 -0.26
C SER G 105 66.17 54.45 -0.98
N GLY G 106 67.21 54.23 -0.20
CA GLY G 106 68.56 54.19 -0.72
C GLY G 106 68.99 52.80 -1.16
N SER G 107 70.30 52.60 -1.16
CA SER G 107 70.92 51.38 -1.65
C SER G 107 70.53 50.15 -0.84
N ASP G 108 69.81 50.33 0.26
CA ASP G 108 69.44 49.22 1.13
C ASP G 108 67.99 49.40 1.56
N PRO G 109 67.05 49.22 0.63
CA PRO G 109 65.63 49.28 1.01
C PRO G 109 65.30 48.37 2.18
N MET G 110 65.85 47.16 2.14
CA MET G 110 65.69 46.17 3.21
C MET G 110 65.94 46.81 4.56
N GLN G 111 67.20 47.12 4.84
CA GLN G 111 67.53 47.57 6.18
C GLN G 111 66.94 48.96 6.45
N ALA G 112 66.87 49.81 5.44
CA ALA G 112 66.31 51.14 5.63
C ALA G 112 64.88 51.07 6.15
N ILE G 113 63.95 50.71 5.27
CA ILE G 113 62.55 50.75 5.67
C ILE G 113 62.30 49.78 6.80
N GLY G 114 62.92 48.61 6.73
CA GLY G 114 62.71 47.60 7.74
C GLY G 114 63.04 48.09 9.12
N SER G 115 64.26 48.58 9.30
CA SER G 115 64.65 49.05 10.63
C SER G 115 63.80 50.25 11.05
N ARG G 116 63.66 51.24 10.16
CA ARG G 116 62.88 52.42 10.54
C ARG G 116 61.48 52.00 11.00
N VAL G 117 60.97 50.88 10.49
CA VAL G 117 59.76 50.31 11.06
C VAL G 117 60.05 49.71 12.42
N ALA G 118 61.14 48.96 12.53
CA ALA G 118 61.43 48.25 13.75
C ALA G 118 61.49 49.17 14.94
N ALA G 119 61.96 50.41 14.72
CA ALA G 119 62.04 51.36 15.82
C ALA G 119 60.68 51.54 16.46
N TYR G 120 59.76 52.17 15.73
CA TYR G 120 58.39 52.34 16.17
C TYR G 120 57.82 51.05 16.73
N TRP G 121 57.65 50.09 15.82
CA TRP G 121 56.83 48.94 16.13
C TRP G 121 57.40 48.12 17.26
N ALA G 122 58.68 48.22 17.51
CA ALA G 122 59.23 47.69 18.74
C ALA G 122 58.90 48.59 19.93
N ARG G 123 58.87 49.91 19.70
CA ARG G 123 58.80 50.82 20.81
C ARG G 123 57.44 50.77 21.49
N GLU G 124 56.36 50.59 20.73
CA GLU G 124 55.07 50.55 21.42
C GLU G 124 54.98 49.44 22.46
N MET G 125 55.81 48.42 22.36
CA MET G 125 55.70 47.27 23.25
C MET G 125 55.70 47.70 24.71
N GLN G 126 56.73 48.43 25.13
CA GLN G 126 56.82 48.74 26.55
C GLN G 126 55.70 49.68 26.98
N LYS G 127 55.24 50.56 26.10
CA LYS G 127 54.09 51.38 26.44
C LYS G 127 52.88 50.52 26.78
N ILE G 128 52.61 49.51 25.93
CA ILE G 128 51.53 48.59 26.26
C ILE G 128 51.77 47.97 27.62
N VAL G 129 53.01 47.54 27.89
CA VAL G 129 53.32 46.92 29.17
C VAL G 129 52.94 47.81 30.32
N PHE G 130 53.68 48.90 30.52
CA PHE G 130 53.45 49.76 31.69
C PHE G 130 51.99 50.18 31.78
N ALA G 131 51.38 50.49 30.64
CA ALA G 131 49.95 50.75 30.65
C ALA G 131 49.23 49.63 31.38
N GLU G 132 49.50 48.39 30.97
CA GLU G 132 48.81 47.25 31.58
C GLU G 132 49.17 47.12 33.05
N LEU G 133 50.47 47.01 33.35
CA LEU G 133 50.91 46.74 34.72
C LEU G 133 50.41 47.78 35.68
N ALA G 134 50.09 48.97 35.19
CA ALA G 134 49.41 49.93 36.07
C ALA G 134 48.09 49.39 36.58
N GLY G 135 47.59 48.30 36.02
CA GLY G 135 46.29 47.78 36.40
C GLY G 135 46.23 46.85 37.60
N VAL G 136 47.26 46.03 37.81
CA VAL G 136 47.21 45.06 38.89
C VAL G 136 47.01 45.82 40.18
N PHE G 137 48.02 46.59 40.55
CA PHE G 137 48.06 47.21 41.86
C PHE G 137 47.13 48.39 41.99
N SER G 138 46.42 48.76 40.92
CA SER G 138 45.80 50.08 40.81
C SER G 138 45.05 50.46 42.08
N ASN G 139 43.89 49.86 42.31
CA ASN G 139 43.41 49.69 43.68
C ASN G 139 42.83 48.29 43.76
N ASP G 140 43.51 47.43 44.50
CA ASP G 140 43.09 46.06 44.71
C ASP G 140 43.67 45.62 46.04
N ASP G 141 42.91 44.86 46.79
CA ASP G 141 43.44 44.41 48.07
C ASP G 141 44.42 43.27 47.87
N MET G 142 44.05 42.29 47.05
CA MET G 142 44.73 41.01 47.04
C MET G 142 46.21 41.11 46.69
N LYS G 143 46.67 42.23 46.16
CA LYS G 143 48.09 42.42 45.98
C LYS G 143 48.72 43.25 47.08
N ASP G 144 47.94 43.69 48.07
CA ASP G 144 48.42 44.69 49.01
C ASP G 144 49.77 44.30 49.61
N ASN G 145 49.91 43.03 49.95
CA ASN G 145 51.13 42.57 50.58
C ASN G 145 52.33 42.66 49.66
N LYS G 146 52.13 42.98 48.40
CA LYS G 146 53.23 43.21 47.49
C LYS G 146 53.52 44.69 47.26
N LEU G 147 52.80 45.59 47.91
CA LEU G 147 53.11 47.01 47.86
C LEU G 147 53.62 47.46 49.22
N ASP G 148 54.43 48.51 49.20
CA ASP G 148 55.11 49.01 50.40
C ASP G 148 55.30 50.49 50.24
N ILE G 149 55.24 51.25 51.34
CA ILE G 149 55.60 52.66 51.31
C ILE G 149 56.42 53.00 52.55
N SER G 150 57.51 53.70 52.34
CA SER G 150 58.15 54.48 53.40
C SER G 150 57.71 55.92 53.35
N GLY G 151 56.76 56.25 52.48
CA GLY G 151 56.50 57.64 52.12
C GLY G 151 55.80 58.41 53.20
N THR G 152 55.20 59.54 52.83
CA THR G 152 54.53 60.44 53.78
C THR G 152 55.53 60.97 54.81
N ALA G 153 56.35 61.90 54.32
CA ALA G 153 57.16 62.89 55.03
C ALA G 153 58.57 62.45 55.44
N ASP G 154 58.88 61.16 55.38
CA ASP G 154 60.28 60.76 55.52
C ASP G 154 60.61 59.55 54.66
N GLY G 155 61.42 59.74 53.64
CA GLY G 155 62.17 58.67 53.02
C GLY G 155 63.12 59.25 52.00
N ILE G 156 64.30 58.67 51.86
CA ILE G 156 65.34 59.26 51.03
C ILE G 156 65.56 58.53 49.72
N TYR G 157 64.90 57.41 49.50
CA TYR G 157 65.28 56.48 48.44
C TYR G 157 66.79 56.35 48.33
N SER G 158 67.45 55.81 49.35
CA SER G 158 68.79 55.28 49.13
C SER G 158 69.13 54.20 50.14
N ALA G 159 69.79 53.14 49.69
CA ALA G 159 70.63 52.24 50.47
C ALA G 159 69.92 51.49 51.59
N GLU G 160 68.70 51.82 51.96
CA GLU G 160 68.03 51.10 53.04
C GLU G 160 66.62 50.70 52.66
N THR G 161 65.76 51.70 52.48
CA THR G 161 64.38 51.43 52.09
C THR G 161 64.35 50.49 50.89
N PHE G 162 65.33 50.62 49.99
CA PHE G 162 65.46 49.63 48.94
C PHE G 162 65.65 48.25 49.52
N VAL G 163 66.39 48.14 50.62
CA VAL G 163 66.57 46.82 51.23
C VAL G 163 65.24 46.33 51.79
N ASP G 164 64.39 47.24 52.27
CA ASP G 164 63.04 46.82 52.65
C ASP G 164 62.33 46.17 51.46
N ALA G 165 62.24 46.89 50.35
CA ALA G 165 61.65 46.28 49.17
C ALA G 165 62.32 44.94 48.87
N SER G 166 63.62 44.83 49.14
CA SER G 166 64.30 43.56 48.94
C SER G 166 63.80 42.48 49.88
N TYR G 167 63.29 42.83 51.06
CA TYR G 167 62.57 41.83 51.82
C TYR G 167 61.24 41.49 51.19
N LYS G 168 60.62 42.46 50.52
CA LYS G 168 59.22 42.27 50.14
C LYS G 168 59.03 41.08 49.21
N LEU G 169 59.99 40.77 48.34
CA LEU G 169 59.91 39.49 47.67
C LEU G 169 59.96 38.40 48.72
N GLY G 170 58.94 37.55 48.74
CA GLY G 170 58.72 36.75 49.92
C GLY G 170 59.76 35.69 50.21
N ASP G 171 59.91 34.72 49.31
CA ASP G 171 60.94 33.70 49.49
C ASP G 171 62.29 34.12 48.91
N HIS G 172 62.27 34.67 47.69
CA HIS G 172 63.47 34.78 46.88
C HIS G 172 64.03 36.20 46.97
N GLU G 173 65.23 36.32 47.52
CA GLU G 173 65.99 37.56 47.50
C GLU G 173 67.23 37.34 46.67
N SER G 174 67.75 38.44 46.11
CA SER G 174 68.85 38.44 45.16
C SER G 174 68.48 37.72 43.85
N LEU G 175 67.19 37.67 43.53
CA LEU G 175 66.72 37.36 42.19
C LEU G 175 66.42 38.62 41.38
N LEU G 176 66.65 39.79 41.95
CA LEU G 176 66.38 41.03 41.25
C LEU G 176 67.20 41.12 39.99
N THR G 177 66.63 41.77 38.98
CA THR G 177 67.35 41.96 37.73
C THR G 177 67.29 43.41 37.30
N ALA G 178 66.10 43.92 37.04
CA ALA G 178 65.95 45.27 36.52
C ALA G 178 65.17 46.12 37.51
N ILE G 179 65.28 47.43 37.35
CA ILE G 179 64.63 48.37 38.26
C ILE G 179 63.91 49.42 37.44
N GLY G 180 62.59 49.47 37.56
CA GLY G 180 61.85 50.57 36.99
C GLY G 180 62.12 51.86 37.74
N MET G 181 61.96 52.98 37.05
CA MET G 181 62.43 54.23 37.62
C MET G 181 61.74 55.37 36.90
N HIS G 182 61.82 56.56 37.49
CA HIS G 182 61.63 57.78 36.73
C HIS G 182 62.82 58.71 36.98
N SER G 183 63.05 59.61 36.03
CA SER G 183 64.35 60.29 35.91
C SER G 183 64.76 60.97 37.20
N ALA G 184 63.92 61.86 37.73
CA ALA G 184 64.32 62.69 38.87
C ALA G 184 64.94 61.86 39.98
N THR G 185 64.37 60.67 40.23
CA THR G 185 64.99 59.76 41.18
C THR G 185 66.45 59.55 40.83
N MET G 186 66.71 58.95 39.66
CA MET G 186 68.09 58.63 39.35
C MET G 186 68.97 59.85 39.32
N ALA G 187 68.40 61.05 39.18
CA ALA G 187 69.18 62.25 39.44
C ALA G 187 69.64 62.30 40.88
N SER G 188 68.69 62.24 41.83
CA SER G 188 69.09 62.19 43.23
C SER G 188 70.10 61.08 43.48
N ALA G 189 69.92 59.96 42.79
CA ALA G 189 70.89 58.88 42.87
C ALA G 189 72.28 59.39 42.50
N VAL G 190 72.43 59.93 41.29
CA VAL G 190 73.74 60.42 40.85
C VAL G 190 74.33 61.34 41.89
N LYS G 191 73.49 62.13 42.54
CA LYS G 191 74.03 62.99 43.59
C LYS G 191 74.53 62.18 44.78
N GLN G 192 73.86 61.09 45.13
CA GLN G 192 74.29 60.37 46.33
C GLN G 192 75.15 59.15 46.02
N ASP G 193 74.49 58.09 45.59
CA ASP G 193 75.07 56.75 45.59
C ASP G 193 76.07 56.66 44.44
N LEU G 194 76.62 55.47 44.24
CA LEU G 194 77.67 55.24 43.26
C LEU G 194 77.13 54.82 41.90
N ILE G 195 75.82 54.99 41.65
CA ILE G 195 75.24 54.47 40.41
C ILE G 195 76.13 54.83 39.24
N GLU G 196 76.48 53.80 38.48
CA GLU G 196 77.77 53.72 37.81
C GLU G 196 77.54 53.34 36.36
N PHE G 197 77.94 54.21 35.44
CA PHE G 197 77.91 53.79 34.05
C PHE G 197 78.95 52.70 33.85
N VAL G 198 78.51 51.55 33.38
CA VAL G 198 79.35 50.37 33.32
C VAL G 198 79.30 49.84 31.91
N LYS G 199 80.41 49.87 31.21
CA LYS G 199 80.44 49.33 29.87
C LYS G 199 80.31 47.82 29.96
N ASP G 200 79.29 47.29 29.30
CA ASP G 200 79.05 45.86 29.39
C ASP G 200 79.94 45.09 28.46
N SER G 201 79.62 45.15 27.18
CA SER G 201 80.46 44.51 26.19
C SER G 201 81.78 45.27 26.10
N GLN G 202 82.81 44.55 25.67
CA GLN G 202 84.09 45.19 25.37
C GLN G 202 84.32 45.19 23.86
N SER G 203 84.17 46.35 23.24
CA SER G 203 83.60 47.52 23.87
C SER G 203 82.21 47.78 23.31
N GLY G 204 81.20 47.76 24.17
CA GLY G 204 79.84 47.98 23.74
C GLY G 204 79.05 48.64 24.84
N ILE G 205 78.03 49.38 24.43
CA ILE G 205 77.55 50.45 25.28
C ILE G 205 76.05 50.57 25.38
N ARG G 206 75.53 50.79 26.59
CA ARG G 206 76.06 50.36 27.89
C ARG G 206 74.84 50.51 28.78
N PHE G 207 74.78 49.82 29.90
CA PHE G 207 73.59 49.97 30.72
C PHE G 207 73.94 50.69 32.02
N PRO G 208 73.30 51.82 32.28
CA PRO G 208 73.35 52.39 33.63
C PRO G 208 72.95 51.34 34.66
N THR G 209 73.65 51.34 35.78
CA THR G 209 73.57 50.26 36.74
C THR G 209 73.41 50.80 38.14
N TYR G 210 72.60 50.12 38.95
CA TYR G 210 72.50 50.44 40.38
C TYR G 210 73.47 49.56 41.15
N MET G 211 73.17 48.29 41.29
CA MET G 211 74.17 47.32 41.71
C MET G 211 74.02 46.07 40.86
N ASN G 212 74.93 45.87 39.92
CA ASN G 212 74.85 44.76 38.97
C ASN G 212 73.46 44.55 38.38
N LYS G 213 72.78 45.63 38.01
CA LYS G 213 71.44 45.56 37.47
C LYS G 213 71.32 46.49 36.27
N ARG G 214 70.31 46.26 35.44
CA ARG G 214 70.02 47.13 34.30
C ARG G 214 68.82 47.99 34.63
N VAL G 215 69.05 49.28 34.81
CA VAL G 215 67.95 50.19 35.10
C VAL G 215 67.24 50.57 33.81
N ILE G 216 65.93 50.78 33.91
CA ILE G 216 65.10 51.13 32.77
C ILE G 216 64.42 52.46 33.08
N VAL G 217 64.31 53.33 32.09
CA VAL G 217 63.83 54.69 32.31
C VAL G 217 62.79 55.02 31.25
N ASP G 218 61.67 55.58 31.67
CA ASP G 218 60.70 56.17 30.76
C ASP G 218 59.93 57.26 31.49
N ASP G 219 59.41 58.21 30.71
CA ASP G 219 58.78 59.40 31.30
C ASP G 219 57.37 59.13 31.80
N SER G 220 56.74 58.04 31.39
CA SER G 220 55.36 57.77 31.81
C SER G 220 55.37 56.73 32.91
N MET G 221 55.14 57.18 34.14
CA MET G 221 54.89 56.38 35.33
C MET G 221 53.97 57.22 36.20
N PRO G 222 53.20 56.61 37.08
CA PRO G 222 52.26 57.40 37.87
C PRO G 222 52.98 58.40 38.74
N VAL G 223 52.58 59.67 38.65
CA VAL G 223 53.06 60.73 39.53
C VAL G 223 51.86 61.49 40.08
N GLU G 224 51.63 61.36 41.39
CA GLU G 224 50.53 62.04 42.05
C GLU G 224 51.05 62.96 43.13
N THR G 225 50.13 63.74 43.69
CA THR G 225 50.50 64.87 44.54
C THR G 225 49.50 65.00 45.69
N LEU G 226 50.02 65.12 46.90
CA LEU G 226 49.18 65.47 48.04
C LEU G 226 49.03 66.99 48.05
N GLU G 227 48.51 67.54 49.14
CA GLU G 227 48.66 68.97 49.37
C GLU G 227 50.10 69.23 49.79
N ASP G 228 50.40 70.46 50.15
CA ASP G 228 51.74 70.89 50.56
C ASP G 228 52.75 70.78 49.43
N GLY G 229 52.26 70.83 48.18
CA GLY G 229 53.12 70.97 47.01
C GLY G 229 54.26 69.98 46.88
N THR G 230 54.10 68.78 47.42
CA THR G 230 55.16 67.78 47.35
C THR G 230 54.71 66.62 46.49
N LYS G 231 55.70 65.92 45.95
CA LYS G 231 55.48 64.96 44.88
C LYS G 231 55.71 63.54 45.37
N VAL G 232 55.04 62.60 44.74
CA VAL G 232 55.16 61.20 45.05
C VAL G 232 55.49 60.45 43.78
N PHE G 233 56.43 59.52 43.85
CA PHE G 233 56.87 58.77 42.70
C PHE G 233 56.55 57.31 42.89
N THR G 234 56.52 56.56 41.79
CA THR G 234 56.22 55.14 41.86
C THR G 234 57.45 54.28 41.72
N SER G 235 57.99 54.17 40.50
CA SER G 235 59.18 53.37 40.29
C SER G 235 59.00 51.91 40.69
N TYR G 236 58.30 51.13 39.86
CA TYR G 236 58.18 49.70 40.09
C TYR G 236 59.55 49.05 40.17
N LEU G 237 59.61 47.95 40.93
CA LEU G 237 60.78 47.09 41.01
C LEU G 237 60.36 45.68 40.67
N PHE G 238 60.87 45.13 39.57
CA PHE G 238 60.54 43.73 39.38
C PHE G 238 61.78 42.86 39.25
N GLY G 239 62.44 42.88 38.11
CA GLY G 239 63.56 41.98 37.90
C GLY G 239 63.24 40.55 38.27
N ALA G 240 62.01 40.14 37.96
CA ALA G 240 61.60 38.77 38.24
C ALA G 240 62.46 37.79 37.44
N GLY G 241 62.54 37.99 36.14
CA GLY G 241 63.07 36.94 35.30
C GLY G 241 62.09 35.78 35.28
N ALA G 242 60.87 35.97 34.78
CA ALA G 242 60.50 37.09 33.91
C ALA G 242 59.00 37.17 33.68
N LEU G 243 58.62 38.02 32.73
CA LEU G 243 57.35 37.88 32.03
C LEU G 243 57.58 36.94 30.86
N GLY G 244 56.63 36.85 29.93
CA GLY G 244 56.86 36.06 28.73
C GLY G 244 55.97 36.49 27.59
N TYR G 245 56.42 36.24 26.37
CA TYR G 245 55.63 36.58 25.19
C TYR G 245 55.97 35.67 24.02
N ALA G 246 54.97 35.39 23.19
CA ALA G 246 55.19 34.68 21.93
C ALA G 246 54.21 35.19 20.90
N GLU G 247 54.51 34.92 19.63
CA GLU G 247 53.95 35.72 18.55
C GLU G 247 52.79 35.09 17.80
N GLY G 248 53.08 34.12 16.94
CA GLY G 248 52.12 33.71 15.93
C GLY G 248 52.01 34.77 14.86
N GLN G 249 51.21 34.47 13.84
CA GLN G 249 51.14 35.43 12.73
C GLN G 249 49.76 35.43 12.13
N PRO G 250 49.32 36.58 11.62
CA PRO G 250 48.12 36.62 10.78
C PRO G 250 48.48 36.17 9.37
N GLU G 251 47.59 36.38 8.42
CA GLU G 251 47.95 36.26 7.01
C GLU G 251 48.14 37.66 6.42
N VAL G 252 49.07 37.76 5.48
CA VAL G 252 49.46 39.03 4.86
C VAL G 252 50.03 39.98 5.91
N PRO G 253 51.23 39.75 6.43
CA PRO G 253 51.86 40.76 7.29
C PRO G 253 52.23 42.03 6.56
N THR G 254 52.29 41.99 5.23
CA THR G 254 52.70 43.14 4.44
C THR G 254 51.79 43.29 3.23
N GLU G 255 51.35 44.51 2.97
CA GLU G 255 50.34 44.77 1.98
C GLU G 255 50.61 46.12 1.35
N THR G 256 50.31 46.23 0.06
CA THR G 256 50.54 47.47 -0.67
C THR G 256 49.33 47.76 -1.54
N ALA G 257 48.80 48.97 -1.42
CA ALA G 257 47.67 49.39 -2.23
C ALA G 257 47.84 50.88 -2.53
N ARG G 258 47.07 51.35 -3.50
CA ARG G 258 47.16 52.74 -3.90
C ARG G 258 45.77 53.33 -4.08
N ASN G 259 45.75 54.64 -4.23
CA ASN G 259 44.54 55.40 -4.44
C ASN G 259 44.57 55.95 -5.88
N ALA G 260 43.38 56.20 -6.43
CA ALA G 260 43.29 56.51 -7.84
C ALA G 260 43.10 58.00 -8.08
N LEU G 261 41.90 58.50 -7.80
CA LEU G 261 41.61 59.90 -8.03
C LEU G 261 42.59 60.79 -7.27
N GLY G 262 42.65 60.61 -5.96
CA GLY G 262 43.75 61.19 -5.21
C GLY G 262 45.04 60.49 -5.58
N SER G 263 46.16 61.12 -5.24
CA SER G 263 47.48 60.60 -5.54
C SER G 263 48.17 60.24 -4.23
N GLN G 264 48.27 58.93 -3.95
CA GLN G 264 48.83 58.43 -2.70
C GLN G 264 49.28 57.00 -2.91
N ASP G 265 50.02 56.50 -1.92
CA ASP G 265 50.13 55.07 -1.70
C ASP G 265 50.43 54.82 -0.23
N ILE G 266 50.15 53.60 0.22
CA ILE G 266 50.01 53.31 1.64
C ILE G 266 50.69 51.99 1.99
N LEU G 267 51.17 51.89 3.24
CA LEU G 267 51.70 50.66 3.81
C LEU G 267 50.98 50.34 5.10
N ILE G 268 51.06 49.07 5.51
CA ILE G 268 50.46 48.59 6.76
C ILE G 268 51.31 47.44 7.30
N ASN G 269 51.17 47.14 8.59
CA ASN G 269 51.96 46.09 9.23
C ASN G 269 51.12 45.01 9.92
N ARG G 270 50.33 45.36 10.94
CA ARG G 270 49.40 44.45 11.59
C ARG G 270 50.00 43.12 12.03
N LYS G 271 50.77 43.09 13.12
CA LYS G 271 51.15 41.81 13.71
C LYS G 271 50.60 41.69 15.12
N HIS G 272 50.48 40.44 15.57
CA HIS G 272 49.85 40.11 16.84
C HIS G 272 50.89 39.53 17.82
N PHE G 273 50.61 39.64 19.11
CA PHE G 273 51.45 39.03 20.13
C PHE G 273 50.68 38.83 21.43
N VAL G 274 51.27 38.04 22.33
CA VAL G 274 50.70 37.72 23.64
C VAL G 274 51.73 38.02 24.72
N LEU G 275 51.44 39.00 25.58
CA LEU G 275 52.35 39.37 26.65
C LEU G 275 51.56 39.87 27.86
N HIS G 276 51.98 39.46 29.07
CA HIS G 276 51.27 39.80 30.31
C HIS G 276 52.01 39.22 31.51
N PRO G 277 51.71 39.65 32.74
CA PRO G 277 52.33 39.03 33.91
C PRO G 277 51.75 37.64 34.13
N ARG G 278 52.56 36.75 34.70
CA ARG G 278 51.97 35.55 35.28
C ARG G 278 52.46 35.26 36.68
N GLY G 279 51.62 35.51 37.67
CA GLY G 279 50.57 36.48 37.50
C GLY G 279 49.12 36.07 37.35
N VAL G 280 48.33 37.07 37.00
CA VAL G 280 46.89 37.10 37.23
C VAL G 280 46.15 36.58 36.00
N LYS G 281 45.07 35.85 36.24
CA LYS G 281 44.11 35.50 35.21
C LYS G 281 43.39 36.75 34.72
N PHE G 282 42.82 36.66 33.52
CA PHE G 282 42.14 37.77 32.88
C PHE G 282 40.70 37.39 32.60
N THR G 283 39.76 38.14 33.17
CA THR G 283 38.35 37.82 33.11
C THR G 283 37.58 38.96 32.47
N GLU G 284 36.37 38.67 32.03
CA GLU G 284 35.52 39.67 31.41
C GLU G 284 34.49 40.12 32.44
N ASN G 285 34.67 41.31 32.98
CA ASN G 285 33.72 41.92 33.91
C ASN G 285 33.65 43.41 33.59
N ALA G 286 32.44 43.92 33.35
CA ALA G 286 32.22 45.35 33.15
C ALA G 286 33.26 45.96 32.23
N MET G 287 33.68 45.20 31.22
CA MET G 287 34.80 45.57 30.37
C MET G 287 34.41 45.33 28.92
N ALA G 288 34.51 46.38 28.11
CA ALA G 288 34.01 46.31 26.75
C ALA G 288 34.92 45.43 25.90
N GLY G 289 34.61 45.35 24.62
CA GLY G 289 35.34 44.50 23.71
C GLY G 289 34.48 44.04 22.57
N THR G 290 34.80 42.88 21.99
CA THR G 290 35.91 42.03 22.43
C THR G 290 36.21 41.14 21.22
N THR G 291 37.42 40.58 21.12
CA THR G 291 38.59 40.94 21.89
C THR G 291 39.38 41.76 20.87
N PRO G 292 40.55 42.31 21.23
CA PRO G 292 41.35 42.58 22.40
C PRO G 292 40.71 43.73 23.11
N THR G 293 41.41 44.36 24.03
CA THR G 293 40.74 45.41 24.77
C THR G 293 41.05 46.83 24.34
N ASP G 294 42.16 47.39 24.81
CA ASP G 294 42.34 48.84 24.98
C ASP G 294 43.62 49.21 25.67
N GLU G 295 43.81 50.50 25.90
CA GLU G 295 44.69 51.00 26.95
C GLU G 295 43.89 51.28 28.22
N GLU G 296 42.94 52.21 28.13
CA GLU G 296 42.03 52.53 29.23
C GLU G 296 41.47 51.28 29.90
N LEU G 297 40.72 50.47 29.14
CA LEU G 297 40.12 49.28 29.72
C LEU G 297 41.17 48.33 30.24
N ALA G 298 42.33 48.24 29.59
CA ALA G 298 43.42 47.47 30.16
C ALA G 298 43.88 48.05 31.49
N ASN G 299 43.51 49.29 31.79
CA ASN G 299 43.70 49.83 33.14
C ASN G 299 42.58 49.43 34.09
N GLY G 300 41.34 49.77 33.75
CA GLY G 300 40.34 50.05 34.76
C GLY G 300 40.15 49.08 35.92
N ALA G 301 39.88 47.81 35.68
CA ALA G 301 39.57 46.94 36.80
C ALA G 301 39.56 45.50 36.32
N ASN G 302 39.10 44.61 37.19
CA ASN G 302 38.89 43.21 36.84
C ASN G 302 40.20 42.51 36.47
N TRP G 303 41.03 42.34 37.50
CA TRP G 303 42.09 41.33 37.50
C TRP G 303 42.10 40.58 38.82
N GLN G 304 41.82 39.29 38.74
CA GLN G 304 41.82 38.45 39.93
C GLN G 304 42.63 37.19 39.63
N ARG G 305 43.25 36.65 40.66
CA ARG G 305 44.50 35.93 40.56
C ARG G 305 44.56 34.81 41.60
N VAL G 306 45.36 33.78 41.32
CA VAL G 306 45.60 32.74 42.31
C VAL G 306 47.07 32.31 42.30
N TYR G 307 47.77 32.53 43.42
CA TYR G 307 48.96 31.75 43.76
C TYR G 307 49.04 31.32 45.23
N ASP G 308 48.96 32.20 46.23
CA ASP G 308 49.12 33.66 46.18
C ASP G 308 50.52 34.28 46.19
N PRO G 309 51.27 34.07 47.27
CA PRO G 309 52.29 35.08 47.62
C PRO G 309 53.47 35.12 46.69
N LYS G 310 53.91 33.97 46.22
CA LYS G 310 55.23 33.86 45.65
C LYS G 310 55.13 33.84 44.14
N LYS G 311 56.30 33.68 43.51
CA LYS G 311 56.47 33.58 42.08
C LYS G 311 55.58 34.57 41.34
N ILE G 312 55.47 35.79 41.86
CA ILE G 312 54.60 36.73 41.20
C ILE G 312 55.22 37.26 39.89
N ARG G 313 56.36 37.98 39.86
CA ARG G 313 57.12 38.53 40.97
C ARG G 313 57.34 39.99 40.64
N ILE G 314 56.64 40.89 41.34
CA ILE G 314 56.78 42.32 41.12
C ILE G 314 56.40 43.02 42.42
N VAL G 315 57.06 44.14 42.68
CA VAL G 315 56.80 44.92 43.90
C VAL G 315 56.89 46.39 43.55
N GLN G 316 55.98 47.18 44.11
CA GLN G 316 55.99 48.62 43.91
C GLN G 316 56.16 49.31 45.25
N PHE G 317 56.91 50.40 45.26
CA PHE G 317 56.90 51.24 46.45
C PHE G 317 56.91 52.71 46.06
N LYS G 318 56.00 53.46 46.65
CA LYS G 318 55.86 54.89 46.42
C LYS G 318 56.63 55.65 47.49
N HIS G 319 57.39 56.66 47.08
CA HIS G 319 58.22 57.34 48.07
C HIS G 319 58.53 58.76 47.62
N ARG G 320 58.95 59.56 48.58
CA ARG G 320 59.35 60.93 48.29
C ARG G 320 60.73 60.96 47.65
N LEU G 321 60.91 61.90 46.72
CA LEU G 321 62.21 62.17 46.16
C LEU G 321 63.10 62.79 47.22
N GLN G 322 64.41 62.72 46.99
CA GLN G 322 65.37 63.31 47.92
C GLN G 322 65.01 64.76 48.19
N ALA G 323 65.10 65.14 49.45
CA ALA G 323 64.84 66.51 49.85
C ALA G 323 65.85 66.95 50.88
#